data_6ZA2
#
_entry.id   6ZA2
#
_cell.length_a   171.700
_cell.length_b   171.700
_cell.length_c   440.400
_cell.angle_alpha   90.000
_cell.angle_beta   90.000
_cell.angle_gamma   120.000
#
_symmetry.space_group_name_H-M   'P 61 2 2'
#
loop_
_entity.id
_entity.type
_entity.pdbx_description
1 polymer 'Por secretion system protein porU'
2 non-polymer 'CALCIUM ION'
3 water water
#
_entity_poly.entity_id   1
_entity_poly.type   'polypeptide(L)'
_entity_poly.pdbx_seq_one_letter_code
;GSSHHHHHHSQDPNSSSARLQQRAMGKTADRSLMASGHWVKIRVDASGVYRLTDEQLRANGFSDPSKVGVFGYGGGVLPE
DLSRITTDDLPPVPVLRQGNALYFYAVGPVTWFYNPAKTTMEHTVNTYSTHGYYFLSDAAGAPLQMSQYTGGGASAEALI
DYYDELMLHEQELYSPKESGRDLYGESFSAVNTRTVKFPLRGNTRSSGELGTVFSYIAKARSAGGGREMSLSANGILIFS
DPFSMTSNEVSNSYLAGKKRRLYRSTPMNSLVNELRLDANYSMTGDAVNLDFIEVATQNDLRYDGAPMHIRRFSNLPVLG
GESCRFVISEVPESLVVLQANSSLTASLVPVKTVGDKTIEFVAPPKGQDRRTINTFYAVDLSQASAPEILGAVPNQNLHG
EEIPDLIIVSTQALLPEADRLATYRREKNGLKVLVVLQEQVFNEFSGGTPDATAYRLFAKMFYDRWKANAPVGETFPMQM
LLFGDGAHDNRKVSVAWQKPYLQQTEFLLTFQAVNSTNVNSYVTDDYFGLLDDQPASVNIGWRNYNMAVGRFPVRTPAEA
RIAVDKTIRYEEDRESGAWRIRACFAADNGDKHATETSRLIDTVKRYAPAIMPVRAFQDVYPHVIENGLHSIPGAKKKML
ETLQSGIILLNYAGHGGPAGWSDEHLLTLNDIHNFNYKHMPIWITATCDFANYDSQTTSAGEEVFLHEKSGTPIMFSTTR
VVYNTQNEKINGFMLRRMFEKAKDGRYRTMGEIIRSAKQGMLSTVFPDSINQLSFFLMGDPSVRMNLPTHKVQLTAINGQ
DPEGQYGTIMLKSLERVALKGKVTDEKGTFDETFSGKVFLTVFDGRKKMTALEEEGNDLSLVYYDYPNVMYAGIAEVKDG
LFETSFIVPKDVNYSEHEGRINLYAYNESTKAEAMGVDFSIRVQPGIPDEVTEDNTPPEIISCFLNDSTFRSGDEVNPTP
LFMAEVFDLNGINITGSGVGHDITLCIDGRADLTYNLNAYFTSSATDAGVGTILFMIPALAEGDHTARLTVWDIFNNAVH
HDFSFRVVDGIAPDVADVILFPNPVRESATFRIFHNRPGSDLNVVVEIYDFTGRLVNSLPVKTYSSSYGEPIEIKWDLTS
KYGVKIGNGFYLYRCVVNSPGGQTASMAKKMIVVAQ
;
_entity_poly.pdbx_strand_id   A,B
#
loop_
_chem_comp.id
_chem_comp.type
_chem_comp.name
_chem_comp.formula
CA non-polymer 'CALCIUM ION' 'Ca 2'
#
# COMPACT_ATOMS: atom_id res chain seq x y z
N GLN A 22 17.85 45.94 6.95
CA GLN A 22 17.56 46.13 5.53
C GLN A 22 16.17 45.58 5.13
N ARG A 23 15.51 44.78 6.02
CA ARG A 23 14.18 44.13 5.87
C ARG A 23 14.33 42.58 5.70
N ALA A 24 15.49 42.10 5.21
CA ALA A 24 15.76 40.67 5.02
C ALA A 24 17.28 40.38 4.86
N MET A 25 17.65 39.08 4.77
CA MET A 25 19.03 38.61 4.51
C MET A 25 19.08 38.27 2.98
N GLY A 26 20.23 38.53 2.33
CA GLY A 26 20.40 38.27 0.90
C GLY A 26 21.82 38.01 0.45
N LYS A 27 22.58 37.32 1.29
CA LYS A 27 23.97 36.99 1.00
C LYS A 27 24.06 35.52 0.61
N THR A 28 23.12 35.00 -0.20
CA THR A 28 23.25 33.59 -0.58
C THR A 28 24.52 33.52 -1.43
N ALA A 29 25.47 32.68 -1.04
CA ALA A 29 26.74 32.51 -1.73
C ALA A 29 26.52 31.99 -3.14
N ASP A 30 27.36 32.42 -4.09
CA ASP A 30 27.24 31.93 -5.47
C ASP A 30 27.85 30.53 -5.59
N ARG A 31 28.67 30.11 -4.62
CA ARG A 31 29.29 28.80 -4.62
C ARG A 31 29.50 28.38 -3.16
N SER A 32 29.18 27.13 -2.82
CA SER A 32 29.35 26.62 -1.47
C SER A 32 30.79 26.37 -1.16
N LEU A 33 31.10 26.36 0.13
CA LEU A 33 32.44 26.06 0.63
C LEU A 33 32.74 24.60 0.39
N MET A 34 31.67 23.77 0.42
CA MET A 34 31.73 22.34 0.21
C MET A 34 32.08 21.95 -1.19
N ALA A 35 32.07 22.88 -2.14
CA ALA A 35 32.40 22.60 -3.54
C ALA A 35 33.84 22.03 -3.70
N SER A 36 34.75 22.30 -2.76
CA SER A 36 36.12 21.77 -2.83
C SER A 36 36.70 21.56 -1.43
N GLY A 37 37.83 20.88 -1.36
CA GLY A 37 38.48 20.56 -0.09
C GLY A 37 37.91 19.27 0.48
N HIS A 38 38.53 18.77 1.56
CA HIS A 38 38.10 17.52 2.21
C HIS A 38 37.05 17.83 3.29
N TRP A 39 35.92 17.09 3.29
CA TRP A 39 34.86 17.34 4.28
C TRP A 39 34.55 16.06 5.06
N VAL A 40 34.52 16.15 6.41
CA VAL A 40 34.26 15.02 7.29
C VAL A 40 33.17 15.41 8.27
N LYS A 41 32.05 14.66 8.28
CA LYS A 41 30.90 14.92 9.15
C LYS A 41 31.15 14.34 10.53
N ILE A 42 30.90 15.12 11.55
CA ILE A 42 31.04 14.68 12.92
C ILE A 42 29.75 15.05 13.62
N ARG A 43 29.52 14.49 14.81
CA ARG A 43 28.33 14.87 15.60
C ARG A 43 28.53 14.68 17.10
N VAL A 44 27.64 15.28 17.90
CA VAL A 44 27.64 15.22 19.35
C VAL A 44 26.22 14.91 19.83
N ASP A 45 26.11 14.43 21.06
CA ASP A 45 24.82 14.15 21.70
C ASP A 45 24.68 14.99 22.98
N ALA A 46 25.61 15.92 23.21
CA ALA A 46 25.61 16.71 24.42
C ALA A 46 26.39 17.96 24.23
N SER A 47 25.88 19.09 24.70
CA SER A 47 26.63 20.33 24.53
C SER A 47 27.83 20.26 25.42
N GLY A 48 28.97 20.70 24.92
CA GLY A 48 30.22 20.72 25.67
C GLY A 48 31.40 20.96 24.76
N VAL A 49 32.64 20.91 25.29
CA VAL A 49 33.82 21.11 24.44
C VAL A 49 34.32 19.75 23.99
N TYR A 50 34.55 19.62 22.67
CA TYR A 50 35.10 18.40 22.09
C TYR A 50 36.39 18.74 21.46
N ARG A 51 37.25 17.73 21.28
CA ARG A 51 38.62 17.90 20.81
C ARG A 51 39.00 16.98 19.69
N LEU A 52 39.74 17.51 18.70
CA LEU A 52 40.31 16.70 17.63
C LEU A 52 41.82 16.83 17.58
N THR A 53 42.54 15.71 17.78
CA THR A 53 44.00 15.70 17.74
C THR A 53 44.46 15.72 16.29
N ASP A 54 45.68 16.19 16.06
CA ASP A 54 46.27 16.21 14.72
C ASP A 54 46.32 14.80 14.17
N GLU A 55 46.65 13.81 15.03
CA GLU A 55 46.67 12.39 14.64
C GLU A 55 45.30 11.97 14.14
N GLN A 56 44.24 12.30 14.89
CA GLN A 56 42.88 11.98 14.46
C GLN A 56 42.58 12.64 13.11
N LEU A 57 42.98 13.91 12.93
CA LEU A 57 42.74 14.62 11.67
C LEU A 57 43.50 13.97 10.53
N ARG A 58 44.80 13.69 10.72
CA ARG A 58 45.61 13.01 9.69
C ARG A 58 44.92 11.70 9.32
N ALA A 59 44.46 10.94 10.34
CA ALA A 59 43.78 9.66 10.19
C ALA A 59 42.46 9.75 9.45
N ASN A 60 41.87 10.95 9.33
CA ASN A 60 40.62 11.15 8.62
C ASN A 60 40.82 11.90 7.29
N GLY A 61 42.02 11.81 6.73
CA GLY A 61 42.29 12.39 5.43
C GLY A 61 42.82 13.81 5.38
N PHE A 62 43.01 14.48 6.53
CA PHE A 62 43.56 15.83 6.51
C PHE A 62 45.08 15.81 6.47
N SER A 63 45.63 15.81 5.22
CA SER A 63 47.06 15.81 4.91
C SER A 63 47.85 16.81 5.78
N ASP A 64 47.36 18.07 5.91
CA ASP A 64 47.93 19.12 6.76
C ASP A 64 46.89 19.56 7.79
N PRO A 65 46.97 19.06 9.05
CA PRO A 65 45.97 19.42 10.06
C PRO A 65 45.89 20.91 10.43
N SER A 66 46.95 21.69 10.18
CA SER A 66 46.94 23.13 10.48
C SER A 66 45.83 23.87 9.73
N LYS A 67 45.49 23.40 8.50
CA LYS A 67 44.47 24.03 7.64
C LYS A 67 43.00 23.62 7.98
N VAL A 68 42.80 22.65 8.90
CA VAL A 68 41.46 22.15 9.24
C VAL A 68 40.74 23.09 10.21
N GLY A 69 39.45 23.27 9.99
CA GLY A 69 38.58 24.08 10.85
C GLY A 69 37.24 23.41 11.09
N VAL A 70 36.46 23.89 12.08
CA VAL A 70 35.15 23.28 12.38
C VAL A 70 34.05 24.11 11.72
N PHE A 71 32.98 23.47 11.26
CA PHE A 71 31.88 24.19 10.63
C PHE A 71 30.53 23.67 11.06
N GLY A 72 29.53 24.55 11.10
CA GLY A 72 28.16 24.17 11.40
C GLY A 72 27.50 24.90 12.56
N TYR A 73 26.25 24.46 12.89
CA TYR A 73 25.47 25.07 13.97
C TYR A 73 25.31 24.15 15.21
N GLY A 74 25.09 22.85 15.01
CA GLY A 74 24.89 21.91 16.11
C GLY A 74 23.43 21.54 16.24
N GLY A 75 23.06 20.96 17.39
CA GLY A 75 21.67 20.62 17.70
C GLY A 75 20.99 21.94 18.01
N GLY A 76 19.81 21.92 18.60
CA GLY A 76 19.11 23.20 18.81
C GLY A 76 18.58 23.67 17.46
N VAL A 77 17.27 23.92 17.38
CA VAL A 77 16.66 24.15 16.08
C VAL A 77 16.94 25.55 15.53
N LEU A 78 16.79 25.66 14.21
CA LEU A 78 16.91 26.92 13.50
C LEU A 78 15.68 27.71 13.79
N PRO A 79 15.74 29.04 13.86
CA PRO A 79 14.50 29.79 14.07
C PRO A 79 13.51 29.69 12.90
N GLU A 80 12.21 29.62 13.19
CA GLU A 80 11.20 29.62 12.13
C GLU A 80 11.07 31.09 11.63
N ASP A 81 11.65 32.10 12.39
CA ASP A 81 11.70 33.51 11.96
C ASP A 81 12.96 33.70 11.15
N LEU A 82 12.85 33.54 9.84
CA LEU A 82 13.98 33.56 8.92
C LEU A 82 14.88 34.77 9.09
N SER A 83 14.29 35.93 9.44
CA SER A 83 15.04 37.16 9.67
C SER A 83 16.10 36.98 10.75
N ARG A 84 15.84 36.09 11.72
CA ARG A 84 16.80 35.81 12.78
C ARG A 84 18.01 35.03 12.24
N ILE A 85 17.87 34.21 11.17
CA ILE A 85 19.02 33.50 10.57
C ILE A 85 19.91 34.51 9.86
N THR A 86 21.09 34.79 10.43
CA THR A 86 22.03 35.77 9.85
C THR A 86 23.10 35.09 8.98
N THR A 87 23.45 33.84 9.31
CA THR A 87 24.45 33.04 8.61
C THR A 87 23.94 32.46 7.31
N ASP A 88 24.88 31.99 6.46
CA ASP A 88 24.59 31.35 5.17
C ASP A 88 25.70 30.35 4.80
N ASP A 89 25.32 29.28 4.07
CA ASP A 89 26.22 28.24 3.62
C ASP A 89 26.83 27.55 4.86
N LEU A 90 28.19 27.37 4.97
CA LEU A 90 28.77 26.64 6.09
C LEU A 90 29.43 27.61 7.02
N PRO A 91 28.81 27.87 8.19
CA PRO A 91 29.35 28.89 9.07
C PRO A 91 30.58 28.40 9.81
N PRO A 92 31.68 29.17 9.79
CA PRO A 92 32.89 28.74 10.50
C PRO A 92 32.71 28.91 12.00
N VAL A 93 33.07 27.84 12.73
CA VAL A 93 32.98 27.76 14.17
C VAL A 93 34.33 28.19 14.79
N PRO A 94 34.32 29.15 15.77
CA PRO A 94 35.58 29.52 16.42
C PRO A 94 36.15 28.35 17.22
N VAL A 95 37.46 28.17 17.11
CA VAL A 95 38.21 27.05 17.64
C VAL A 95 39.46 27.48 18.41
N LEU A 96 39.70 26.85 19.58
CA LEU A 96 40.93 26.97 20.36
C LEU A 96 41.86 25.93 19.88
N ARG A 97 43.13 26.25 19.70
CA ARG A 97 44.09 25.27 19.25
C ARG A 97 45.26 25.21 20.23
N GLN A 98 45.56 24.01 20.75
CA GLN A 98 46.66 23.77 21.71
C GLN A 98 47.87 23.39 20.86
N GLY A 99 48.53 22.27 21.16
CA GLY A 99 49.71 21.89 20.40
C GLY A 99 49.24 21.07 19.24
N ASN A 100 49.14 19.76 19.48
CA ASN A 100 48.71 18.84 18.44
C ASN A 100 47.20 18.52 18.58
N ALA A 101 46.34 19.54 18.89
CA ALA A 101 44.87 19.33 18.93
C ALA A 101 44.10 20.63 18.91
N LEU A 102 42.84 20.55 18.44
CA LEU A 102 41.94 21.70 18.35
C LEU A 102 40.68 21.41 19.14
N TYR A 103 40.12 22.44 19.76
CA TYR A 103 38.93 22.34 20.58
C TYR A 103 37.86 23.28 20.11
N PHE A 104 36.61 22.90 20.29
CA PHE A 104 35.49 23.75 19.93
C PHE A 104 34.30 23.40 20.83
N TYR A 105 33.42 24.38 21.06
CA TYR A 105 32.25 24.14 21.89
C TYR A 105 31.12 23.64 21.01
N ALA A 106 30.68 22.38 21.19
CA ALA A 106 29.56 21.79 20.44
C ALA A 106 28.26 21.98 21.20
N VAL A 107 27.13 21.95 20.49
CA VAL A 107 25.77 22.13 21.02
C VAL A 107 24.90 20.90 20.73
N GLY A 108 24.40 20.27 21.79
CA GLY A 108 23.55 19.07 21.70
C GLY A 108 22.10 19.36 21.36
N PRO A 109 21.27 18.31 21.34
CA PRO A 109 19.85 18.50 20.97
C PRO A 109 19.02 19.24 22.04
N VAL A 110 19.37 19.07 23.33
CA VAL A 110 18.70 19.80 24.39
C VAL A 110 19.43 21.10 24.55
N THR A 111 18.67 22.20 24.59
CA THR A 111 19.13 23.59 24.76
C THR A 111 18.18 24.28 25.69
N TRP A 112 18.61 25.35 26.37
CA TRP A 112 17.74 26.02 27.35
C TRP A 112 17.60 27.50 27.07
N PHE A 113 16.42 28.05 27.40
CA PHE A 113 16.05 29.45 27.20
C PHE A 113 15.44 30.04 28.46
N TYR A 114 15.43 31.37 28.58
CA TYR A 114 14.93 31.99 29.80
C TYR A 114 13.50 32.44 29.64
N ASN A 115 12.67 32.10 30.64
CA ASN A 115 11.24 32.44 30.71
C ASN A 115 11.06 33.51 31.80
N PRO A 116 11.01 34.79 31.44
CA PRO A 116 10.95 35.82 32.48
C PRO A 116 9.70 35.78 33.33
N ALA A 117 8.58 35.21 32.81
CA ALA A 117 7.37 35.13 33.61
C ALA A 117 7.59 34.25 34.81
N LYS A 118 7.98 32.98 34.57
CA LYS A 118 8.25 32.00 35.64
C LYS A 118 9.68 32.16 36.25
N THR A 119 10.39 33.24 35.84
CA THR A 119 11.69 33.71 36.33
C THR A 119 12.65 32.51 36.55
N THR A 120 12.76 31.73 35.50
CA THR A 120 13.52 30.48 35.43
C THR A 120 13.86 30.11 33.99
N MET A 121 14.69 29.09 33.87
CA MET A 121 15.09 28.61 32.58
C MET A 121 14.43 27.30 32.28
N GLU A 122 14.06 27.13 31.00
CA GLU A 122 13.36 25.97 30.50
C GLU A 122 14.08 25.39 29.33
N HIS A 123 13.98 24.08 29.16
CA HIS A 123 14.70 23.36 28.13
C HIS A 123 13.90 23.27 26.86
N THR A 124 14.56 22.80 25.74
CA THR A 124 13.89 22.54 24.44
C THR A 124 14.62 21.46 23.66
N VAL A 125 13.91 20.36 23.33
CA VAL A 125 14.45 19.22 22.56
C VAL A 125 14.29 19.45 21.07
N ASN A 126 15.39 19.25 20.33
CA ASN A 126 15.34 19.36 18.87
C ASN A 126 14.42 18.26 18.38
N THR A 127 13.30 18.64 17.76
CA THR A 127 12.32 17.69 17.27
C THR A 127 12.82 16.90 16.07
N TYR A 128 13.74 17.47 15.29
CA TYR A 128 14.19 16.85 14.06
C TYR A 128 15.44 16.01 14.26
N SER A 129 16.25 16.26 15.29
CA SER A 129 17.50 15.58 15.46
C SER A 129 17.79 15.12 16.90
N THR A 130 18.57 14.02 16.96
CA THR A 130 19.05 13.40 18.18
C THR A 130 20.43 13.83 18.48
N HIS A 131 21.06 14.59 17.57
CA HIS A 131 22.45 15.01 17.65
C HIS A 131 22.71 16.35 17.02
N GLY A 132 23.79 16.98 17.41
CA GLY A 132 24.27 18.18 16.76
C GLY A 132 25.35 17.84 15.74
N TYR A 133 25.07 18.02 14.46
CA TYR A 133 26.03 17.72 13.42
C TYR A 133 26.92 18.93 13.12
N TYR A 134 28.23 18.66 12.86
CA TYR A 134 29.25 19.64 12.46
C TYR A 134 30.09 19.06 11.32
N PHE A 135 31.03 19.85 10.82
CA PHE A 135 31.93 19.43 9.75
C PHE A 135 33.36 19.84 10.03
N LEU A 136 34.32 19.01 9.59
CA LEU A 136 35.74 19.30 9.65
C LEU A 136 36.25 19.51 8.24
N SER A 137 36.96 20.62 7.95
CA SER A 137 37.47 20.81 6.59
C SER A 137 38.68 21.74 6.46
N ASP A 138 39.56 21.32 5.54
CA ASP A 138 40.76 22.05 5.18
C ASP A 138 40.42 23.16 4.18
N ALA A 139 39.27 23.02 3.44
CA ALA A 139 38.76 24.00 2.46
C ALA A 139 39.02 25.43 2.90
N ALA A 140 38.76 25.68 4.18
CA ALA A 140 39.00 26.94 4.88
C ALA A 140 40.32 27.58 4.45
N GLY A 141 41.39 26.82 4.64
CA GLY A 141 42.77 27.26 4.50
C GLY A 141 43.36 27.31 5.90
N ALA A 142 42.57 27.73 6.89
CA ALA A 142 42.96 27.78 8.29
C ALA A 142 41.75 27.81 9.19
N PRO A 143 41.84 27.36 10.45
CA PRO A 143 40.66 27.45 11.33
C PRO A 143 40.33 28.89 11.74
N LEU A 144 39.04 29.12 12.07
CA LEU A 144 38.60 30.40 12.63
C LEU A 144 39.11 30.43 14.05
N GLN A 145 40.14 31.24 14.36
CA GLN A 145 40.68 31.28 15.72
C GLN A 145 39.68 31.94 16.66
N MET A 146 39.40 31.30 17.81
CA MET A 146 38.45 31.82 18.80
C MET A 146 39.00 33.10 19.39
N SER A 147 38.14 34.06 19.67
CA SER A 147 38.55 35.34 20.19
C SER A 147 38.22 35.46 21.66
N GLN A 148 38.83 36.44 22.29
CA GLN A 148 38.60 36.81 23.67
C GLN A 148 37.17 37.36 23.82
N TYR A 149 36.52 37.11 24.97
CA TYR A 149 35.19 37.66 25.25
C TYR A 149 35.30 39.16 25.58
N THR A 150 34.54 40.03 24.92
CA THR A 150 34.61 41.48 25.11
C THR A 150 33.56 42.01 26.09
N GLY A 151 32.39 41.42 26.10
CA GLY A 151 31.27 41.82 26.96
C GLY A 151 31.52 41.93 28.45
N GLY A 152 32.62 41.33 28.94
CA GLY A 152 33.00 41.43 30.34
C GLY A 152 33.17 42.85 30.83
N GLY A 153 32.13 43.37 31.51
CA GLY A 153 32.10 44.74 32.02
C GLY A 153 33.28 45.12 32.89
N ALA A 154 33.61 46.42 32.92
CA ALA A 154 34.76 46.87 33.70
C ALA A 154 34.51 46.81 35.22
N SER A 155 33.28 47.19 35.66
CA SER A 155 32.89 47.20 37.08
C SER A 155 31.74 46.23 37.30
N ALA A 156 31.80 45.47 38.41
CA ALA A 156 30.77 44.50 38.79
C ALA A 156 29.83 45.08 39.82
N GLU A 157 28.52 45.02 39.56
CA GLU A 157 27.54 45.55 40.52
C GLU A 157 27.23 44.50 41.60
N ALA A 158 27.77 43.26 41.49
CA ALA A 158 27.55 42.24 42.52
C ALA A 158 28.61 41.15 42.47
N LEU A 159 29.00 40.60 43.64
CA LEU A 159 29.91 39.45 43.76
C LEU A 159 29.00 38.23 44.04
N ILE A 160 29.04 37.17 43.21
CA ILE A 160 28.15 36.00 43.29
C ILE A 160 28.79 34.81 44.01
N ASP A 161 28.07 34.08 44.93
CA ASP A 161 28.66 32.90 45.60
C ASP A 161 28.17 31.57 45.00
N TYR A 162 27.21 31.58 44.04
CA TYR A 162 26.73 30.33 43.45
C TYR A 162 26.07 30.52 42.10
N TYR A 163 25.91 29.43 41.35
CA TYR A 163 25.24 29.42 40.05
C TYR A 163 24.14 28.36 40.04
N ASP A 164 23.32 28.37 38.95
CA ASP A 164 22.18 27.48 38.76
C ASP A 164 22.49 26.28 37.89
N GLU A 165 22.59 25.09 38.51
CA GLU A 165 22.85 23.87 37.75
C GLU A 165 21.52 23.28 37.33
N LEU A 166 21.29 23.17 36.01
CA LEU A 166 20.06 22.60 35.45
C LEU A 166 20.26 21.13 35.08
N MET A 167 19.24 20.32 35.31
CA MET A 167 19.20 18.90 34.99
C MET A 167 17.83 18.62 34.42
N LEU A 168 17.68 17.51 33.66
CA LEU A 168 16.40 17.24 32.99
C LEU A 168 16.09 15.78 32.88
N HIS A 169 15.03 15.33 33.55
CA HIS A 169 14.55 13.98 33.33
C HIS A 169 13.51 14.01 32.22
N GLU A 170 13.69 13.30 31.10
CA GLU A 170 12.68 13.30 30.04
C GLU A 170 12.77 12.04 29.19
N GLN A 171 11.74 11.18 29.21
CA GLN A 171 11.72 9.97 28.39
C GLN A 171 10.76 10.18 27.22
N GLU A 172 11.27 10.19 25.99
CA GLU A 172 10.40 10.38 24.82
C GLU A 172 9.83 9.01 24.38
N LEU A 173 8.79 8.51 25.10
CA LEU A 173 8.23 7.18 24.87
C LEU A 173 7.05 7.13 23.95
N TYR A 174 6.04 7.97 24.23
CA TYR A 174 4.76 7.95 23.50
C TYR A 174 4.60 9.21 22.69
N SER A 175 3.98 9.07 21.51
CA SER A 175 3.78 10.16 20.58
C SER A 175 2.34 10.23 20.15
N PRO A 176 1.47 10.85 20.95
CA PRO A 176 0.11 11.06 20.50
C PRO A 176 0.18 12.06 19.33
N LYS A 177 -0.30 11.63 18.13
CA LYS A 177 -0.21 12.41 16.89
C LYS A 177 -0.91 13.79 17.05
N GLU A 178 -2.13 13.76 17.64
CA GLU A 178 -3.01 14.93 17.83
C GLU A 178 -2.41 16.03 18.75
N SER A 179 -2.02 15.65 19.99
CA SER A 179 -1.53 16.54 21.06
C SER A 179 -0.66 17.70 20.57
N GLY A 180 0.58 17.39 20.16
CA GLY A 180 1.50 18.41 19.71
C GLY A 180 2.70 17.87 18.99
N ARG A 181 3.79 18.64 19.08
CA ARG A 181 5.13 18.35 18.58
C ARG A 181 5.88 17.49 19.57
N ASP A 182 5.37 17.46 20.84
CA ASP A 182 5.94 16.78 22.00
C ASP A 182 5.66 15.29 22.09
N LEU A 183 6.60 14.57 22.71
CA LEU A 183 6.42 13.15 23.05
C LEU A 183 6.25 13.11 24.52
N TYR A 184 5.62 12.06 25.03
CA TYR A 184 5.38 11.90 26.46
C TYR A 184 6.08 10.68 26.97
N GLY A 185 6.31 10.68 28.28
CA GLY A 185 7.02 9.61 28.96
C GLY A 185 6.15 8.66 29.75
N GLU A 186 6.69 8.25 30.89
CA GLU A 186 6.16 7.23 31.80
C GLU A 186 4.67 7.31 32.10
N SER A 187 3.94 6.17 32.03
CA SER A 187 2.51 6.17 32.35
C SER A 187 2.21 5.83 33.79
N PHE A 188 1.12 6.40 34.29
CA PHE A 188 0.60 6.12 35.62
C PHE A 188 -0.71 5.30 35.52
N SER A 189 -0.92 4.61 34.38
CA SER A 189 -2.14 3.82 34.15
C SER A 189 -2.19 2.64 35.09
N ALA A 190 -1.08 1.87 35.17
CA ALA A 190 -0.97 0.71 36.06
C ALA A 190 -0.23 1.07 37.33
N VAL A 191 0.98 1.62 37.19
CA VAL A 191 1.81 2.02 38.32
C VAL A 191 1.32 3.36 38.82
N ASN A 192 0.86 3.46 40.07
CA ASN A 192 0.36 4.75 40.56
C ASN A 192 1.51 5.65 41.10
N THR A 193 2.72 5.11 41.34
CA THR A 193 3.84 5.91 41.85
C THR A 193 5.14 5.60 41.12
N ARG A 194 5.76 6.62 40.52
CA ARG A 194 7.01 6.50 39.78
C ARG A 194 8.10 7.40 40.38
N THR A 195 9.26 6.80 40.67
CA THR A 195 10.36 7.52 41.32
C THR A 195 11.47 7.77 40.29
N VAL A 196 12.04 8.99 40.31
CA VAL A 196 13.11 9.46 39.42
C VAL A 196 14.27 9.98 40.26
N LYS A 197 15.48 9.42 40.09
CA LYS A 197 16.66 9.82 40.88
C LYS A 197 17.64 10.64 40.04
N PHE A 198 18.03 11.82 40.51
CA PHE A 198 19.00 12.69 39.83
C PHE A 198 20.34 12.63 40.58
N PRO A 199 21.49 12.42 39.92
CA PRO A 199 22.77 12.47 40.64
C PRO A 199 23.08 13.93 41.00
N LEU A 200 23.58 14.17 42.22
CA LEU A 200 23.74 15.54 42.67
C LEU A 200 25.14 16.14 42.55
N ARG A 201 26.16 15.46 42.07
CA ARG A 201 27.44 16.17 41.83
C ARG A 201 28.05 16.94 43.05
N GLY A 202 29.35 17.13 42.96
CA GLY A 202 30.14 17.68 44.03
C GLY A 202 29.84 19.08 44.49
N ASN A 203 29.84 20.04 43.55
CA ASN A 203 29.65 21.43 43.92
C ASN A 203 28.20 21.76 44.31
N THR A 204 27.24 20.80 44.24
CA THR A 204 25.88 21.07 44.73
C THR A 204 25.91 21.41 46.22
N ARG A 205 25.20 22.48 46.60
CA ARG A 205 25.14 22.88 48.00
C ARG A 205 24.23 22.00 48.80
N SER A 206 24.65 21.56 50.01
CA SER A 206 23.83 20.76 50.93
C SER A 206 22.40 21.27 51.04
N SER A 207 22.27 22.59 51.28
CA SER A 207 20.99 23.26 51.46
C SER A 207 20.84 24.44 50.50
N GLY A 208 19.63 24.61 49.98
CA GLY A 208 19.30 25.68 49.05
C GLY A 208 17.92 25.50 48.44
N GLU A 209 17.45 26.47 47.64
CA GLU A 209 16.16 26.38 46.99
C GLU A 209 16.23 25.38 45.80
N LEU A 210 15.30 24.42 45.76
CA LEU A 210 15.26 23.41 44.72
C LEU A 210 14.19 23.75 43.70
N GLY A 211 14.60 24.34 42.60
CA GLY A 211 13.68 24.70 41.53
C GLY A 211 13.29 23.48 40.73
N THR A 212 11.97 23.34 40.43
CA THR A 212 11.43 22.21 39.65
C THR A 212 10.29 22.62 38.73
N VAL A 213 10.39 22.25 37.44
CA VAL A 213 9.32 22.38 36.46
C VAL A 213 8.88 20.96 36.18
N PHE A 214 7.64 20.59 36.61
CA PHE A 214 7.06 19.24 36.48
C PHE A 214 5.95 19.31 35.44
N SER A 215 6.15 18.68 34.28
CA SER A 215 5.20 18.68 33.18
C SER A 215 4.60 17.28 32.98
N TYR A 216 3.26 17.17 32.96
CA TYR A 216 2.59 15.90 32.71
C TYR A 216 1.30 16.15 31.98
N ILE A 217 0.70 15.07 31.46
CA ILE A 217 -0.55 15.11 30.69
C ILE A 217 -1.51 14.11 31.36
N ALA A 218 -2.83 14.38 31.31
CA ALA A 218 -3.79 13.50 31.99
C ALA A 218 -5.20 13.52 31.39
N LYS A 219 -5.77 12.33 31.11
CA LYS A 219 -7.16 12.18 30.69
C LYS A 219 -7.81 11.21 31.66
N ALA A 220 -8.87 11.63 32.37
CA ALA A 220 -9.57 10.77 33.33
C ALA A 220 -10.43 9.72 32.61
N ARG A 221 -10.50 8.50 33.18
CA ARG A 221 -11.30 7.38 32.67
C ARG A 221 -12.75 7.53 33.13
N SER A 222 -12.98 8.15 34.30
CA SER A 222 -14.31 8.37 34.87
C SER A 222 -14.43 9.83 35.27
N ALA A 223 -15.66 10.32 35.41
CA ALA A 223 -15.89 11.71 35.77
C ALA A 223 -15.61 11.96 37.25
N GLY A 224 -15.41 13.23 37.60
CA GLY A 224 -15.15 13.67 38.96
C GLY A 224 -13.99 12.94 39.62
N GLY A 225 -14.22 12.44 40.83
CA GLY A 225 -13.24 11.65 41.58
C GLY A 225 -12.07 12.43 42.18
N GLY A 226 -11.57 11.92 43.30
CA GLY A 226 -10.42 12.50 43.99
C GLY A 226 -9.13 12.07 43.34
N ARG A 227 -8.77 12.77 42.26
CA ARG A 227 -7.56 12.49 41.49
C ARG A 227 -6.51 13.55 41.80
N GLU A 228 -5.25 13.15 42.11
CA GLU A 228 -4.19 14.12 42.41
C GLU A 228 -2.79 13.62 42.03
N MET A 229 -2.01 14.48 41.30
CA MET A 229 -0.61 14.26 40.92
C MET A 229 0.25 14.96 41.95
N SER A 230 1.06 14.22 42.73
CA SER A 230 1.84 14.78 43.83
C SER A 230 3.31 14.48 43.72
N LEU A 231 4.15 15.48 44.01
CA LEU A 231 5.59 15.34 43.94
C LEU A 231 6.25 15.62 45.29
N SER A 232 7.24 14.79 45.65
CA SER A 232 8.01 14.96 46.86
C SER A 232 9.48 14.62 46.58
N ALA A 233 10.36 15.51 46.97
CA ALA A 233 11.79 15.32 46.78
C ALA A 233 12.39 14.93 48.12
N ASN A 234 13.08 13.77 48.18
CA ASN A 234 13.70 13.22 49.39
C ASN A 234 12.70 13.24 50.54
N GLY A 235 11.45 12.89 50.27
CA GLY A 235 10.39 12.87 51.26
C GLY A 235 9.66 14.19 51.50
N ILE A 236 10.27 15.34 51.15
CA ILE A 236 9.62 16.64 51.35
C ILE A 236 8.65 16.86 50.19
N LEU A 237 7.35 17.11 50.50
CA LEU A 237 6.34 17.34 49.48
C LEU A 237 6.55 18.69 48.82
N ILE A 238 6.64 18.68 47.48
CA ILE A 238 6.81 19.89 46.69
C ILE A 238 5.42 20.42 46.39
N PHE A 239 4.51 19.56 45.88
CA PHE A 239 3.13 19.95 45.61
C PHE A 239 2.18 18.77 45.57
N SER A 240 0.89 19.09 45.47
CA SER A 240 -0.18 18.12 45.28
C SER A 240 -1.22 18.78 44.38
N ASP A 241 -1.27 18.39 43.10
CA ASP A 241 -2.14 19.03 42.11
C ASP A 241 -3.47 18.29 41.95
N PRO A 242 -4.62 18.95 42.19
CA PRO A 242 -5.91 18.27 41.98
C PRO A 242 -6.24 18.23 40.49
N PHE A 243 -6.75 17.10 40.00
CA PHE A 243 -7.14 16.91 38.61
C PHE A 243 -8.57 16.33 38.59
N SER A 244 -9.36 16.72 37.58
CA SER A 244 -10.75 16.25 37.42
C SER A 244 -11.22 16.47 35.97
N MET A 245 -12.29 15.76 35.55
CA MET A 245 -12.84 15.92 34.19
C MET A 245 -14.38 15.68 34.18
N THR A 246 -15.09 16.39 33.27
CA THR A 246 -16.55 16.27 33.11
C THR A 246 -16.90 15.01 32.37
N SER A 247 -18.12 14.50 32.58
CA SER A 247 -18.64 13.32 31.86
C SER A 247 -18.53 13.50 30.34
N ASN A 248 -18.74 14.75 29.86
CA ASN A 248 -18.64 15.08 28.44
C ASN A 248 -17.18 15.10 28.00
N GLU A 249 -16.25 15.59 28.87
CA GLU A 249 -14.81 15.60 28.58
C GLU A 249 -14.27 14.17 28.49
N VAL A 250 -14.74 13.27 29.38
CA VAL A 250 -14.32 11.86 29.38
C VAL A 250 -14.90 11.19 28.12
N SER A 251 -16.17 11.48 27.81
CA SER A 251 -16.89 10.94 26.65
C SER A 251 -16.32 11.38 25.30
N ASN A 252 -15.62 12.52 25.22
CA ASN A 252 -15.07 13.00 23.96
C ASN A 252 -13.86 12.17 23.52
N SER A 253 -13.69 12.01 22.21
CA SER A 253 -12.58 11.28 21.61
C SER A 253 -11.38 12.20 21.35
N TYR A 254 -11.62 13.41 20.80
CA TYR A 254 -10.54 14.36 20.48
C TYR A 254 -9.88 15.00 21.74
N LEU A 255 -10.57 15.06 22.91
CA LEU A 255 -10.03 15.69 24.13
C LEU A 255 -8.56 15.28 24.44
N ALA A 256 -8.24 14.00 24.21
CA ALA A 256 -6.94 13.34 24.32
C ALA A 256 -5.89 13.92 25.36
N GLY A 257 -6.34 14.27 26.57
CA GLY A 257 -5.46 14.69 27.67
C GLY A 257 -5.23 16.17 27.91
N LYS A 258 -5.21 16.55 29.21
CA LYS A 258 -5.00 17.92 29.71
C LYS A 258 -3.55 18.08 30.11
N LYS A 259 -2.78 18.89 29.36
CA LYS A 259 -1.35 19.14 29.66
C LYS A 259 -1.25 20.08 30.86
N ARG A 260 -0.40 19.78 31.85
CA ARG A 260 -0.21 20.60 33.07
C ARG A 260 1.25 20.80 33.37
N ARG A 261 1.69 22.06 33.62
CA ARG A 261 3.09 22.38 33.92
C ARG A 261 3.21 23.15 35.22
N LEU A 262 3.79 22.51 36.23
CA LEU A 262 3.88 23.10 37.56
C LEU A 262 5.30 23.56 37.89
N TYR A 263 5.46 24.88 38.09
CA TYR A 263 6.74 25.50 38.43
C TYR A 263 6.84 25.66 39.92
N ARG A 264 8.05 25.51 40.54
CA ARG A 264 8.17 25.80 41.97
C ARG A 264 9.57 25.54 42.61
N SER A 265 10.00 26.54 43.42
CA SER A 265 11.22 26.49 44.22
C SER A 265 10.86 26.04 45.64
N THR A 266 11.58 25.03 46.14
CA THR A 266 11.32 24.45 47.44
C THR A 266 12.58 24.48 48.27
N PRO A 267 12.60 25.18 49.42
CA PRO A 267 13.80 25.15 50.24
C PRO A 267 14.02 23.73 50.70
N MET A 268 15.20 23.18 50.43
CA MET A 268 15.56 21.81 50.77
C MET A 268 16.82 21.77 51.57
N ASN A 269 16.98 20.73 52.39
CA ASN A 269 18.17 20.47 53.18
C ASN A 269 18.76 19.17 52.71
N SER A 270 19.96 18.87 53.19
CA SER A 270 20.66 17.62 52.89
C SER A 270 20.35 17.03 51.47
N LEU A 271 20.69 17.77 50.43
CA LEU A 271 20.68 17.28 49.06
C LEU A 271 22.16 17.16 48.76
N VAL A 272 22.68 15.93 48.64
CA VAL A 272 24.13 15.82 48.49
C VAL A 272 24.61 14.79 47.45
N ASN A 273 24.15 13.53 47.47
CA ASN A 273 24.67 12.59 46.48
C ASN A 273 23.66 12.34 45.40
N GLU A 274 22.42 12.14 45.78
CA GLU A 274 21.35 11.84 44.85
C GLU A 274 20.08 12.54 45.28
N LEU A 275 19.27 12.97 44.33
CA LEU A 275 17.99 13.59 44.62
C LEU A 275 16.95 12.61 44.17
N ARG A 276 16.13 12.10 45.10
CA ARG A 276 15.07 11.14 44.80
C ARG A 276 13.75 11.89 44.67
N LEU A 277 13.18 11.96 43.46
CA LEU A 277 11.88 12.59 43.25
C LEU A 277 10.84 11.52 43.11
N ASP A 278 9.71 11.67 43.82
CA ASP A 278 8.65 10.66 43.84
C ASP A 278 7.35 11.25 43.36
N ALA A 279 6.99 10.95 42.11
CA ALA A 279 5.73 11.41 41.54
C ALA A 279 4.67 10.37 41.83
N ASN A 280 3.52 10.80 42.39
CA ASN A 280 2.43 9.89 42.69
C ASN A 280 1.12 10.38 42.13
N TYR A 281 0.45 9.53 41.34
CA TYR A 281 -0.88 9.80 40.86
C TYR A 281 -1.82 8.91 41.69
N SER A 282 -2.81 9.51 42.33
CA SER A 282 -3.69 8.81 43.25
C SER A 282 -4.69 7.79 42.66
N MET A 283 -4.91 7.77 41.34
CA MET A 283 -5.93 6.90 40.72
C MET A 283 -5.34 5.92 39.66
N THR A 284 -5.74 4.64 39.73
CA THR A 284 -5.32 3.64 38.75
C THR A 284 -6.32 3.61 37.58
N GLY A 285 -5.83 3.22 36.41
CA GLY A 285 -6.63 3.07 35.21
C GLY A 285 -6.78 4.27 34.29
N ASP A 286 -6.27 5.46 34.68
CA ASP A 286 -6.40 6.65 33.85
C ASP A 286 -5.26 6.79 32.86
N ALA A 287 -5.46 7.60 31.82
CA ALA A 287 -4.47 7.88 30.78
C ALA A 287 -3.65 9.06 31.23
N VAL A 288 -2.65 8.82 32.08
CA VAL A 288 -1.83 9.86 32.71
C VAL A 288 -0.39 9.55 32.52
N ASN A 289 0.36 10.48 31.93
CA ASN A 289 1.77 10.29 31.63
C ASN A 289 2.61 11.46 32.05
N LEU A 290 3.82 11.17 32.56
CA LEU A 290 4.78 12.23 32.87
C LEU A 290 5.43 12.66 31.55
N ASP A 291 5.59 13.99 31.30
CA ASP A 291 6.31 14.49 30.11
C ASP A 291 7.80 14.62 30.51
N PHE A 292 8.08 15.43 31.55
CA PHE A 292 9.47 15.63 32.04
C PHE A 292 9.53 16.28 33.39
N ILE A 293 10.72 16.26 34.00
CA ILE A 293 11.01 17.03 35.21
C ILE A 293 12.29 17.79 34.95
N GLU A 294 12.25 19.13 35.02
CA GLU A 294 13.45 19.95 34.99
C GLU A 294 13.82 20.22 36.45
N VAL A 295 15.10 20.05 36.84
CA VAL A 295 15.52 20.31 38.21
C VAL A 295 16.64 21.31 38.16
N ALA A 296 16.56 22.37 38.98
CA ALA A 296 17.60 23.39 39.06
C ALA A 296 18.07 23.54 40.49
N THR A 297 19.35 23.22 40.72
CA THR A 297 19.96 23.28 42.05
C THR A 297 20.86 24.48 42.16
N GLN A 298 21.16 24.90 43.41
CA GLN A 298 22.07 26.01 43.67
C GLN A 298 23.43 25.38 43.98
N ASN A 299 24.44 25.63 43.14
CA ASN A 299 25.77 25.01 43.31
C ASN A 299 26.85 26.07 43.50
N ASP A 300 27.91 25.72 44.24
CA ASP A 300 29.04 26.61 44.46
C ASP A 300 29.90 26.74 43.21
N LEU A 301 30.55 27.89 43.03
CA LEU A 301 31.46 28.09 41.89
C LEU A 301 32.81 27.44 42.22
N ARG A 302 32.86 26.11 42.12
CA ARG A 302 34.02 25.31 42.47
C ARG A 302 34.18 24.12 41.54
N TYR A 303 35.37 23.93 40.89
CA TYR A 303 35.58 22.77 40.00
C TYR A 303 35.45 21.49 40.79
N ASP A 304 34.52 20.62 40.36
CA ASP A 304 34.26 19.36 41.04
C ASP A 304 34.60 18.18 40.10
N GLY A 305 35.68 18.34 39.33
CA GLY A 305 36.17 17.31 38.43
C GLY A 305 35.32 17.01 37.23
N ALA A 306 34.37 17.90 36.90
CA ALA A 306 33.47 17.74 35.77
C ALA A 306 33.21 19.08 35.18
N PRO A 307 33.14 19.26 33.83
CA PRO A 307 32.82 20.59 33.27
C PRO A 307 31.51 21.13 33.80
N MET A 308 31.41 22.47 33.88
CA MET A 308 30.21 23.12 34.41
C MET A 308 29.71 24.22 33.47
N HIS A 309 28.40 24.14 33.09
CA HIS A 309 27.73 25.17 32.31
C HIS A 309 27.27 26.20 33.32
N ILE A 310 28.13 27.19 33.63
CA ILE A 310 27.77 28.22 34.62
C ILE A 310 26.76 29.19 34.04
N ARG A 311 25.53 29.17 34.58
CA ARG A 311 24.45 30.09 34.24
C ARG A 311 23.94 30.73 35.53
N ARG A 312 23.50 31.99 35.53
CA ARG A 312 22.94 32.50 36.78
C ARG A 312 21.70 33.32 36.50
N PHE A 313 20.53 32.86 37.01
CA PHE A 313 19.23 33.56 36.87
C PHE A 313 18.44 33.67 38.21
N SER A 314 18.56 32.66 39.10
CA SER A 314 17.82 32.66 40.36
C SER A 314 18.29 33.74 41.32
N ASN A 315 17.32 34.42 41.98
CA ASN A 315 17.59 35.46 42.99
C ASN A 315 18.66 36.42 42.48
N LEU A 316 18.54 36.90 41.21
CA LEU A 316 19.58 37.76 40.65
C LEU A 316 19.68 39.07 41.40
N PRO A 317 20.86 39.40 41.94
CA PRO A 317 21.02 40.68 42.62
C PRO A 317 21.33 41.85 41.66
N VAL A 318 21.32 41.63 40.33
CA VAL A 318 21.65 42.69 39.38
C VAL A 318 20.61 42.75 38.29
N LEU A 319 20.59 43.86 37.53
CA LEU A 319 19.67 44.08 36.41
C LEU A 319 20.27 43.54 35.11
N GLY A 320 19.44 43.48 34.06
CA GLY A 320 19.88 42.97 32.76
C GLY A 320 21.03 43.78 32.22
N GLY A 321 22.11 43.10 31.84
CA GLY A 321 23.29 43.76 31.28
C GLY A 321 24.35 44.24 32.26
N GLU A 322 24.04 44.27 33.57
CA GLU A 322 25.00 44.66 34.62
C GLU A 322 25.94 43.49 34.89
N SER A 323 27.25 43.78 35.08
CA SER A 323 28.28 42.77 35.28
C SER A 323 28.38 42.25 36.74
N CYS A 324 28.97 41.04 36.89
CA CYS A 324 29.21 40.37 38.17
C CYS A 324 30.56 39.73 38.22
N ARG A 325 31.21 39.74 39.38
CA ARG A 325 32.51 39.06 39.55
C ARG A 325 32.22 37.58 39.88
N PHE A 326 32.70 36.70 38.99
CA PHE A 326 32.62 35.26 39.15
C PHE A 326 33.94 34.74 39.66
N VAL A 327 33.97 33.89 40.71
CA VAL A 327 35.24 33.33 41.18
C VAL A 327 35.13 31.83 41.33
N ILE A 328 35.87 31.09 40.51
CA ILE A 328 35.86 29.64 40.56
C ILE A 328 37.09 29.15 41.27
N SER A 329 36.92 28.19 42.20
CA SER A 329 38.01 27.58 42.97
C SER A 329 38.24 26.15 42.52
N GLU A 330 39.34 25.55 42.99
CA GLU A 330 39.77 24.17 42.63
C GLU A 330 39.97 23.97 41.11
N VAL A 331 40.23 25.05 40.34
CA VAL A 331 40.40 24.92 38.90
C VAL A 331 41.81 24.32 38.60
N PRO A 332 41.90 23.42 37.61
CA PRO A 332 43.13 22.71 37.32
C PRO A 332 44.20 23.44 36.47
N GLU A 333 43.80 24.57 35.86
CA GLU A 333 44.62 25.45 35.01
C GLU A 333 45.11 24.76 33.70
N SER A 334 44.41 23.72 33.31
CA SER A 334 44.30 23.16 32.00
C SER A 334 42.84 23.43 31.64
N LEU A 335 42.22 24.42 32.36
CA LEU A 335 40.81 24.75 32.26
C LEU A 335 40.67 26.15 31.79
N VAL A 336 39.68 26.35 30.92
CA VAL A 336 39.33 27.64 30.35
C VAL A 336 37.88 27.90 30.67
N VAL A 337 37.46 29.15 30.52
CA VAL A 337 36.06 29.49 30.65
C VAL A 337 35.67 30.13 29.34
N LEU A 338 34.72 29.52 28.64
CA LEU A 338 34.21 30.06 27.37
C LEU A 338 32.87 30.66 27.66
N GLN A 339 32.52 31.78 27.04
CA GLN A 339 31.16 32.31 27.19
C GLN A 339 30.53 31.84 25.92
N ALA A 340 29.75 30.76 26.03
CA ALA A 340 29.24 30.03 24.89
C ALA A 340 27.74 29.84 24.93
N ASN A 341 27.02 30.86 24.42
CA ASN A 341 25.56 30.72 24.31
C ASN A 341 25.25 29.90 23.03
N SER A 342 26.21 29.83 22.09
CA SER A 342 26.07 29.07 20.86
C SER A 342 27.43 28.54 20.46
N SER A 343 27.48 27.78 19.37
CA SER A 343 28.79 27.33 18.90
C SER A 343 29.49 28.46 18.14
N LEU A 344 28.72 29.14 17.29
CA LEU A 344 29.24 30.21 16.45
C LEU A 344 29.63 31.45 17.24
N THR A 345 29.13 31.63 18.49
CA THR A 345 29.52 32.78 19.32
C THR A 345 30.44 32.39 20.52
N ALA A 346 31.10 31.23 20.49
CA ALA A 346 31.95 30.89 21.60
C ALA A 346 33.19 31.81 21.64
N SER A 347 33.47 32.38 22.82
CA SER A 347 34.61 33.28 23.04
C SER A 347 35.31 32.88 24.32
N LEU A 348 36.62 33.02 24.33
CA LEU A 348 37.41 32.67 25.49
C LEU A 348 37.34 33.80 26.52
N VAL A 349 36.87 33.50 27.72
CA VAL A 349 36.74 34.48 28.78
C VAL A 349 38.12 34.72 29.35
N PRO A 350 38.63 35.97 29.27
CA PRO A 350 39.94 36.25 29.86
C PRO A 350 39.76 36.30 31.37
N VAL A 351 40.38 35.36 32.09
CA VAL A 351 40.27 35.27 33.54
C VAL A 351 41.54 35.86 34.16
N LYS A 352 41.57 35.95 35.50
CA LYS A 352 42.74 36.38 36.26
C LYS A 352 42.88 35.43 37.42
N THR A 353 44.12 35.03 37.75
CA THR A 353 44.38 34.13 38.88
C THR A 353 44.39 34.95 40.15
N VAL A 354 43.68 34.50 41.17
CA VAL A 354 43.52 35.23 42.42
C VAL A 354 43.92 34.37 43.63
N GLY A 355 44.50 33.19 43.39
CA GLY A 355 44.88 32.28 44.46
C GLY A 355 45.10 30.87 43.95
N ASP A 356 45.52 29.99 44.86
CA ASP A 356 45.83 28.59 44.53
C ASP A 356 44.60 27.92 43.89
N LYS A 357 44.74 27.56 42.61
CA LYS A 357 43.67 26.95 41.84
C LYS A 357 42.39 27.83 41.89
N THR A 358 42.54 29.18 41.94
CA THR A 358 41.38 30.08 42.00
C THR A 358 41.51 31.17 40.95
N ILE A 359 40.47 31.29 40.08
CA ILE A 359 40.43 32.28 39.00
C ILE A 359 39.16 33.12 39.07
N GLU A 360 39.25 34.34 38.54
CA GLU A 360 38.18 35.32 38.56
C GLU A 360 37.96 35.95 37.22
N PHE A 361 36.69 36.24 36.90
CA PHE A 361 36.29 36.97 35.70
C PHE A 361 35.04 37.77 36.01
N VAL A 362 34.81 38.82 35.24
CA VAL A 362 33.67 39.69 35.45
C VAL A 362 32.81 39.68 34.17
N ALA A 363 31.48 39.47 34.31
CA ALA A 363 30.60 39.41 33.14
C ALA A 363 29.13 39.55 33.51
N PRO A 364 28.24 39.86 32.55
CA PRO A 364 26.82 39.96 32.89
C PRO A 364 26.14 38.58 32.91
N PRO A 365 25.53 38.15 34.03
CA PRO A 365 24.87 36.83 34.04
C PRO A 365 23.69 36.75 33.07
N LYS A 366 23.01 37.91 32.86
CA LYS A 366 21.82 38.11 32.02
C LYS A 366 22.10 39.29 31.06
N GLY A 367 21.63 39.17 29.82
CA GLY A 367 21.81 40.19 28.79
C GLY A 367 21.06 41.48 29.06
N GLN A 368 21.40 42.57 28.34
CA GLN A 368 20.71 43.84 28.56
C GLN A 368 19.29 43.80 28.01
N ASP A 369 18.99 42.86 27.12
CA ASP A 369 17.62 42.62 26.62
C ASP A 369 16.64 42.17 27.74
N ARG A 370 17.16 41.63 28.86
CA ARG A 370 16.40 41.14 30.03
C ARG A 370 15.60 39.88 29.69
N ARG A 371 15.97 39.18 28.59
CA ARG A 371 15.39 37.91 28.13
C ARG A 371 16.46 36.81 27.91
N THR A 372 17.78 37.11 28.04
CA THR A 372 18.92 36.19 27.75
C THR A 372 19.72 35.89 28.99
N ILE A 373 20.03 34.63 29.29
CA ILE A 373 20.89 34.31 30.45
C ILE A 373 22.22 33.77 29.89
N ASN A 374 23.28 34.57 29.95
CA ASN A 374 24.58 34.16 29.42
C ASN A 374 25.14 32.93 30.14
N THR A 375 25.78 32.06 29.32
CA THR A 375 26.38 30.80 29.74
C THR A 375 27.89 30.90 29.71
N PHE A 376 28.54 30.52 30.81
CA PHE A 376 30.00 30.52 30.95
C PHE A 376 30.44 29.08 31.20
N TYR A 377 30.90 28.40 30.17
CA TYR A 377 31.28 26.99 30.27
C TYR A 377 32.70 26.85 30.70
N ALA A 378 32.94 26.35 31.93
CA ALA A 378 34.29 26.12 32.47
C ALA A 378 34.64 24.67 32.20
N VAL A 379 35.78 24.39 31.55
CA VAL A 379 36.12 23.04 31.14
C VAL A 379 37.60 22.79 31.19
N ASP A 380 37.98 21.62 31.71
CA ASP A 380 39.38 21.19 31.78
C ASP A 380 39.72 20.55 30.44
N LEU A 381 40.43 21.29 29.57
CA LEU A 381 40.75 20.83 28.23
C LEU A 381 41.59 19.55 28.18
N SER A 382 42.30 19.19 29.27
CA SER A 382 43.04 17.92 29.27
C SER A 382 42.05 16.76 29.18
N GLN A 383 40.84 16.94 29.77
CA GLN A 383 39.81 15.92 29.78
C GLN A 383 38.95 15.92 28.51
N ALA A 384 38.87 17.01 27.74
CA ALA A 384 38.08 17.03 26.48
C ALA A 384 38.38 15.83 25.57
N SER A 385 37.33 15.23 24.98
CA SER A 385 37.47 14.07 24.11
C SER A 385 36.76 14.31 22.77
N ALA A 386 37.11 13.45 21.77
CA ALA A 386 36.61 13.58 20.40
C ALA A 386 35.13 13.42 20.28
N PRO A 387 34.54 14.11 19.29
CA PRO A 387 33.13 13.89 18.98
C PRO A 387 32.98 12.60 18.20
N GLU A 388 31.79 12.30 17.69
CA GLU A 388 31.55 11.08 16.91
C GLU A 388 31.91 11.38 15.46
N ILE A 389 33.08 10.86 14.97
CA ILE A 389 33.53 11.08 13.58
C ILE A 389 32.74 10.16 12.65
N LEU A 390 31.79 10.71 11.89
CA LEU A 390 30.92 9.88 11.06
C LEU A 390 31.61 9.51 9.76
N GLY A 391 32.44 10.41 9.22
CA GLY A 391 33.19 10.13 8.00
C GLY A 391 33.17 11.21 6.93
N ALA A 392 33.86 10.92 5.82
CA ALA A 392 33.99 11.85 4.71
C ALA A 392 32.72 11.94 3.93
N VAL A 393 32.48 13.11 3.38
CA VAL A 393 31.29 13.44 2.59
C VAL A 393 31.76 13.99 1.25
N PRO A 394 31.12 13.63 0.12
CA PRO A 394 31.56 14.19 -1.16
C PRO A 394 31.29 15.67 -1.28
N ASN A 395 32.06 16.34 -2.15
CA ASN A 395 31.90 17.77 -2.39
C ASN A 395 30.52 18.05 -2.96
N GLN A 396 30.00 19.25 -2.74
CA GLN A 396 28.68 19.58 -3.24
C GLN A 396 28.55 21.07 -3.40
N ASN A 397 27.59 21.51 -4.23
CA ASN A 397 27.43 22.95 -4.44
C ASN A 397 26.01 23.28 -4.87
N LEU A 398 25.08 23.09 -3.91
CA LEU A 398 23.69 23.45 -4.10
C LEU A 398 23.61 24.97 -4.25
N HIS A 399 24.50 25.73 -3.52
CA HIS A 399 24.50 27.20 -3.59
C HIS A 399 24.80 27.74 -4.97
N GLY A 400 25.49 26.97 -5.79
CA GLY A 400 25.82 27.35 -7.15
C GLY A 400 24.86 26.84 -8.20
N GLU A 401 23.71 26.28 -7.81
CA GLU A 401 22.78 25.76 -8.80
C GLU A 401 21.94 26.87 -9.50
N GLU A 402 21.61 26.67 -10.78
CA GLU A 402 20.74 27.58 -11.49
C GLU A 402 19.30 27.37 -10.98
N ILE A 403 18.42 28.40 -11.06
CA ILE A 403 17.04 28.26 -10.56
C ILE A 403 16.34 27.21 -11.35
N PRO A 404 15.95 26.08 -10.73
CA PRO A 404 15.24 25.05 -11.50
C PRO A 404 13.75 25.35 -11.59
N ASP A 405 13.04 24.45 -12.29
CA ASP A 405 11.59 24.46 -12.39
C ASP A 405 11.06 23.62 -11.27
N LEU A 406 11.70 22.45 -11.09
CA LEU A 406 11.36 21.50 -10.05
C LEU A 406 12.58 21.10 -9.22
N ILE A 407 12.36 21.01 -7.91
CA ILE A 407 13.33 20.49 -6.95
C ILE A 407 12.79 19.17 -6.47
N ILE A 408 13.53 18.06 -6.64
CA ILE A 408 13.12 16.77 -6.09
C ILE A 408 14.05 16.48 -4.95
N VAL A 409 13.53 16.47 -3.72
CA VAL A 409 14.31 16.18 -2.52
C VAL A 409 14.07 14.72 -2.20
N SER A 410 15.12 13.88 -2.26
CA SER A 410 14.97 12.44 -2.09
C SER A 410 15.75 11.91 -0.92
N THR A 411 15.44 10.67 -0.55
CA THR A 411 16.18 9.90 0.44
C THR A 411 17.23 9.13 -0.35
N GLN A 412 18.09 8.36 0.32
CA GLN A 412 19.13 7.68 -0.43
C GLN A 412 18.55 6.59 -1.26
N ALA A 413 17.83 5.65 -0.64
CA ALA A 413 17.27 4.48 -1.35
C ALA A 413 16.45 4.86 -2.55
N LEU A 414 15.64 5.89 -2.39
CA LEU A 414 14.72 6.31 -3.42
C LEU A 414 15.33 7.10 -4.60
N LEU A 415 16.57 7.54 -4.50
CA LEU A 415 17.23 8.37 -5.49
C LEU A 415 17.11 7.92 -6.97
N PRO A 416 17.38 6.66 -7.42
CA PRO A 416 17.27 6.37 -8.86
C PRO A 416 15.84 6.50 -9.31
N GLU A 417 14.86 6.14 -8.45
CA GLU A 417 13.46 6.29 -8.84
C GLU A 417 13.13 7.78 -8.94
N ALA A 418 13.72 8.63 -8.08
CA ALA A 418 13.51 10.06 -8.19
C ALA A 418 14.14 10.56 -9.46
N ASP A 419 15.39 10.12 -9.71
CA ASP A 419 16.09 10.55 -10.90
C ASP A 419 15.42 10.06 -12.21
N ARG A 420 14.69 8.94 -12.15
CA ARG A 420 13.96 8.45 -13.31
C ARG A 420 12.86 9.45 -13.66
N LEU A 421 12.05 9.87 -12.64
CA LEU A 421 11.01 10.89 -12.82
C LEU A 421 11.64 12.16 -13.31
N ALA A 422 12.82 12.53 -12.72
CA ALA A 422 13.55 13.74 -13.14
C ALA A 422 13.86 13.65 -14.62
N THR A 423 14.51 12.55 -15.05
CA THR A 423 14.86 12.32 -16.45
C THR A 423 13.64 12.37 -17.34
N TYR A 424 12.51 11.79 -16.91
CA TYR A 424 11.27 11.84 -17.69
C TYR A 424 10.85 13.31 -17.89
N ARG A 425 10.80 14.08 -16.78
CA ARG A 425 10.41 15.50 -16.79
C ARG A 425 11.37 16.28 -17.64
N ARG A 426 12.68 16.06 -17.48
CA ARG A 426 13.71 16.72 -18.28
C ARG A 426 13.48 16.46 -19.78
N GLU A 427 13.29 15.19 -20.16
CA GLU A 427 13.11 14.83 -21.56
C GLU A 427 11.73 15.19 -22.13
N LYS A 428 10.63 14.71 -21.54
CA LYS A 428 9.28 14.93 -22.08
C LYS A 428 8.75 16.33 -21.84
N ASN A 429 8.66 16.76 -20.61
CA ASN A 429 8.13 18.07 -20.27
C ASN A 429 9.12 19.21 -20.52
N GLY A 430 10.36 18.89 -20.92
CA GLY A 430 11.37 19.88 -21.20
C GLY A 430 11.69 20.81 -20.05
N LEU A 431 12.05 20.34 -18.88
CA LEU A 431 12.28 21.37 -17.89
C LEU A 431 13.46 21.09 -16.94
N LYS A 432 14.07 22.20 -16.44
CA LYS A 432 15.21 22.14 -15.54
C LYS A 432 14.70 21.54 -14.25
N VAL A 433 15.18 20.35 -13.88
CA VAL A 433 14.80 19.74 -12.60
C VAL A 433 16.07 19.42 -11.85
N LEU A 434 16.12 19.81 -10.54
CA LEU A 434 17.25 19.60 -9.64
C LEU A 434 16.94 18.50 -8.64
N VAL A 435 17.74 17.41 -8.64
CA VAL A 435 17.54 16.32 -7.68
C VAL A 435 18.63 16.43 -6.60
N VAL A 436 18.23 16.41 -5.34
CA VAL A 436 19.16 16.48 -4.21
C VAL A 436 18.74 15.51 -3.15
N LEU A 437 19.70 15.10 -2.35
CA LEU A 437 19.47 14.26 -1.19
C LEU A 437 19.21 15.17 0.01
N GLN A 438 18.23 14.84 0.87
CA GLN A 438 17.96 15.74 2.00
C GLN A 438 19.23 15.95 2.83
N GLU A 439 20.14 14.94 2.88
CA GLU A 439 21.40 15.13 3.58
C GLU A 439 22.11 16.31 3.03
N GLN A 440 22.17 16.43 1.69
CA GLN A 440 22.85 17.56 1.05
C GLN A 440 22.24 18.89 1.44
N VAL A 441 20.89 18.94 1.48
CA VAL A 441 20.20 20.13 1.89
C VAL A 441 20.65 20.47 3.31
N PHE A 442 20.64 19.50 4.24
CA PHE A 442 21.08 19.77 5.61
C PHE A 442 22.51 20.22 5.67
N ASN A 443 23.38 19.72 4.80
CA ASN A 443 24.78 20.11 4.83
C ASN A 443 24.94 21.60 4.53
N GLU A 444 24.28 22.09 3.48
CA GLU A 444 24.45 23.50 3.10
C GLU A 444 23.43 24.45 3.74
N PHE A 445 22.34 23.94 4.37
CA PHE A 445 21.33 24.85 4.92
C PHE A 445 21.12 24.69 6.45
N SER A 446 21.72 23.68 7.11
CA SER A 446 21.64 23.62 8.57
C SER A 446 22.90 23.01 9.19
N GLY A 447 24.05 23.22 8.54
CA GLY A 447 25.32 22.69 9.03
C GLY A 447 25.34 21.19 9.29
N GLY A 448 24.64 20.44 8.42
CA GLY A 448 24.51 18.99 8.48
C GLY A 448 23.45 18.43 9.42
N THR A 449 22.81 19.28 10.24
CA THR A 449 21.85 18.82 11.23
C THR A 449 20.48 18.76 10.63
N PRO A 450 19.73 17.63 10.77
CA PRO A 450 18.35 17.60 10.24
C PRO A 450 17.46 18.71 10.82
N ASP A 451 16.85 19.51 9.95
CA ASP A 451 15.95 20.61 10.37
C ASP A 451 14.94 20.91 9.30
N ALA A 452 13.65 20.94 9.63
CA ALA A 452 12.66 21.28 8.62
C ALA A 452 13.00 22.63 7.92
N THR A 453 13.49 23.62 8.68
CA THR A 453 13.83 24.93 8.14
C THR A 453 14.93 24.84 7.06
N ALA A 454 15.79 23.79 7.06
CA ALA A 454 16.77 23.63 5.99
C ALA A 454 16.09 23.55 4.62
N TYR A 455 14.94 22.83 4.53
CA TYR A 455 14.28 22.74 3.23
C TYR A 455 13.86 24.12 2.79
N ARG A 456 13.13 24.80 3.69
CA ARG A 456 12.59 26.15 3.48
C ARG A 456 13.69 27.13 3.04
N LEU A 457 14.85 27.09 3.74
CA LEU A 457 15.99 27.95 3.41
C LEU A 457 16.55 27.64 2.03
N PHE A 458 16.61 26.34 1.67
CA PHE A 458 17.10 25.92 0.36
C PHE A 458 16.21 26.49 -0.72
N ALA A 459 14.88 26.43 -0.51
CA ALA A 459 13.93 26.96 -1.49
C ALA A 459 14.06 28.44 -1.55
N LYS A 460 14.10 29.07 -0.36
CA LYS A 460 14.20 30.52 -0.24
C LYS A 460 15.36 31.03 -1.05
N MET A 461 16.51 30.30 -1.05
CA MET A 461 17.70 30.71 -1.80
C MET A 461 17.35 31.09 -3.25
N PHE A 462 16.61 30.21 -3.92
CA PHE A 462 16.18 30.45 -5.30
C PHE A 462 15.09 31.52 -5.35
N TYR A 463 14.11 31.47 -4.43
CA TYR A 463 13.03 32.47 -4.41
C TYR A 463 13.60 33.90 -4.38
N ASP A 464 14.48 34.16 -3.41
CA ASP A 464 15.14 35.45 -3.29
C ASP A 464 15.85 35.84 -4.59
N ARG A 465 16.56 34.88 -5.19
CA ARG A 465 17.31 35.10 -6.44
C ARG A 465 16.37 35.47 -7.58
N TRP A 466 15.29 34.70 -7.69
CA TRP A 466 14.28 34.93 -8.71
C TRP A 466 13.64 36.31 -8.53
N LYS A 467 13.14 36.60 -7.30
CA LYS A 467 12.42 37.85 -7.00
C LYS A 467 13.19 39.05 -7.45
N ALA A 468 14.53 39.02 -7.33
CA ALA A 468 15.39 40.16 -7.70
C ALA A 468 15.12 40.70 -9.08
N ASN A 469 15.04 39.81 -10.07
CA ASN A 469 14.83 40.19 -11.48
C ASN A 469 13.43 39.86 -11.98
N ALA A 470 12.59 39.20 -11.17
CA ALA A 470 11.25 38.82 -11.62
C ALA A 470 10.38 40.07 -11.89
N PRO A 471 9.59 40.10 -12.99
CA PRO A 471 8.73 41.26 -13.26
C PRO A 471 7.53 41.37 -12.32
N VAL A 472 7.07 42.60 -12.06
CA VAL A 472 5.95 42.84 -11.16
C VAL A 472 4.69 42.09 -11.62
N GLY A 473 4.07 41.36 -10.70
CA GLY A 473 2.88 40.55 -10.97
C GLY A 473 3.14 39.06 -11.13
N GLU A 474 4.30 38.70 -11.75
CA GLU A 474 4.70 37.31 -12.02
C GLU A 474 4.84 36.51 -10.72
N THR A 475 4.30 35.27 -10.67
CA THR A 475 4.41 34.41 -9.49
C THR A 475 5.65 33.53 -9.62
N PHE A 476 6.24 33.14 -8.47
CA PHE A 476 7.41 32.28 -8.41
C PHE A 476 7.15 30.95 -9.14
N PRO A 477 7.89 30.61 -10.22
CA PRO A 477 7.59 29.40 -10.98
C PRO A 477 8.08 28.07 -10.45
N MET A 478 9.03 28.05 -9.51
CA MET A 478 9.63 26.82 -9.00
C MET A 478 8.63 26.05 -8.16
N GLN A 479 8.85 24.72 -8.06
CA GLN A 479 8.03 23.78 -7.28
C GLN A 479 8.91 22.79 -6.56
N MET A 480 8.44 22.22 -5.46
CA MET A 480 9.22 21.23 -4.74
C MET A 480 8.48 19.91 -4.63
N LEU A 481 9.19 18.79 -4.86
CA LEU A 481 8.63 17.47 -4.69
C LEU A 481 9.41 16.74 -3.60
N LEU A 482 8.74 16.46 -2.47
CA LEU A 482 9.36 15.71 -1.39
C LEU A 482 9.21 14.23 -1.78
N PHE A 483 10.30 13.63 -2.33
CA PHE A 483 10.28 12.25 -2.80
C PHE A 483 10.61 11.34 -1.63
N GLY A 484 9.59 11.10 -0.81
CA GLY A 484 9.71 10.26 0.36
C GLY A 484 8.61 10.50 1.38
N ASP A 485 8.33 9.45 2.20
CA ASP A 485 7.37 9.48 3.31
C ASP A 485 8.00 10.25 4.47
N GLY A 486 7.18 10.65 5.43
CA GLY A 486 7.62 11.40 6.60
C GLY A 486 7.01 10.86 7.88
N ALA A 487 7.80 10.82 8.97
CA ALA A 487 7.32 10.34 10.27
C ALA A 487 6.95 11.49 11.17
N HIS A 488 5.85 11.35 11.96
CA HIS A 488 5.47 12.40 12.90
C HIS A 488 6.56 12.53 13.96
N ASP A 489 7.00 11.38 14.57
CA ASP A 489 8.16 11.36 15.48
C ASP A 489 9.37 11.33 14.56
N ASN A 490 9.85 12.53 14.13
CA ASN A 490 11.00 12.67 13.22
C ASN A 490 12.25 11.89 13.72
N ARG A 491 12.54 11.97 15.02
CA ARG A 491 13.70 11.25 15.54
C ARG A 491 13.50 9.74 15.66
N LYS A 492 12.26 9.23 15.43
CA LYS A 492 11.95 7.82 15.57
C LYS A 492 12.43 7.30 16.97
N VAL A 493 12.26 8.11 18.04
CA VAL A 493 12.69 7.75 19.40
C VAL A 493 11.59 7.07 20.25
N SER A 494 10.30 7.29 19.92
CA SER A 494 9.19 6.70 20.67
C SER A 494 9.27 5.21 20.59
N VAL A 495 8.60 4.56 21.53
CA VAL A 495 8.59 3.11 21.70
C VAL A 495 8.03 2.45 20.45
N ALA A 496 6.93 2.99 19.90
CA ALA A 496 6.34 2.41 18.69
C ALA A 496 7.35 2.36 17.55
N TRP A 497 8.28 3.28 17.48
CA TRP A 497 9.27 3.27 16.40
C TRP A 497 10.37 2.24 16.60
N GLN A 498 10.52 1.69 17.82
CA GLN A 498 11.59 0.76 18.10
C GLN A 498 11.27 -0.58 17.42
N LYS A 499 11.87 -0.74 16.24
CA LYS A 499 11.72 -1.86 15.31
C LYS A 499 12.67 -1.63 14.10
N PRO A 500 13.78 -2.40 13.95
CA PRO A 500 14.70 -2.24 12.80
C PRO A 500 14.21 -1.75 11.37
N TYR A 501 13.02 -2.15 10.78
CA TYR A 501 12.58 -1.59 9.45
C TYR A 501 12.34 -0.10 9.59
N LEU A 502 11.37 0.19 10.42
CA LEU A 502 10.97 1.52 10.81
C LEU A 502 12.24 2.27 11.22
N GLN A 503 13.11 1.67 12.06
CA GLN A 503 14.35 2.33 12.48
C GLN A 503 15.29 2.61 11.29
N GLN A 504 15.84 1.58 10.65
CA GLN A 504 16.80 1.74 9.54
C GLN A 504 16.26 2.41 8.19
N THR A 505 14.99 2.80 8.12
CA THR A 505 14.48 3.47 6.93
C THR A 505 14.79 4.96 7.08
N GLU A 506 15.15 5.66 5.99
CA GLU A 506 15.37 7.12 6.01
C GLU A 506 14.12 7.76 5.55
N PHE A 507 13.60 8.73 6.31
CA PHE A 507 12.40 9.45 5.86
C PHE A 507 12.72 10.91 5.62
N LEU A 508 11.86 11.61 4.92
CA LEU A 508 12.02 13.05 4.82
C LEU A 508 11.39 13.62 6.11
N LEU A 509 11.75 14.85 6.47
CA LEU A 509 11.21 15.44 7.70
C LEU A 509 9.77 15.82 7.54
N THR A 510 9.06 15.96 8.67
CA THR A 510 7.69 16.47 8.70
C THR A 510 7.77 17.72 9.50
N PHE A 511 6.95 18.75 9.16
CA PHE A 511 6.94 20.00 9.95
C PHE A 511 5.63 20.06 10.64
N GLN A 512 5.60 20.40 11.92
CA GLN A 512 4.34 20.42 12.64
C GLN A 512 4.09 21.82 13.11
N ALA A 513 3.09 22.46 12.49
CA ALA A 513 2.68 23.81 12.81
C ALA A 513 2.07 23.82 14.21
N VAL A 514 2.90 24.10 15.22
CA VAL A 514 2.45 24.19 16.61
C VAL A 514 1.84 25.58 16.86
N ASN A 515 0.66 25.67 17.52
CA ASN A 515 -0.01 26.96 17.78
C ASN A 515 0.41 27.53 19.15
N SER A 516 -0.19 28.66 19.58
CA SER A 516 0.13 29.32 20.85
C SER A 516 -0.04 28.39 22.07
N THR A 517 1.05 28.19 22.84
CA THR A 517 1.14 27.40 24.08
C THR A 517 0.74 25.90 23.90
N ASN A 518 1.28 25.23 22.84
CA ASN A 518 1.08 23.80 22.55
C ASN A 518 -0.37 23.29 22.76
N VAL A 519 -1.38 24.12 22.41
CA VAL A 519 -2.79 23.75 22.60
C VAL A 519 -3.11 22.62 21.58
N ASN A 520 -3.13 22.96 20.27
CA ASN A 520 -3.34 22.04 19.15
C ASN A 520 -2.17 22.14 18.20
N SER A 521 -2.10 21.23 17.22
CA SER A 521 -1.03 21.26 16.22
C SER A 521 -1.42 20.41 15.03
N TYR A 522 -1.03 20.86 13.84
CA TYR A 522 -1.31 20.13 12.62
C TYR A 522 -0.01 19.94 11.85
N VAL A 523 0.14 18.77 11.22
CA VAL A 523 1.35 18.49 10.43
C VAL A 523 1.07 19.07 9.02
N THR A 524 2.05 19.74 8.45
CA THR A 524 1.90 20.38 7.14
C THR A 524 3.21 20.42 6.37
N ASP A 525 3.12 20.38 5.03
CA ASP A 525 4.28 20.54 4.18
C ASP A 525 4.27 21.93 3.57
N ASP A 526 3.19 22.70 3.83
CA ASP A 526 3.09 24.05 3.30
C ASP A 526 4.20 24.93 3.88
N TYR A 527 4.70 24.59 5.10
CA TYR A 527 5.80 25.32 5.75
C TYR A 527 6.98 25.53 4.81
N PHE A 528 7.29 24.49 4.03
CA PHE A 528 8.43 24.52 3.13
C PHE A 528 8.27 25.52 2.00
N GLY A 529 7.06 25.99 1.73
CA GLY A 529 6.82 26.97 0.67
C GLY A 529 6.56 28.37 1.15
N LEU A 530 6.96 28.69 2.39
CA LEU A 530 6.78 30.03 2.99
C LEU A 530 8.09 30.79 2.89
N LEU A 531 8.34 31.35 1.72
CA LEU A 531 9.63 31.95 1.41
C LEU A 531 9.64 33.48 1.43
N ASP A 532 8.51 34.16 1.72
CA ASP A 532 8.50 35.63 1.73
C ASP A 532 9.18 36.21 2.94
N ASP A 533 9.50 37.50 2.87
CA ASP A 533 10.13 38.22 3.96
C ASP A 533 9.05 38.97 4.77
N GLN A 534 7.97 38.27 5.16
CA GLN A 534 6.92 38.88 5.96
C GLN A 534 7.38 38.99 7.41
N PRO A 535 6.77 39.89 8.21
CA PRO A 535 7.19 40.01 9.62
C PRO A 535 6.77 38.81 10.50
N ALA A 536 7.40 38.68 11.69
CA ALA A 536 7.15 37.57 12.63
C ALA A 536 5.72 37.51 13.20
N SER A 537 4.99 38.66 13.27
CA SER A 537 3.60 38.72 13.78
C SER A 537 2.62 37.81 13.00
N VAL A 538 2.94 37.54 11.71
CA VAL A 538 2.16 36.67 10.82
C VAL A 538 2.49 35.20 11.16
N ASN A 539 1.50 34.46 11.69
CA ASN A 539 1.65 33.05 12.07
C ASN A 539 1.76 32.18 10.82
N ILE A 540 2.26 30.94 10.95
CA ILE A 540 2.46 30.02 9.82
C ILE A 540 1.13 29.86 9.00
N GLY A 541 -0.01 29.92 9.66
CA GLY A 541 -1.30 29.84 9.00
C GLY A 541 -1.64 31.00 8.08
N TRP A 542 -1.18 32.24 8.41
CA TRP A 542 -1.50 33.47 7.66
C TRP A 542 -0.40 33.97 6.71
N ARG A 543 0.72 33.25 6.58
CA ARG A 543 1.81 33.67 5.67
C ARG A 543 1.46 33.29 4.23
N ASN A 544 2.23 33.80 3.27
CA ASN A 544 1.98 33.56 1.84
C ASN A 544 2.64 32.28 1.35
N TYR A 545 1.84 31.38 0.72
CA TYR A 545 2.34 30.11 0.15
C TYR A 545 2.98 30.53 -1.19
N ASN A 546 4.30 30.76 -1.17
CA ASN A 546 5.06 31.22 -2.32
C ASN A 546 5.38 30.13 -3.30
N MET A 547 5.72 28.94 -2.81
CA MET A 547 6.12 27.83 -3.66
C MET A 547 5.19 26.65 -3.45
N ALA A 548 4.75 26.02 -4.54
CA ALA A 548 3.94 24.81 -4.41
C ALA A 548 4.83 23.67 -3.95
N VAL A 549 4.36 22.89 -2.99
CA VAL A 549 5.06 21.73 -2.48
C VAL A 549 4.15 20.52 -2.69
N GLY A 550 4.74 19.41 -3.10
CA GLY A 550 4.02 18.16 -3.25
C GLY A 550 4.83 17.04 -2.64
N ARG A 551 4.19 15.92 -2.27
CA ARG A 551 4.92 14.82 -1.69
C ARG A 551 4.49 13.44 -2.24
N PHE A 552 5.45 12.54 -2.42
CA PHE A 552 5.20 11.14 -2.74
C PHE A 552 5.51 10.40 -1.48
N PRO A 553 4.55 10.12 -0.58
CA PRO A 553 4.89 9.45 0.68
C PRO A 553 5.25 7.99 0.47
N VAL A 554 6.37 7.72 -0.20
CA VAL A 554 6.81 6.37 -0.51
C VAL A 554 7.97 6.03 0.41
N ARG A 555 7.99 4.82 0.96
CA ARG A 555 9.07 4.36 1.87
C ARG A 555 10.14 3.59 1.08
N THR A 556 9.71 2.56 0.34
CA THR A 556 10.63 1.70 -0.38
C THR A 556 10.69 2.07 -1.85
N PRO A 557 11.75 1.63 -2.58
CA PRO A 557 11.81 1.90 -4.03
C PRO A 557 10.67 1.26 -4.80
N ALA A 558 10.14 0.12 -4.34
CA ALA A 558 9.00 -0.52 -4.99
C ALA A 558 7.83 0.43 -4.98
N GLU A 559 7.55 1.00 -3.79
CA GLU A 559 6.51 2.02 -3.65
C GLU A 559 6.74 3.17 -4.63
N ALA A 560 7.97 3.67 -4.64
CA ALA A 560 8.39 4.77 -5.49
C ALA A 560 8.18 4.47 -6.96
N ARG A 561 8.63 3.29 -7.43
CA ARG A 561 8.51 2.98 -8.85
C ARG A 561 7.06 3.01 -9.23
N ILE A 562 6.19 2.44 -8.37
CA ILE A 562 4.76 2.44 -8.66
C ILE A 562 4.25 3.91 -8.85
N ALA A 563 4.58 4.80 -7.92
CA ALA A 563 4.19 6.22 -8.03
C ALA A 563 4.64 6.88 -9.36
N VAL A 564 5.93 6.69 -9.70
CA VAL A 564 6.52 7.32 -10.87
C VAL A 564 5.90 6.71 -12.14
N ASP A 565 5.81 5.35 -12.19
CA ASP A 565 5.18 4.67 -13.32
C ASP A 565 3.75 5.23 -13.52
N LYS A 566 2.94 5.32 -12.40
CA LYS A 566 1.56 5.89 -12.47
C LYS A 566 1.60 7.35 -13.07
N THR A 567 2.49 8.22 -12.55
CA THR A 567 2.61 9.57 -13.04
C THR A 567 3.04 9.61 -14.52
N ILE A 568 4.04 8.79 -14.93
CA ILE A 568 4.50 8.76 -16.33
C ILE A 568 3.40 8.28 -17.25
N ARG A 569 2.83 7.10 -16.92
CA ARG A 569 1.77 6.52 -17.75
C ARG A 569 0.57 7.50 -17.87
N TYR A 570 0.30 8.35 -16.86
CA TYR A 570 -0.79 9.31 -16.94
C TYR A 570 -0.59 10.27 -18.09
N GLU A 571 0.59 10.92 -18.15
CA GLU A 571 0.88 11.89 -19.21
C GLU A 571 0.94 11.26 -20.59
N GLU A 572 1.43 10.03 -20.68
CA GLU A 572 1.61 9.38 -21.96
C GLU A 572 0.32 8.77 -22.50
N ASP A 573 -0.60 8.25 -21.66
CA ASP A 573 -1.86 7.68 -22.17
C ASP A 573 -2.75 8.81 -22.66
N ARG A 574 -2.55 9.20 -23.92
CA ARG A 574 -3.29 10.26 -24.58
C ARG A 574 -4.76 9.87 -24.70
N GLU A 575 -5.05 8.58 -24.93
CA GLU A 575 -6.41 8.02 -25.06
C GLU A 575 -7.23 8.15 -23.77
N SER A 576 -6.59 8.16 -22.57
CA SER A 576 -7.32 8.35 -21.31
C SER A 576 -7.92 9.77 -21.22
N GLY A 577 -7.19 10.77 -21.76
CA GLY A 577 -7.62 12.16 -21.79
C GLY A 577 -8.78 12.43 -22.74
N ALA A 578 -8.93 11.62 -23.81
CA ALA A 578 -10.05 11.73 -24.78
C ALA A 578 -11.37 11.18 -24.21
N TRP A 579 -11.33 10.38 -23.12
CA TRP A 579 -12.54 9.84 -22.48
C TRP A 579 -13.36 10.97 -21.83
N ARG A 580 -12.67 11.94 -21.18
CA ARG A 580 -13.32 13.12 -20.58
C ARG A 580 -13.92 14.04 -21.68
N ILE A 581 -13.27 14.10 -22.88
CA ILE A 581 -13.78 14.87 -24.03
C ILE A 581 -14.91 14.10 -24.74
N ARG A 582 -14.92 12.75 -24.64
CA ARG A 582 -15.94 11.89 -25.25
C ARG A 582 -17.33 12.04 -24.62
N ALA A 583 -17.44 12.62 -23.41
CA ALA A 583 -18.74 12.80 -22.74
C ALA A 583 -19.61 13.84 -23.47
N CYS A 584 -20.24 13.44 -24.58
CA CYS A 584 -21.15 14.27 -25.37
C CYS A 584 -22.42 13.47 -25.71
N PHE A 585 -22.74 12.43 -24.90
CA PHE A 585 -23.90 11.56 -25.09
C PHE A 585 -25.14 12.08 -24.37
N ALA A 586 -24.96 12.80 -23.24
CA ALA A 586 -26.08 13.37 -22.47
C ALA A 586 -26.75 14.50 -23.24
N MET A 612 -22.47 8.77 -10.66
CA MET A 612 -21.72 9.84 -10.00
C MET A 612 -21.47 11.02 -10.95
N PRO A 613 -22.58 11.52 -11.53
CA PRO A 613 -22.61 12.93 -11.95
C PRO A 613 -23.50 13.77 -11.01
N VAL A 614 -22.87 14.46 -10.04
CA VAL A 614 -23.58 15.30 -9.06
C VAL A 614 -23.68 16.75 -9.59
N ARG A 615 -24.87 17.38 -9.43
CA ARG A 615 -25.11 18.75 -9.90
C ARG A 615 -24.83 19.75 -8.77
N ALA A 616 -23.96 20.76 -9.02
CA ALA A 616 -23.60 21.78 -8.02
C ALA A 616 -24.50 23.02 -8.10
N PHE A 617 -25.24 23.34 -7.03
CA PHE A 617 -26.11 24.51 -6.98
C PHE A 617 -25.33 25.70 -6.41
N GLN A 618 -24.96 26.68 -7.26
CA GLN A 618 -24.20 27.86 -6.85
C GLN A 618 -25.12 29.12 -6.77
N ASP A 619 -24.50 30.33 -6.80
CA ASP A 619 -25.19 31.63 -6.86
C ASP A 619 -24.80 32.35 -8.16
N LYS A 636 -23.81 33.26 -22.99
CA LYS A 636 -22.66 32.77 -23.75
C LYS A 636 -21.36 32.99 -22.97
N LYS A 637 -21.13 34.24 -22.48
CA LYS A 637 -19.92 34.56 -21.69
C LYS A 637 -20.02 33.97 -20.27
N LYS A 638 -21.25 33.88 -19.72
CA LYS A 638 -21.47 33.30 -18.38
C LYS A 638 -21.24 31.79 -18.42
N MET A 639 -21.71 31.11 -19.49
CA MET A 639 -21.54 29.66 -19.66
C MET A 639 -20.07 29.30 -19.97
N LEU A 640 -19.27 30.25 -20.51
CA LEU A 640 -17.86 30.03 -20.82
C LEU A 640 -17.00 29.86 -19.56
N GLU A 641 -17.29 30.64 -18.50
CA GLU A 641 -16.57 30.55 -17.22
C GLU A 641 -16.78 29.20 -16.56
N THR A 642 -18.02 28.68 -16.58
CA THR A 642 -18.37 27.37 -15.99
C THR A 642 -17.68 26.18 -16.73
N LEU A 643 -17.29 26.34 -18.01
CA LEU A 643 -16.60 25.28 -18.77
C LEU A 643 -15.18 25.13 -18.24
N GLN A 644 -14.58 26.26 -17.81
CA GLN A 644 -13.24 26.30 -17.24
C GLN A 644 -13.22 25.97 -15.72
N SER A 645 -14.40 25.83 -15.05
CA SER A 645 -14.46 25.57 -13.61
C SER A 645 -14.14 24.13 -13.27
N GLY A 646 -13.75 23.91 -12.03
CA GLY A 646 -13.44 22.59 -11.51
C GLY A 646 -13.59 22.52 -10.01
N ILE A 647 -13.87 21.30 -9.51
CA ILE A 647 -14.07 21.07 -8.08
C ILE A 647 -13.06 20.09 -7.60
N ILE A 648 -12.36 20.40 -6.51
CA ILE A 648 -11.44 19.48 -5.89
C ILE A 648 -12.08 19.09 -4.58
N LEU A 649 -12.08 17.79 -4.30
CA LEU A 649 -12.69 17.27 -3.09
C LEU A 649 -11.60 16.71 -2.23
N LEU A 650 -11.61 17.10 -0.95
CA LEU A 650 -10.59 16.68 0.01
C LEU A 650 -10.80 15.28 0.47
N ASN A 651 -9.73 14.52 0.64
CA ASN A 651 -9.80 13.19 1.21
C ASN A 651 -9.60 13.35 2.70
N TYR A 652 -10.54 12.88 3.54
CA TYR A 652 -10.43 13.08 4.98
C TYR A 652 -9.92 11.84 5.68
N ALA A 653 -8.62 11.77 5.96
CA ALA A 653 -8.00 10.64 6.66
C ALA A 653 -8.53 10.50 8.11
N GLY A 654 -9.26 9.42 8.36
CA GLY A 654 -9.96 9.18 9.63
C GLY A 654 -9.15 8.80 10.85
N HIS A 655 -9.89 8.31 11.86
CA HIS A 655 -9.41 7.85 13.16
C HIS A 655 -9.93 6.41 13.29
N GLY A 656 -9.23 5.50 12.61
CA GLY A 656 -9.63 4.10 12.54
C GLY A 656 -9.47 3.26 13.80
N GLY A 657 -8.60 3.72 14.71
CA GLY A 657 -8.28 3.00 15.93
C GLY A 657 -8.89 3.51 17.21
N PRO A 658 -9.16 2.61 18.19
CA PRO A 658 -9.69 3.05 19.49
C PRO A 658 -8.61 3.75 20.35
N ALA A 659 -8.40 5.05 20.06
CA ALA A 659 -7.46 5.95 20.74
C ALA A 659 -5.99 5.49 20.67
N GLY A 660 -5.60 4.54 21.53
CA GLY A 660 -4.22 4.07 21.66
C GLY A 660 -3.66 3.33 20.47
N TRP A 661 -4.51 2.68 19.65
CA TRP A 661 -4.07 1.93 18.46
C TRP A 661 -3.42 2.88 17.46
N SER A 662 -4.16 3.92 17.07
CA SER A 662 -3.68 4.90 16.11
C SER A 662 -2.25 5.38 16.46
N ASP A 663 -2.03 5.75 17.73
CA ASP A 663 -0.74 6.27 18.21
C ASP A 663 0.39 5.23 18.13
N GLU A 664 0.09 3.93 18.22
CA GLU A 664 1.12 2.89 18.15
C GLU A 664 1.33 2.37 16.73
N HIS A 665 0.36 2.59 15.82
CA HIS A 665 0.42 2.01 14.48
C HIS A 665 0.41 2.98 13.34
N LEU A 666 -0.15 4.19 13.49
CA LEU A 666 -0.15 5.20 12.43
C LEU A 666 0.94 6.17 12.74
N LEU A 667 2.16 5.87 12.24
CA LEU A 667 3.36 6.61 12.57
C LEU A 667 3.81 7.61 11.48
N THR A 668 3.47 7.37 10.21
CA THR A 668 3.94 8.23 9.13
C THR A 668 2.82 8.76 8.27
N LEU A 669 3.13 9.78 7.50
CA LEU A 669 2.16 10.37 6.59
C LEU A 669 1.52 9.32 5.70
N ASN A 670 2.31 8.37 5.27
CA ASN A 670 1.76 7.35 4.42
C ASN A 670 0.67 6.53 5.12
N ASP A 671 0.90 6.21 6.41
CA ASP A 671 -0.03 5.42 7.19
C ASP A 671 -1.31 6.13 7.42
N ILE A 672 -1.23 7.45 7.55
CA ILE A 672 -2.39 8.27 7.86
C ILE A 672 -3.20 8.57 6.60
N HIS A 673 -2.60 9.27 5.64
CA HIS A 673 -3.26 9.62 4.38
C HIS A 673 -3.01 8.47 3.47
N ASN A 674 -3.93 7.51 3.33
CA ASN A 674 -3.53 6.36 2.52
C ASN A 674 -3.28 6.73 1.04
N PHE A 675 -1.94 6.80 0.70
CA PHE A 675 -1.22 7.08 -0.57
C PHE A 675 -1.91 6.68 -1.89
N ASN A 676 -2.41 5.40 -2.03
CA ASN A 676 -2.98 4.86 -3.29
C ASN A 676 -4.14 5.74 -3.79
N TYR A 677 -3.81 6.88 -4.52
CA TYR A 677 -4.71 7.93 -5.04
C TYR A 677 -6.16 7.36 -5.02
N LYS A 678 -6.96 7.76 -4.01
CA LYS A 678 -8.25 7.14 -3.72
C LYS A 678 -9.44 8.12 -3.69
N HIS A 679 -10.61 7.60 -4.19
CA HIS A 679 -11.93 8.23 -4.25
C HIS A 679 -11.95 9.47 -5.16
N MET A 680 -13.14 9.85 -5.67
CA MET A 680 -13.38 10.92 -6.67
C MET A 680 -12.71 12.25 -6.27
N PRO A 681 -11.48 12.59 -6.77
CA PRO A 681 -10.83 13.83 -6.29
C PRO A 681 -11.13 15.09 -7.10
N ILE A 682 -11.15 15.02 -8.46
CA ILE A 682 -11.34 16.16 -9.35
C ILE A 682 -12.56 16.00 -10.28
N TRP A 683 -13.45 16.97 -10.19
CA TRP A 683 -14.67 17.07 -10.98
C TRP A 683 -14.52 18.21 -11.97
N ILE A 684 -14.88 17.94 -13.23
CA ILE A 684 -14.90 18.95 -14.29
C ILE A 684 -16.33 19.33 -14.46
N THR A 685 -16.61 20.62 -14.50
CA THR A 685 -17.95 21.15 -14.68
C THR A 685 -18.17 21.29 -16.18
N ALA A 686 -19.12 20.51 -16.73
CA ALA A 686 -19.44 20.45 -18.15
C ALA A 686 -20.81 21.05 -18.48
N THR A 687 -20.93 21.71 -19.64
CA THR A 687 -22.19 22.33 -20.09
C THR A 687 -22.49 21.94 -21.53
N CYS A 688 -23.79 21.77 -21.84
CA CYS A 688 -24.26 21.39 -23.18
C CYS A 688 -24.48 22.65 -24.02
N GLU A 702 -29.31 28.44 -10.40
CA GLU A 702 -29.29 27.35 -11.36
C GLU A 702 -28.38 26.21 -10.85
N GLU A 703 -28.49 25.01 -11.47
CA GLU A 703 -27.74 23.80 -11.14
C GLU A 703 -26.75 23.42 -12.27
N VAL A 704 -25.43 23.54 -12.00
CA VAL A 704 -24.37 23.22 -12.97
C VAL A 704 -24.03 21.72 -12.85
N PHE A 705 -23.92 20.99 -13.98
CA PHE A 705 -23.63 19.54 -13.98
C PHE A 705 -22.13 19.29 -14.05
N LEU A 706 -21.57 18.54 -13.07
CA LEU A 706 -20.12 18.25 -13.02
C LEU A 706 -19.85 16.74 -13.00
N HIS A 707 -18.84 16.30 -13.79
CA HIS A 707 -18.46 14.89 -13.97
C HIS A 707 -16.99 14.64 -13.53
N GLU A 708 -16.71 13.47 -12.87
CA GLU A 708 -15.37 13.07 -12.38
C GLU A 708 -14.60 12.39 -13.49
N LYS A 709 -13.38 12.84 -13.85
CA LYS A 709 -12.70 12.23 -15.00
C LYS A 709 -11.20 12.00 -14.82
N SER A 710 -10.72 10.88 -15.46
CA SER A 710 -9.32 10.41 -15.58
C SER A 710 -8.56 10.36 -14.24
N GLY A 711 -8.08 9.16 -13.89
CA GLY A 711 -7.38 8.90 -12.64
C GLY A 711 -6.09 9.65 -12.48
N THR A 712 -6.19 10.92 -12.08
CA THR A 712 -5.06 11.82 -11.92
C THR A 712 -4.22 11.35 -10.77
N PRO A 713 -2.92 11.11 -10.99
CA PRO A 713 -2.05 10.70 -9.89
C PRO A 713 -2.17 11.51 -8.57
N ILE A 714 -2.45 12.80 -8.61
CA ILE A 714 -2.61 13.67 -7.43
C ILE A 714 -3.72 13.22 -6.44
N MET A 715 -3.53 13.55 -5.14
CA MET A 715 -4.49 13.32 -4.06
C MET A 715 -4.41 14.44 -3.07
N PHE A 716 -5.54 15.03 -2.64
CA PHE A 716 -5.57 16.14 -1.66
C PHE A 716 -6.09 15.59 -0.37
N SER A 717 -5.28 15.59 0.69
CA SER A 717 -5.62 14.89 1.92
C SER A 717 -5.43 15.73 3.18
N THR A 718 -6.40 15.63 4.12
CA THR A 718 -6.38 16.30 5.43
C THR A 718 -6.83 15.35 6.45
N THR A 719 -6.56 15.61 7.70
CA THR A 719 -7.12 14.82 8.80
C THR A 719 -8.20 15.58 9.53
N ARG A 720 -7.91 16.85 9.83
CA ARG A 720 -8.87 17.72 10.52
C ARG A 720 -10.12 17.97 9.65
N VAL A 721 -11.34 17.97 10.24
CA VAL A 721 -12.57 18.28 9.50
C VAL A 721 -12.87 19.76 9.62
N VAL A 722 -13.53 20.32 8.59
CA VAL A 722 -13.81 21.76 8.46
C VAL A 722 -15.29 22.03 8.26
N TYR A 723 -15.91 22.90 9.09
CA TYR A 723 -17.31 23.22 8.94
C TYR A 723 -17.51 24.67 8.55
N ASN A 724 -18.73 24.99 8.12
CA ASN A 724 -19.17 26.30 7.64
C ASN A 724 -20.04 26.95 8.72
N THR A 725 -20.70 28.06 8.35
CA THR A 725 -21.70 28.73 9.18
C THR A 725 -22.72 27.65 9.61
N GLN A 726 -22.87 27.47 10.94
CA GLN A 726 -23.78 26.49 11.55
C GLN A 726 -23.40 25.04 11.14
N ASN A 727 -22.25 24.60 11.65
CA ASN A 727 -21.65 23.27 11.50
C ASN A 727 -21.96 22.51 10.17
N GLU A 728 -21.87 23.17 8.98
CA GLU A 728 -22.09 22.44 7.71
C GLU A 728 -20.70 21.97 7.20
N LYS A 729 -20.40 20.63 7.19
CA LYS A 729 -19.07 20.10 6.81
C LYS A 729 -18.68 20.45 5.36
N ILE A 730 -17.45 20.96 5.18
CA ILE A 730 -16.88 21.37 3.89
C ILE A 730 -16.25 20.17 3.22
N ASN A 731 -16.78 19.70 2.11
CA ASN A 731 -16.25 18.52 1.42
C ASN A 731 -15.09 18.82 0.45
N GLY A 732 -14.82 20.09 0.19
CA GLY A 732 -13.80 20.48 -0.77
C GLY A 732 -13.97 21.91 -1.22
N PHE A 733 -13.35 22.28 -2.36
CA PHE A 733 -13.43 23.65 -2.89
C PHE A 733 -13.63 23.64 -4.41
N MET A 734 -14.14 24.76 -4.95
CA MET A 734 -14.36 24.95 -6.38
C MET A 734 -13.60 26.13 -6.86
N LEU A 735 -12.83 25.95 -7.95
CA LEU A 735 -12.07 27.05 -8.56
C LEU A 735 -12.70 27.38 -9.88
N ARG A 736 -13.37 28.54 -9.96
CA ARG A 736 -14.06 28.95 -11.18
C ARG A 736 -13.13 29.13 -12.40
N ARG A 737 -11.82 29.29 -12.16
CA ARG A 737 -10.84 29.53 -13.21
C ARG A 737 -9.78 28.40 -13.17
N MET A 738 -10.18 27.14 -12.93
CA MET A 738 -9.22 26.04 -12.77
C MET A 738 -8.57 25.70 -14.08
N PHE A 739 -9.41 25.38 -15.07
CA PHE A 739 -8.96 24.97 -16.41
C PHE A 739 -8.72 26.15 -17.35
N GLU A 740 -8.47 27.37 -16.84
CA GLU A 740 -8.10 28.49 -17.69
C GLU A 740 -6.62 28.32 -18.07
N LYS A 741 -6.29 28.36 -19.36
CA LYS A 741 -4.91 28.16 -19.82
C LYS A 741 -4.02 29.36 -19.48
N ALA A 742 -2.72 29.15 -19.26
CA ALA A 742 -1.79 30.23 -18.96
C ALA A 742 -1.28 30.86 -20.26
N LYS A 743 -0.36 31.89 -20.17
CA LYS A 743 0.23 32.57 -21.35
C LYS A 743 0.86 31.54 -22.32
N ASP A 744 1.39 30.41 -21.77
CA ASP A 744 1.98 29.34 -22.56
C ASP A 744 0.92 28.49 -23.32
N GLY A 745 -0.37 28.76 -23.13
CA GLY A 745 -1.43 28.03 -23.81
C GLY A 745 -1.73 26.65 -23.25
N ARG A 746 -1.05 26.25 -22.16
CA ARG A 746 -1.23 24.97 -21.50
C ARG A 746 -2.02 25.18 -20.24
N TYR A 747 -2.63 24.12 -19.70
CA TYR A 747 -3.31 24.28 -18.41
C TYR A 747 -2.25 24.46 -17.32
N ARG A 748 -2.64 24.96 -16.17
CA ARG A 748 -1.64 25.13 -15.12
C ARG A 748 -1.34 23.76 -14.45
N THR A 749 -0.15 23.60 -13.89
CA THR A 749 0.17 22.36 -13.19
C THR A 749 -0.65 22.27 -11.91
N MET A 750 -1.15 21.06 -11.56
CA MET A 750 -1.90 20.86 -10.33
C MET A 750 -1.26 21.62 -9.16
N GLY A 751 0.07 21.48 -9.02
CA GLY A 751 0.83 22.20 -8.01
C GLY A 751 0.46 23.66 -7.93
N GLU A 752 0.51 24.38 -9.09
CA GLU A 752 0.16 25.82 -9.14
C GLU A 752 -1.32 26.04 -8.87
N ILE A 753 -2.20 25.22 -9.48
CA ILE A 753 -3.63 25.31 -9.24
C ILE A 753 -3.87 25.31 -7.72
N ILE A 754 -3.33 24.28 -7.02
CA ILE A 754 -3.47 24.16 -5.56
C ILE A 754 -2.77 25.29 -4.83
N ARG A 755 -1.60 25.70 -5.29
CA ARG A 755 -0.88 26.77 -4.60
C ARG A 755 -1.74 28.01 -4.56
N SER A 756 -2.20 28.48 -5.75
CA SER A 756 -3.05 29.68 -5.80
C SER A 756 -4.30 29.47 -4.96
N ALA A 757 -4.89 28.25 -5.01
CA ALA A 757 -6.07 27.91 -4.21
C ALA A 757 -5.79 28.14 -2.73
N LYS A 758 -4.75 27.47 -2.19
CA LYS A 758 -4.32 27.58 -0.79
C LYS A 758 -4.14 29.06 -0.43
N GLN A 759 -3.34 29.81 -1.25
CA GLN A 759 -3.05 31.24 -1.07
C GLN A 759 -4.35 32.03 -1.00
N GLY A 760 -5.34 31.65 -1.80
CA GLY A 760 -6.63 32.32 -1.79
C GLY A 760 -7.46 32.11 -0.54
N MET A 761 -7.20 31.05 0.25
CA MET A 761 -8.02 30.78 1.44
C MET A 761 -7.64 31.70 2.59
N LEU A 762 -6.36 32.03 2.74
CA LEU A 762 -5.93 32.99 3.77
C LEU A 762 -6.26 34.42 3.30
N SER A 763 -6.13 34.70 1.97
CA SER A 763 -6.48 35.99 1.35
C SER A 763 -7.93 36.41 1.62
N THR A 764 -8.86 35.44 1.79
CA THR A 764 -10.25 35.72 2.13
C THR A 764 -10.64 34.88 3.36
N VAL A 765 -9.88 35.05 4.47
CA VAL A 765 -10.21 34.43 5.76
C VAL A 765 -10.81 35.52 6.70
N PHE A 766 -11.11 36.73 6.16
CA PHE A 766 -11.80 37.80 6.90
C PHE A 766 -13.33 37.54 6.91
N PRO A 767 -13.98 37.16 5.76
CA PRO A 767 -15.43 36.89 5.81
C PRO A 767 -15.82 35.56 6.48
N ASP A 768 -15.05 34.47 6.23
CA ASP A 768 -15.32 33.12 6.77
C ASP A 768 -14.15 32.68 7.68
N SER A 769 -14.06 33.37 8.84
CA SER A 769 -13.01 33.20 9.85
C SER A 769 -12.94 31.82 10.52
N ILE A 770 -14.10 31.14 10.69
CA ILE A 770 -14.19 29.83 11.38
C ILE A 770 -13.25 28.75 10.81
N ASN A 771 -13.02 28.74 9.47
CA ASN A 771 -12.17 27.71 8.83
C ASN A 771 -10.78 28.23 8.48
N GLN A 772 -9.81 27.31 8.50
CA GLN A 772 -8.40 27.56 8.22
C GLN A 772 -7.77 26.19 7.96
N LEU A 773 -8.28 25.54 6.90
CA LEU A 773 -7.86 24.19 6.56
C LEU A 773 -6.48 24.13 5.90
N SER A 774 -5.77 23.04 6.21
CA SER A 774 -4.47 22.69 5.63
C SER A 774 -4.55 21.27 5.07
N PHE A 775 -4.16 21.06 3.81
CA PHE A 775 -4.20 19.74 3.21
C PHE A 775 -2.91 19.44 2.47
N PHE A 776 -2.71 18.15 2.22
CA PHE A 776 -1.51 17.64 1.56
C PHE A 776 -1.68 17.47 0.06
N LEU A 777 -0.77 18.03 -0.75
CA LEU A 777 -0.73 17.68 -2.15
C LEU A 777 0.15 16.42 -2.20
N MET A 778 -0.48 15.27 -2.27
CA MET A 778 0.25 14.04 -2.38
C MET A 778 0.37 13.75 -3.86
N GLY A 779 1.53 13.99 -4.43
CA GLY A 779 1.74 13.78 -5.86
C GLY A 779 2.74 14.74 -6.45
N ASP A 780 3.12 14.53 -7.72
CA ASP A 780 4.12 15.41 -8.35
C ASP A 780 3.41 16.76 -8.64
N PRO A 781 3.93 17.90 -8.10
CA PRO A 781 3.26 19.19 -8.36
C PRO A 781 3.36 19.61 -9.81
N SER A 782 4.33 19.05 -10.56
CA SER A 782 4.49 19.32 -11.98
C SER A 782 3.45 18.55 -12.88
N VAL A 783 2.50 17.75 -12.29
CA VAL A 783 1.48 17.05 -13.05
C VAL A 783 0.45 18.00 -13.61
N ARG A 784 0.15 17.82 -14.90
CA ARG A 784 -0.91 18.54 -15.59
C ARG A 784 -2.05 17.58 -15.84
N MET A 785 -3.27 18.07 -15.62
CA MET A 785 -4.44 17.27 -15.86
C MET A 785 -4.47 16.79 -17.29
N ASN A 786 -4.63 15.49 -17.48
CA ASN A 786 -4.65 14.87 -18.81
C ASN A 786 -6.00 15.18 -19.39
N LEU A 787 -6.09 16.31 -20.06
CA LEU A 787 -7.32 16.85 -20.62
C LEU A 787 -6.93 17.61 -21.84
N PRO A 788 -7.60 17.48 -23.00
CA PRO A 788 -7.07 18.10 -24.24
C PRO A 788 -7.07 19.60 -24.25
N THR A 789 -6.03 20.18 -24.85
CA THR A 789 -5.94 21.62 -25.07
C THR A 789 -6.72 21.97 -26.38
N HIS A 790 -6.66 21.05 -27.34
CA HIS A 790 -7.31 21.17 -28.63
C HIS A 790 -8.05 19.91 -28.98
N LYS A 791 -9.13 20.03 -29.70
CA LYS A 791 -9.90 18.88 -30.14
C LYS A 791 -9.88 18.86 -31.67
N VAL A 792 -10.00 17.65 -32.25
CA VAL A 792 -10.07 17.42 -33.70
C VAL A 792 -11.51 17.08 -33.97
N GLN A 793 -12.13 17.76 -34.94
CA GLN A 793 -13.55 17.54 -35.22
C GLN A 793 -13.79 17.31 -36.71
N LEU A 794 -14.39 16.16 -37.05
CA LEU A 794 -14.71 15.86 -38.44
C LEU A 794 -15.91 16.71 -38.82
N THR A 795 -15.88 17.26 -40.03
CA THR A 795 -16.90 18.17 -40.55
C THR A 795 -17.67 17.56 -41.71
N ALA A 796 -17.12 16.57 -42.43
CA ALA A 796 -17.85 15.88 -43.49
C ALA A 796 -17.26 14.55 -43.76
N ILE A 797 -18.11 13.55 -43.93
CA ILE A 797 -17.71 12.19 -44.28
C ILE A 797 -18.58 11.83 -45.47
N ASN A 798 -17.99 11.66 -46.67
CA ASN A 798 -18.77 11.38 -47.87
C ASN A 798 -19.90 12.41 -48.00
N GLY A 799 -19.56 13.67 -47.76
CA GLY A 799 -20.51 14.78 -47.86
C GLY A 799 -21.48 15.00 -46.72
N GLN A 800 -21.62 14.05 -45.79
CA GLN A 800 -22.59 14.17 -44.70
C GLN A 800 -21.98 14.82 -43.46
N ASP A 801 -22.76 15.68 -42.75
CA ASP A 801 -22.27 16.37 -41.53
C ASP A 801 -22.32 15.39 -40.39
N PRO A 802 -21.18 14.98 -39.83
CA PRO A 802 -21.23 13.95 -38.80
C PRO A 802 -21.53 14.43 -37.40
N GLU A 803 -21.56 15.74 -37.11
CA GLU A 803 -21.73 16.18 -35.73
C GLU A 803 -23.14 15.84 -35.21
N GLY A 804 -23.14 15.11 -34.09
CA GLY A 804 -24.34 14.61 -33.43
C GLY A 804 -24.79 13.23 -33.89
N GLN A 805 -24.19 12.69 -34.98
CA GLN A 805 -24.62 11.42 -35.57
C GLN A 805 -23.89 10.23 -35.00
N TYR A 806 -24.62 9.10 -34.87
CA TYR A 806 -24.15 7.82 -34.37
C TYR A 806 -24.58 6.72 -35.32
N GLY A 807 -23.64 6.13 -36.05
CA GLY A 807 -23.91 5.06 -36.98
C GLY A 807 -24.91 5.41 -38.08
N THR A 808 -24.87 6.67 -38.53
CA THR A 808 -25.75 7.24 -39.55
C THR A 808 -25.11 7.26 -40.92
N ILE A 809 -23.87 7.69 -41.03
CA ILE A 809 -23.17 7.80 -42.33
C ILE A 809 -22.81 6.39 -42.85
N MET A 810 -23.43 5.99 -43.98
CA MET A 810 -23.21 4.67 -44.53
C MET A 810 -22.03 4.59 -45.48
N LEU A 811 -21.05 3.72 -45.13
CA LEU A 811 -19.89 3.42 -45.95
C LEU A 811 -20.05 1.97 -46.48
N LYS A 812 -19.81 1.75 -47.77
CA LYS A 812 -19.96 0.44 -48.44
C LYS A 812 -18.59 -0.15 -48.75
N SER A 813 -18.50 -1.49 -48.89
CA SER A 813 -17.23 -2.15 -49.21
C SER A 813 -16.68 -1.67 -50.56
N LEU A 814 -15.37 -1.36 -50.61
CA LEU A 814 -14.65 -0.85 -51.77
C LEU A 814 -15.12 0.56 -52.20
N GLU A 815 -15.80 1.32 -51.31
CA GLU A 815 -16.24 2.70 -51.56
C GLU A 815 -15.14 3.69 -51.14
N ARG A 816 -14.79 4.67 -52.00
CA ARG A 816 -13.83 5.69 -51.61
C ARG A 816 -14.58 6.66 -50.69
N VAL A 817 -14.14 6.80 -49.45
CA VAL A 817 -14.76 7.69 -48.46
C VAL A 817 -13.88 8.92 -48.29
N ALA A 818 -14.47 10.11 -48.43
CA ALA A 818 -13.74 11.35 -48.31
C ALA A 818 -13.98 11.97 -46.99
N LEU A 819 -12.91 12.25 -46.23
CA LEU A 819 -12.97 12.88 -44.91
C LEU A 819 -12.52 14.32 -44.94
N LYS A 820 -13.14 15.15 -44.10
CA LYS A 820 -12.85 16.56 -43.92
C LYS A 820 -13.02 16.90 -42.45
N GLY A 821 -12.12 17.70 -41.89
CA GLY A 821 -12.22 18.06 -40.48
C GLY A 821 -11.45 19.31 -40.14
N LYS A 822 -11.65 19.79 -38.92
CA LYS A 822 -11.03 20.99 -38.39
C LYS A 822 -10.39 20.71 -37.06
N VAL A 823 -9.67 21.70 -36.52
CA VAL A 823 -9.06 21.64 -35.20
C VAL A 823 -9.58 22.85 -34.42
N THR A 824 -10.04 22.63 -33.20
CA THR A 824 -10.58 23.67 -32.34
C THR A 824 -9.80 23.73 -31.07
N ASP A 825 -10.11 24.72 -30.21
CA ASP A 825 -9.54 24.82 -28.88
C ASP A 825 -10.42 23.98 -27.94
N GLU A 826 -10.10 23.95 -26.64
CA GLU A 826 -10.88 23.19 -25.65
C GLU A 826 -12.36 23.67 -25.60
N LYS A 827 -12.59 24.99 -25.77
CA LYS A 827 -13.94 25.55 -25.80
C LYS A 827 -14.68 25.14 -27.08
N GLY A 828 -14.00 24.66 -28.11
CA GLY A 828 -14.61 24.26 -29.37
C GLY A 828 -14.57 25.37 -30.43
N THR A 829 -13.81 26.45 -30.17
CA THR A 829 -13.67 27.54 -31.15
C THR A 829 -12.59 27.12 -32.17
N PHE A 830 -12.84 27.34 -33.46
CA PHE A 830 -11.93 26.97 -34.54
C PHE A 830 -10.56 27.58 -34.34
N ASP A 831 -9.49 26.77 -34.41
CA ASP A 831 -8.11 27.23 -34.25
C ASP A 831 -7.42 27.21 -35.58
N GLU A 832 -7.40 28.37 -36.26
CA GLU A 832 -6.71 28.54 -37.53
C GLU A 832 -5.18 28.53 -37.33
N THR A 833 -4.71 28.68 -36.09
CA THR A 833 -3.28 28.69 -35.83
C THR A 833 -2.74 27.26 -35.82
N PHE A 834 -3.62 26.23 -35.62
CA PHE A 834 -3.17 24.84 -35.55
C PHE A 834 -2.82 24.31 -36.94
N SER A 835 -1.52 24.09 -37.19
CA SER A 835 -1.06 23.55 -38.46
C SER A 835 0.10 22.59 -38.23
N GLY A 836 -0.04 21.39 -38.79
CA GLY A 836 0.90 20.30 -38.65
C GLY A 836 0.36 19.05 -39.31
N LYS A 837 0.43 17.91 -38.60
CA LYS A 837 -0.06 16.63 -39.16
C LYS A 837 -1.24 16.10 -38.32
N VAL A 838 -2.10 15.25 -38.89
CA VAL A 838 -3.18 14.58 -38.15
C VAL A 838 -3.14 13.10 -38.49
N PHE A 839 -3.16 12.29 -37.44
CA PHE A 839 -3.10 10.85 -37.48
C PHE A 839 -4.46 10.34 -37.25
N LEU A 840 -4.96 9.45 -38.10
CA LEU A 840 -6.31 8.97 -37.86
C LEU A 840 -6.47 7.55 -38.30
N THR A 841 -7.09 6.73 -37.41
CA THR A 841 -7.38 5.34 -37.58
C THR A 841 -8.92 5.18 -37.59
N VAL A 842 -9.45 4.35 -38.52
CA VAL A 842 -10.88 4.11 -38.74
C VAL A 842 -11.22 2.64 -38.51
N PHE A 843 -12.08 2.33 -37.52
CA PHE A 843 -12.53 0.95 -37.23
C PHE A 843 -13.92 0.72 -37.76
N ASP A 844 -14.21 -0.52 -38.17
CA ASP A 844 -15.53 -0.86 -38.73
C ASP A 844 -16.58 -1.05 -37.65
N GLY A 845 -16.18 -1.06 -36.38
CA GLY A 845 -17.13 -1.24 -35.29
C GLY A 845 -16.54 -0.83 -33.96
N ARG A 846 -17.10 -1.41 -32.86
CA ARG A 846 -16.66 -1.18 -31.47
C ARG A 846 -16.13 -2.49 -30.78
N LYS A 847 -15.14 -2.37 -29.87
CA LYS A 847 -14.65 -3.56 -29.13
C LYS A 847 -15.77 -4.04 -28.23
N LYS A 848 -16.01 -5.35 -28.15
CA LYS A 848 -17.07 -5.86 -27.27
C LYS A 848 -16.67 -7.19 -26.67
N MET A 849 -17.03 -7.44 -25.39
CA MET A 849 -16.69 -8.70 -24.74
C MET A 849 -17.45 -9.79 -25.36
N THR A 850 -16.83 -10.90 -25.72
CA THR A 850 -17.58 -12.02 -26.30
C THR A 850 -17.30 -13.27 -25.50
N ALA A 851 -18.36 -13.94 -25.04
CA ALA A 851 -18.21 -15.17 -24.28
C ALA A 851 -18.33 -16.36 -25.22
N LEU A 852 -17.33 -17.26 -25.22
CA LEU A 852 -17.39 -18.46 -26.05
C LEU A 852 -18.26 -19.44 -25.29
N GLU A 853 -19.54 -19.57 -25.70
CA GLU A 853 -20.51 -20.39 -24.98
C GLU A 853 -20.33 -21.89 -25.28
N GLU A 854 -20.99 -22.72 -24.45
CA GLU A 854 -21.12 -24.18 -24.56
C GLU A 854 -22.09 -24.70 -23.49
N GLU A 855 -22.39 -26.01 -23.42
CA GLU A 855 -23.31 -26.56 -22.41
C GLU A 855 -22.65 -26.74 -21.00
N GLY A 856 -21.63 -25.91 -20.69
CA GLY A 856 -20.97 -25.81 -19.40
C GLY A 856 -21.24 -24.41 -18.86
N ASN A 857 -21.67 -24.32 -17.59
CA ASN A 857 -22.04 -23.07 -16.90
C ASN A 857 -20.90 -22.00 -16.98
N ASP A 858 -19.63 -22.45 -16.89
CA ASP A 858 -18.46 -21.59 -16.98
C ASP A 858 -18.18 -21.29 -18.45
N LEU A 859 -17.86 -20.03 -18.81
CA LEU A 859 -17.61 -19.63 -20.19
C LEU A 859 -16.51 -18.59 -20.22
N SER A 860 -15.26 -19.03 -20.43
CA SER A 860 -14.12 -18.09 -20.43
C SER A 860 -14.33 -17.07 -21.56
N LEU A 861 -14.14 -15.77 -21.26
CA LEU A 861 -14.45 -14.70 -22.21
C LEU A 861 -13.30 -13.70 -22.56
N VAL A 862 -13.35 -13.25 -23.82
CA VAL A 862 -12.41 -12.37 -24.50
C VAL A 862 -13.06 -11.05 -24.78
N TYR A 863 -12.32 -10.22 -25.49
CA TYR A 863 -12.74 -8.97 -26.09
C TYR A 863 -12.60 -9.18 -27.58
N TYR A 864 -13.66 -8.94 -28.43
CA TYR A 864 -13.51 -8.97 -29.89
C TYR A 864 -12.80 -7.67 -30.15
N ASP A 865 -11.49 -7.68 -29.78
CA ASP A 865 -10.58 -6.54 -29.74
C ASP A 865 -10.04 -6.35 -31.09
N TYR A 866 -10.85 -6.72 -32.11
CA TYR A 866 -10.47 -6.57 -33.47
C TYR A 866 -11.61 -5.99 -34.24
N PRO A 867 -12.19 -4.86 -33.74
CA PRO A 867 -13.00 -4.08 -34.65
C PRO A 867 -11.99 -3.89 -35.77
N ASN A 868 -12.32 -4.34 -36.99
CA ASN A 868 -11.31 -4.32 -38.05
C ASN A 868 -10.90 -2.90 -38.36
N VAL A 869 -9.60 -2.70 -38.55
CA VAL A 869 -9.10 -1.39 -38.91
C VAL A 869 -9.34 -1.24 -40.44
N MET A 870 -10.25 -0.32 -40.81
CA MET A 870 -10.58 -0.04 -42.18
C MET A 870 -9.54 0.80 -42.84
N TYR A 871 -9.02 1.77 -42.10
CA TYR A 871 -7.99 2.65 -42.62
C TYR A 871 -7.19 3.29 -41.51
N ALA A 872 -5.92 3.60 -41.79
CA ALA A 872 -5.09 4.35 -40.87
C ALA A 872 -4.06 5.14 -41.67
N GLY A 873 -4.06 6.44 -41.49
CA GLY A 873 -3.13 7.28 -42.22
C GLY A 873 -3.00 8.66 -41.66
N ILE A 874 -2.05 9.40 -42.23
CA ILE A 874 -1.75 10.74 -41.81
C ILE A 874 -2.24 11.73 -42.86
N ALA A 875 -2.45 12.97 -42.45
CA ALA A 875 -2.91 14.02 -43.34
C ALA A 875 -2.36 15.36 -42.82
N GLU A 876 -2.09 16.30 -43.73
CA GLU A 876 -1.56 17.61 -43.40
C GLU A 876 -2.70 18.48 -42.89
N VAL A 877 -2.43 19.29 -41.86
CA VAL A 877 -3.39 20.24 -41.28
C VAL A 877 -2.85 21.65 -41.58
N LYS A 878 -3.57 22.43 -42.42
CA LYS A 878 -3.20 23.81 -42.78
C LYS A 878 -4.24 24.75 -42.26
N ASP A 879 -3.80 25.77 -41.53
CA ASP A 879 -4.64 26.81 -40.97
C ASP A 879 -5.92 26.25 -40.36
N GLY A 880 -5.74 25.25 -39.50
CA GLY A 880 -6.82 24.63 -38.76
C GLY A 880 -7.58 23.52 -39.43
N LEU A 881 -7.40 23.29 -40.73
CA LEU A 881 -8.19 22.29 -41.44
C LEU A 881 -7.36 21.19 -42.08
N PHE A 882 -8.03 20.12 -42.55
CA PHE A 882 -7.41 18.98 -43.23
C PHE A 882 -8.43 18.22 -44.01
N GLU A 883 -7.98 17.40 -44.96
CA GLU A 883 -8.90 16.53 -45.72
C GLU A 883 -8.13 15.35 -46.29
N THR A 884 -8.72 14.15 -46.22
CA THR A 884 -8.10 12.95 -46.74
C THR A 884 -9.19 12.04 -47.24
N SER A 885 -8.82 10.88 -47.76
CA SER A 885 -9.77 9.87 -48.23
C SER A 885 -9.20 8.50 -48.08
N PHE A 886 -10.06 7.49 -48.15
CA PHE A 886 -9.61 6.11 -48.05
C PHE A 886 -10.64 5.20 -48.68
N ILE A 887 -10.23 3.99 -49.07
CA ILE A 887 -11.12 2.99 -49.67
C ILE A 887 -11.49 2.00 -48.58
N VAL A 888 -12.80 1.74 -48.48
CA VAL A 888 -13.34 0.82 -47.50
C VAL A 888 -12.93 -0.56 -47.93
N PRO A 889 -12.30 -1.38 -47.09
CA PRO A 889 -11.91 -2.71 -47.54
C PRO A 889 -13.07 -3.68 -47.64
N LYS A 890 -12.93 -4.74 -48.45
CA LYS A 890 -13.97 -5.77 -48.54
C LYS A 890 -13.83 -6.62 -47.27
N ASP A 891 -14.40 -6.13 -46.14
CA ASP A 891 -14.27 -6.79 -44.83
C ASP A 891 -15.48 -6.58 -43.91
N VAL A 892 -15.59 -7.49 -42.90
CA VAL A 892 -16.63 -7.66 -41.86
C VAL A 892 -17.57 -6.45 -41.71
N ASN A 893 -18.84 -6.65 -42.05
CA ASN A 893 -19.88 -5.64 -41.87
C ASN A 893 -21.09 -6.19 -41.12
N TYR A 894 -21.03 -7.46 -40.64
CA TYR A 894 -22.10 -8.03 -39.85
C TYR A 894 -22.25 -7.22 -38.55
N SER A 895 -21.18 -6.46 -38.16
CA SER A 895 -21.20 -5.58 -36.98
C SER A 895 -22.38 -4.63 -37.04
N GLU A 896 -23.18 -4.68 -35.97
CA GLU A 896 -24.31 -3.81 -35.78
C GLU A 896 -23.74 -2.56 -35.20
N HIS A 897 -24.51 -1.47 -35.21
CA HIS A 897 -24.09 -0.22 -34.61
C HIS A 897 -22.83 0.40 -35.30
N GLU A 898 -22.43 1.53 -34.72
CA GLU A 898 -21.45 2.47 -35.21
C GLU A 898 -20.05 1.94 -35.31
N GLY A 899 -19.27 2.65 -36.08
CA GLY A 899 -17.84 2.44 -36.24
C GLY A 899 -17.13 3.44 -35.34
N ARG A 900 -15.83 3.61 -35.53
CA ARG A 900 -15.05 4.53 -34.69
C ARG A 900 -13.87 5.11 -35.46
N ILE A 901 -13.69 6.44 -35.36
CA ILE A 901 -12.58 7.13 -35.97
C ILE A 901 -11.85 7.83 -34.86
N ASN A 902 -10.57 7.47 -34.64
CA ASN A 902 -9.70 8.10 -33.65
C ASN A 902 -8.86 9.10 -34.37
N LEU A 903 -8.69 10.30 -33.81
CA LEU A 903 -7.87 11.32 -34.46
C LEU A 903 -6.96 11.91 -33.44
N TYR A 904 -5.73 12.23 -33.86
CA TYR A 904 -4.68 12.83 -33.05
C TYR A 904 -3.92 13.78 -33.94
N ALA A 905 -3.97 15.09 -33.66
CA ALA A 905 -3.22 16.08 -34.41
C ALA A 905 -2.09 16.64 -33.55
N TYR A 906 -0.99 17.03 -34.19
CA TYR A 906 0.15 17.64 -33.55
C TYR A 906 0.59 18.89 -34.32
N ASN A 907 0.57 20.06 -33.63
CA ASN A 907 1.02 21.34 -34.20
C ASN A 907 2.53 21.40 -34.03
N GLU A 908 3.30 21.21 -35.11
CA GLU A 908 4.76 21.12 -35.05
C GLU A 908 5.41 22.33 -34.37
N SER A 909 5.00 23.56 -34.69
CA SER A 909 5.58 24.75 -34.07
C SER A 909 5.25 24.89 -32.58
N THR A 910 3.98 24.83 -32.15
CA THR A 910 3.64 24.96 -30.71
C THR A 910 3.80 23.63 -29.90
N LYS A 911 4.16 22.49 -30.57
CA LYS A 911 4.24 21.18 -29.93
C LYS A 911 2.89 20.79 -29.24
N ALA A 912 1.76 21.44 -29.62
CA ALA A 912 0.45 21.23 -29.01
C ALA A 912 -0.26 20.03 -29.60
N GLU A 913 -1.01 19.31 -28.77
CA GLU A 913 -1.71 18.10 -29.25
C GLU A 913 -3.21 18.25 -29.26
N ALA A 914 -3.85 17.80 -30.34
CA ALA A 914 -5.29 17.79 -30.46
C ALA A 914 -5.76 16.36 -30.62
N MET A 915 -6.98 16.05 -30.15
CA MET A 915 -7.51 14.71 -30.24
C MET A 915 -9.01 14.67 -30.39
N GLY A 916 -9.50 13.66 -31.09
CA GLY A 916 -10.94 13.48 -31.33
C GLY A 916 -11.38 12.06 -31.58
N VAL A 917 -12.68 11.79 -31.33
CA VAL A 917 -13.30 10.48 -31.57
C VAL A 917 -14.62 10.67 -32.23
N ASP A 918 -14.92 9.91 -33.30
CA ASP A 918 -16.18 10.06 -34.02
C ASP A 918 -16.85 8.72 -34.19
N PHE A 919 -18.19 8.68 -34.04
CA PHE A 919 -18.98 7.45 -34.15
C PHE A 919 -20.11 7.58 -35.18
N SER A 920 -19.99 8.48 -36.14
CA SER A 920 -21.04 8.70 -37.14
C SER A 920 -21.12 7.59 -38.24
N ILE A 921 -20.00 6.89 -38.53
CA ILE A 921 -19.99 5.90 -39.62
C ILE A 921 -20.60 4.59 -39.19
N ARG A 922 -21.04 3.84 -40.18
CA ARG A 922 -21.60 2.51 -40.02
C ARG A 922 -21.32 1.78 -41.31
N VAL A 923 -20.71 0.59 -41.25
CA VAL A 923 -20.43 -0.16 -42.48
C VAL A 923 -21.65 -0.97 -42.90
N GLN A 924 -21.84 -1.12 -44.22
CA GLN A 924 -23.00 -1.84 -44.75
C GLN A 924 -22.60 -3.02 -45.65
N PRO A 925 -23.55 -3.98 -45.88
CA PRO A 925 -23.23 -5.13 -46.72
C PRO A 925 -22.82 -4.80 -48.16
N GLY A 926 -21.68 -5.36 -48.58
CA GLY A 926 -21.19 -5.25 -49.94
C GLY A 926 -21.91 -6.28 -50.77
N ILE A 927 -22.87 -5.84 -51.61
CA ILE A 927 -23.67 -6.76 -52.44
C ILE A 927 -22.77 -7.43 -53.48
N PRO A 928 -23.14 -8.63 -53.93
CA PRO A 928 -22.22 -9.42 -54.77
C PRO A 928 -22.30 -9.10 -56.27
N ASP A 929 -22.84 -7.92 -56.68
CA ASP A 929 -22.95 -7.53 -58.10
C ASP A 929 -21.62 -6.92 -58.58
N GLU A 930 -21.43 -6.88 -59.92
CA GLU A 930 -20.21 -6.40 -60.58
C GLU A 930 -18.97 -7.18 -60.08
N VAL A 931 -19.14 -8.48 -59.79
CA VAL A 931 -18.06 -9.35 -59.30
C VAL A 931 -17.09 -9.69 -60.45
N THR A 932 -17.59 -9.88 -61.69
CA THR A 932 -16.74 -10.16 -62.85
C THR A 932 -16.33 -8.85 -63.56
N GLU A 933 -16.40 -7.68 -62.87
CA GLU A 933 -16.06 -6.37 -63.41
C GLU A 933 -14.56 -6.07 -63.30
N ASP A 934 -13.85 -6.64 -62.29
CA ASP A 934 -12.43 -6.38 -62.07
C ASP A 934 -11.59 -6.98 -63.19
N ASN A 935 -11.43 -6.21 -64.27
CA ASN A 935 -10.57 -6.53 -65.41
C ASN A 935 -9.30 -5.64 -65.31
N THR A 936 -9.24 -4.72 -64.31
CA THR A 936 -8.11 -3.82 -64.05
C THR A 936 -7.07 -4.61 -63.29
N PRO A 937 -5.83 -4.80 -63.82
CA PRO A 937 -4.88 -5.66 -63.11
C PRO A 937 -4.25 -4.97 -61.91
N PRO A 938 -3.47 -5.69 -61.09
CA PRO A 938 -2.82 -5.03 -59.94
C PRO A 938 -1.87 -3.92 -60.38
N GLU A 939 -1.77 -2.86 -59.59
CA GLU A 939 -0.95 -1.69 -59.86
C GLU A 939 0.32 -1.77 -59.04
N ILE A 940 1.50 -1.76 -59.68
CA ILE A 940 2.77 -1.77 -58.95
C ILE A 940 3.02 -0.33 -58.53
N ILE A 941 2.80 -0.03 -57.25
CA ILE A 941 2.97 1.32 -56.71
C ILE A 941 4.44 1.72 -56.81
N SER A 942 5.33 0.82 -56.38
CA SER A 942 6.77 1.02 -56.46
C SER A 942 7.48 -0.32 -56.53
N CYS A 943 8.72 -0.32 -57.02
CA CYS A 943 9.54 -1.52 -57.14
C CYS A 943 11.01 -1.13 -57.10
N PHE A 944 11.66 -1.26 -55.92
CA PHE A 944 13.04 -0.84 -55.72
C PHE A 944 13.96 -1.95 -55.26
N LEU A 945 15.28 -1.63 -55.30
CA LEU A 945 16.37 -2.45 -54.78
C LEU A 945 17.14 -1.56 -53.79
N ASN A 946 17.33 -2.06 -52.54
CA ASN A 946 18.06 -1.41 -51.43
C ASN A 946 17.45 -0.06 -50.95
N ASP A 947 17.44 1.00 -51.76
CA ASP A 947 16.91 2.30 -51.31
C ASP A 947 15.72 2.76 -52.16
N SER A 948 15.01 3.77 -51.62
CA SER A 948 13.87 4.41 -52.28
C SER A 948 14.30 5.17 -53.54
N THR A 949 15.55 5.71 -53.56
CA THR A 949 16.12 6.44 -54.70
C THR A 949 16.80 5.46 -55.68
N PHE A 950 15.97 4.58 -56.31
CA PHE A 950 16.40 3.58 -57.29
C PHE A 950 15.62 3.71 -58.57
N ARG A 951 16.30 4.14 -59.66
CA ARG A 951 15.73 4.18 -61.00
C ARG A 951 16.22 2.90 -61.71
N SER A 952 15.48 2.39 -62.71
CA SER A 952 15.89 1.15 -63.38
C SER A 952 17.25 1.33 -64.06
N GLY A 953 18.11 0.35 -63.89
CA GLY A 953 19.45 0.33 -64.46
C GLY A 953 20.53 0.90 -63.57
N ASP A 954 20.22 1.23 -62.29
CA ASP A 954 21.23 1.78 -61.38
C ASP A 954 22.18 0.69 -60.86
N GLU A 955 23.35 1.11 -60.38
CA GLU A 955 24.38 0.19 -59.87
C GLU A 955 23.94 -0.41 -58.50
N VAL A 956 23.86 -1.73 -58.41
CA VAL A 956 23.48 -2.42 -57.18
C VAL A 956 24.49 -3.52 -56.84
N ASN A 957 24.46 -3.99 -55.58
CA ASN A 957 25.36 -5.02 -55.05
C ASN A 957 24.87 -6.47 -55.37
N PRO A 958 25.72 -7.55 -55.29
CA PRO A 958 25.26 -8.91 -55.64
C PRO A 958 24.06 -9.53 -54.88
N THR A 959 23.70 -9.00 -53.71
CA THR A 959 22.55 -9.52 -52.96
C THR A 959 21.59 -8.37 -52.67
N PRO A 960 20.93 -7.77 -53.66
CA PRO A 960 20.06 -6.63 -53.36
C PRO A 960 18.83 -6.99 -52.55
N LEU A 961 18.31 -6.01 -51.81
CA LEU A 961 17.09 -6.14 -51.02
C LEU A 961 15.91 -5.66 -51.88
N PHE A 962 15.09 -6.61 -52.37
CA PHE A 962 13.96 -6.35 -53.26
C PHE A 962 12.73 -5.88 -52.49
N MET A 963 12.29 -4.61 -52.66
CA MET A 963 11.07 -4.12 -51.99
C MET A 963 10.08 -3.64 -53.02
N ALA A 964 8.79 -4.01 -52.89
CA ALA A 964 7.81 -3.55 -53.86
C ALA A 964 6.42 -3.39 -53.24
N GLU A 965 5.81 -2.22 -53.41
CA GLU A 965 4.46 -1.93 -52.93
C GLU A 965 3.54 -2.23 -54.12
N VAL A 966 2.45 -2.97 -53.87
CA VAL A 966 1.52 -3.44 -54.90
C VAL A 966 0.09 -3.13 -54.46
N PHE A 967 -0.84 -3.01 -55.42
CA PHE A 967 -2.24 -2.71 -55.11
C PHE A 967 -3.27 -3.31 -56.10
N ASP A 968 -4.27 -4.02 -55.58
CA ASP A 968 -5.45 -4.45 -56.33
C ASP A 968 -6.61 -4.33 -55.38
N LEU A 969 -7.72 -3.74 -55.86
CA LEU A 969 -8.93 -3.53 -55.05
C LEU A 969 -9.50 -4.84 -54.50
N ASN A 970 -9.42 -5.95 -55.26
CA ASN A 970 -9.96 -7.24 -54.82
C ASN A 970 -8.87 -8.20 -54.27
N GLY A 971 -7.63 -7.73 -54.12
CA GLY A 971 -6.53 -8.49 -53.51
C GLY A 971 -5.60 -9.24 -54.42
N ILE A 972 -4.36 -9.53 -53.92
CA ILE A 972 -3.30 -10.26 -54.66
C ILE A 972 -3.40 -11.75 -54.29
N ASN A 973 -3.26 -12.63 -55.29
CA ASN A 973 -3.36 -14.08 -55.09
C ASN A 973 -2.07 -14.64 -54.52
N ILE A 974 -2.14 -15.09 -53.26
CA ILE A 974 -1.04 -15.72 -52.53
C ILE A 974 -1.29 -17.22 -52.42
N THR A 975 -2.51 -17.69 -52.77
CA THR A 975 -3.05 -19.06 -52.68
C THR A 975 -2.01 -20.17 -52.87
N GLY A 976 -1.22 -20.08 -53.93
CA GLY A 976 -0.22 -21.09 -54.24
C GLY A 976 -0.75 -22.08 -55.25
N SER A 977 0.10 -22.51 -56.20
CA SER A 977 -0.26 -23.44 -57.29
C SER A 977 -1.35 -22.83 -58.22
N GLY A 978 -2.05 -23.68 -58.98
CA GLY A 978 -3.08 -23.22 -59.89
C GLY A 978 -2.47 -22.48 -61.06
N VAL A 979 -1.54 -23.17 -61.76
CA VAL A 979 -0.77 -22.67 -62.91
C VAL A 979 0.18 -21.52 -62.38
N GLY A 980 0.66 -20.62 -63.25
CA GLY A 980 1.55 -19.54 -62.87
C GLY A 980 0.86 -18.35 -62.25
N HIS A 981 0.01 -18.59 -61.22
CA HIS A 981 -0.74 -17.55 -60.50
C HIS A 981 0.10 -16.97 -59.34
N ASP A 982 1.26 -17.59 -59.05
CA ASP A 982 2.14 -17.16 -57.96
C ASP A 982 2.84 -15.84 -58.26
N ILE A 983 3.15 -15.06 -57.21
CA ILE A 983 3.93 -13.83 -57.34
C ILE A 983 5.34 -14.32 -57.66
N THR A 984 5.93 -13.91 -58.78
CA THR A 984 7.26 -14.43 -59.14
C THR A 984 8.22 -13.36 -59.60
N LEU A 985 9.51 -13.54 -59.26
CA LEU A 985 10.62 -12.70 -59.69
C LEU A 985 11.54 -13.59 -60.53
N CYS A 986 11.56 -13.37 -61.86
CA CYS A 986 12.35 -14.18 -62.79
C CYS A 986 13.51 -13.37 -63.34
N ILE A 987 14.69 -13.54 -62.73
CA ILE A 987 15.90 -12.84 -63.17
C ILE A 987 16.45 -13.50 -64.44
N ASP A 988 16.71 -12.67 -65.47
CA ASP A 988 17.26 -13.08 -66.78
C ASP A 988 16.44 -14.19 -67.45
N GLY A 989 15.11 -14.07 -67.35
CA GLY A 989 14.17 -15.02 -67.96
C GLY A 989 14.58 -16.48 -67.85
N ARG A 990 15.01 -16.94 -66.69
CA ARG A 990 15.43 -18.33 -66.55
C ARG A 990 14.85 -18.95 -65.30
N ALA A 991 14.31 -20.18 -65.44
CA ALA A 991 13.70 -20.96 -64.36
C ALA A 991 14.69 -21.14 -63.21
N ASP A 992 15.97 -21.29 -63.57
CA ASP A 992 17.14 -21.30 -62.69
C ASP A 992 17.08 -20.21 -61.63
N LEU A 993 16.62 -19.00 -62.04
CA LEU A 993 16.49 -17.84 -61.16
C LEU A 993 15.05 -17.30 -61.11
N THR A 994 14.04 -18.19 -60.92
CA THR A 994 12.64 -17.79 -60.78
C THR A 994 12.27 -18.03 -59.33
N TYR A 995 11.90 -16.97 -58.58
CA TYR A 995 11.60 -17.03 -57.15
C TYR A 995 10.11 -16.79 -56.82
N ASN A 996 9.43 -17.76 -56.17
CA ASN A 996 8.02 -17.57 -55.75
C ASN A 996 8.02 -16.68 -54.56
N LEU A 997 7.40 -15.49 -54.66
CA LEU A 997 7.43 -14.57 -53.53
C LEU A 997 6.11 -14.52 -52.72
N ASN A 998 5.22 -15.57 -52.80
CA ASN A 998 3.98 -15.62 -52.00
C ASN A 998 4.27 -15.49 -50.51
N ALA A 999 5.34 -16.17 -50.04
CA ALA A 999 5.75 -16.15 -48.64
C ALA A 999 6.35 -14.82 -48.20
N TYR A 1000 6.71 -13.94 -49.14
CA TYR A 1000 7.33 -12.66 -48.85
C TYR A 1000 6.36 -11.49 -48.98
N PHE A 1001 5.12 -11.76 -49.43
CA PHE A 1001 4.07 -10.75 -49.54
C PHE A 1001 3.34 -10.59 -48.18
N THR A 1002 3.09 -9.34 -47.77
CA THR A 1002 2.39 -9.02 -46.51
C THR A 1002 1.31 -7.98 -46.82
N SER A 1003 0.03 -8.38 -46.74
CA SER A 1003 -1.10 -7.50 -47.02
C SER A 1003 -1.12 -6.33 -46.02
N SER A 1004 -1.46 -5.13 -46.49
CA SER A 1004 -1.47 -3.93 -45.64
C SER A 1004 -2.62 -3.97 -44.67
N ALA A 1005 -2.32 -3.92 -43.37
CA ALA A 1005 -3.39 -3.88 -42.36
C ALA A 1005 -4.03 -2.48 -42.27
N THR A 1006 -3.41 -1.46 -42.91
CA THR A 1006 -3.75 -0.05 -42.81
C THR A 1006 -4.35 0.58 -44.10
N ASP A 1007 -3.99 0.09 -45.32
CA ASP A 1007 -4.46 0.68 -46.59
C ASP A 1007 -5.10 -0.39 -47.48
N ALA A 1008 -6.44 -0.33 -47.63
CA ALA A 1008 -7.23 -1.29 -48.41
C ALA A 1008 -6.65 -1.57 -49.79
N GLY A 1009 -6.52 -2.86 -50.11
CA GLY A 1009 -6.00 -3.35 -51.38
C GLY A 1009 -4.49 -3.36 -51.50
N VAL A 1010 -3.79 -2.60 -50.62
CA VAL A 1010 -2.35 -2.47 -50.68
C VAL A 1010 -1.69 -3.70 -50.07
N GLY A 1011 -0.54 -4.04 -50.63
CA GLY A 1011 0.30 -5.14 -50.17
C GLY A 1011 1.76 -4.83 -50.40
N THR A 1012 2.68 -5.56 -49.71
CA THR A 1012 4.13 -5.33 -49.87
C THR A 1012 4.98 -6.60 -49.89
N ILE A 1013 5.81 -6.71 -50.93
CA ILE A 1013 6.79 -7.77 -51.07
C ILE A 1013 8.11 -7.25 -50.53
N LEU A 1014 8.80 -8.10 -49.74
CA LEU A 1014 10.12 -7.82 -49.19
C LEU A 1014 10.91 -9.14 -49.20
N PHE A 1015 11.95 -9.21 -50.06
CA PHE A 1015 12.76 -10.40 -50.30
C PHE A 1015 14.24 -10.01 -50.48
N MET A 1016 15.19 -10.87 -50.04
CA MET A 1016 16.64 -10.64 -50.26
C MET A 1016 17.04 -11.51 -51.45
N ILE A 1017 17.35 -10.89 -52.59
CA ILE A 1017 17.68 -11.62 -53.83
C ILE A 1017 18.97 -12.40 -53.60
N PRO A 1018 19.01 -13.74 -53.84
CA PRO A 1018 20.26 -14.47 -53.64
C PRO A 1018 21.31 -13.99 -54.65
N ALA A 1019 22.58 -14.09 -54.19
CA ALA A 1019 23.81 -13.70 -54.87
C ALA A 1019 23.74 -13.87 -56.39
N LEU A 1020 24.01 -12.78 -57.12
CA LEU A 1020 24.09 -12.73 -58.57
C LEU A 1020 25.46 -12.27 -58.98
N ALA A 1021 25.98 -12.77 -60.12
CA ALA A 1021 27.30 -12.38 -60.60
C ALA A 1021 27.33 -10.95 -61.10
N GLU A 1022 28.54 -10.36 -61.13
CA GLU A 1022 28.78 -8.99 -61.58
C GLU A 1022 28.35 -8.81 -63.03
N GLY A 1023 27.77 -7.66 -63.34
CA GLY A 1023 27.33 -7.35 -64.70
C GLY A 1023 25.91 -6.86 -64.78
N ASP A 1024 25.46 -6.55 -66.00
CA ASP A 1024 24.09 -6.08 -66.25
C ASP A 1024 23.11 -7.24 -66.14
N HIS A 1025 21.93 -6.96 -65.56
CA HIS A 1025 20.89 -7.98 -65.39
C HIS A 1025 19.52 -7.39 -65.69
N THR A 1026 18.57 -8.28 -65.87
CA THR A 1026 17.17 -7.96 -66.15
C THR A 1026 16.30 -8.83 -65.28
N ALA A 1027 15.12 -8.33 -64.88
CA ALA A 1027 14.19 -9.10 -64.07
C ALA A 1027 12.77 -8.63 -64.30
N ARG A 1028 11.80 -9.55 -64.14
CA ARG A 1028 10.38 -9.28 -64.31
C ARG A 1028 9.60 -9.72 -63.08
N LEU A 1029 8.87 -8.79 -62.46
CA LEU A 1029 7.98 -9.11 -61.34
C LEU A 1029 6.60 -9.29 -61.89
N THR A 1030 5.96 -10.45 -61.65
CA THR A 1030 4.59 -10.70 -62.10
C THR A 1030 3.73 -10.95 -60.85
N VAL A 1031 2.57 -10.31 -60.77
CA VAL A 1031 1.63 -10.45 -59.65
C VAL A 1031 0.23 -10.63 -60.22
N TRP A 1032 -0.54 -11.53 -59.63
CA TRP A 1032 -1.90 -11.84 -60.07
C TRP A 1032 -2.88 -11.54 -59.00
N ASP A 1033 -4.12 -11.20 -59.37
CA ASP A 1033 -5.18 -10.97 -58.39
C ASP A 1033 -6.10 -12.17 -58.33
N ILE A 1034 -6.96 -12.17 -57.32
CA ILE A 1034 -7.91 -13.25 -57.11
C ILE A 1034 -8.84 -13.43 -58.35
N PHE A 1035 -9.20 -12.34 -59.06
CA PHE A 1035 -10.07 -12.41 -60.27
C PHE A 1035 -9.25 -12.82 -61.55
N ASN A 1036 -8.00 -13.38 -61.39
CA ASN A 1036 -7.12 -13.92 -62.45
C ASN A 1036 -6.47 -12.89 -63.40
N ASN A 1037 -6.66 -11.55 -63.18
CA ASN A 1037 -6.00 -10.53 -64.01
C ASN A 1037 -4.53 -10.46 -63.55
N ALA A 1038 -3.57 -10.42 -64.48
CA ALA A 1038 -2.13 -10.36 -64.13
C ALA A 1038 -1.47 -9.04 -64.60
N VAL A 1039 -0.26 -8.78 -64.09
CA VAL A 1039 0.55 -7.61 -64.43
C VAL A 1039 2.01 -8.01 -64.38
N HIS A 1040 2.84 -7.38 -65.23
CA HIS A 1040 4.29 -7.60 -65.28
C HIS A 1040 4.98 -6.28 -65.00
N HIS A 1041 6.20 -6.33 -64.51
CA HIS A 1041 6.98 -5.12 -64.29
C HIS A 1041 8.42 -5.45 -64.52
N ASP A 1042 8.95 -5.00 -65.66
CA ASP A 1042 10.31 -5.24 -66.07
C ASP A 1042 11.22 -4.08 -65.65
N PHE A 1043 12.41 -4.43 -65.19
CA PHE A 1043 13.42 -3.49 -64.77
C PHE A 1043 14.80 -4.15 -64.88
N SER A 1044 15.83 -3.32 -64.95
CA SER A 1044 17.21 -3.77 -65.07
C SER A 1044 18.06 -3.18 -63.95
N PHE A 1045 19.25 -3.72 -63.74
CA PHE A 1045 20.18 -3.26 -62.72
C PHE A 1045 21.57 -3.82 -63.03
N ARG A 1046 22.64 -3.06 -62.73
CA ARG A 1046 24.01 -3.56 -62.95
C ARG A 1046 24.56 -3.98 -61.59
N VAL A 1047 24.97 -5.26 -61.46
CA VAL A 1047 25.55 -5.78 -60.22
C VAL A 1047 27.03 -5.41 -60.21
N VAL A 1048 27.46 -4.67 -59.17
CA VAL A 1048 28.85 -4.24 -59.01
C VAL A 1048 29.30 -4.75 -57.66
N ASP A 1049 30.38 -5.53 -57.61
CA ASP A 1049 30.79 -6.09 -56.33
C ASP A 1049 31.28 -4.96 -55.40
N GLY A 1050 30.63 -4.88 -54.24
CA GLY A 1050 30.92 -3.90 -53.20
C GLY A 1050 30.79 -2.45 -53.62
N ILE A 1051 29.56 -2.02 -54.00
CA ILE A 1051 29.31 -0.62 -54.39
C ILE A 1051 28.19 0.03 -53.55
N ALA A 1052 27.07 -0.69 -53.28
CA ALA A 1052 25.94 -0.12 -52.55
C ALA A 1052 26.21 0.02 -51.05
N PRO A 1053 25.46 0.88 -50.33
CA PRO A 1053 25.65 0.97 -48.88
C PRO A 1053 24.85 -0.11 -48.18
N ASP A 1054 24.99 -0.23 -46.88
CA ASP A 1054 24.24 -1.24 -46.16
C ASP A 1054 22.95 -0.61 -45.73
N VAL A 1055 21.86 -1.36 -45.91
CA VAL A 1055 20.50 -0.91 -45.58
C VAL A 1055 19.59 -2.11 -45.28
N ALA A 1056 18.58 -1.88 -44.44
CA ALA A 1056 17.60 -2.89 -44.08
C ALA A 1056 16.21 -2.29 -43.94
N ASP A 1057 15.18 -3.14 -44.08
CA ASP A 1057 13.77 -2.78 -43.90
C ASP A 1057 13.17 -3.81 -42.96
N VAL A 1058 12.04 -3.45 -42.33
CA VAL A 1058 11.39 -4.30 -41.34
C VAL A 1058 9.88 -4.34 -41.55
N ILE A 1059 9.25 -5.46 -41.21
CA ILE A 1059 7.80 -5.64 -41.26
C ILE A 1059 7.36 -6.05 -39.87
N LEU A 1060 6.21 -5.53 -39.45
CA LEU A 1060 5.64 -5.79 -38.14
C LEU A 1060 4.58 -6.86 -38.30
N PHE A 1061 4.63 -7.89 -37.43
CA PHE A 1061 3.63 -8.95 -37.36
C PHE A 1061 3.21 -9.04 -35.88
N PRO A 1062 1.95 -8.87 -35.50
CA PRO A 1062 0.76 -8.57 -36.30
C PRO A 1062 0.56 -7.07 -36.35
N ASN A 1063 -0.47 -6.64 -37.03
CA ASN A 1063 -0.82 -5.22 -37.09
C ASN A 1063 -2.32 -5.16 -37.38
N PRO A 1064 -3.15 -4.65 -36.45
CA PRO A 1064 -2.79 -3.98 -35.17
C PRO A 1064 -2.11 -4.90 -34.17
N VAL A 1065 -1.48 -4.28 -33.16
CA VAL A 1065 -0.76 -4.96 -32.08
C VAL A 1065 -1.67 -5.05 -30.85
N ARG A 1066 -1.79 -6.26 -30.28
CA ARG A 1066 -2.64 -6.48 -29.12
C ARG A 1066 -1.74 -6.47 -27.88
N GLU A 1067 -0.98 -7.56 -27.62
CA GLU A 1067 -0.14 -7.66 -26.42
C GLU A 1067 1.35 -7.49 -26.74
N SER A 1068 1.87 -8.24 -27.71
CA SER A 1068 3.27 -8.14 -28.12
C SER A 1068 3.39 -7.86 -29.62
N ALA A 1069 4.55 -7.36 -30.03
CA ALA A 1069 4.89 -7.04 -31.43
C ALA A 1069 6.16 -7.75 -31.85
N THR A 1070 6.20 -8.31 -33.08
CA THR A 1070 7.40 -8.96 -33.60
C THR A 1070 7.83 -8.20 -34.83
N PHE A 1071 9.12 -7.95 -34.94
CA PHE A 1071 9.69 -7.19 -36.06
C PHE A 1071 10.63 -8.07 -36.81
N ARG A 1072 10.35 -8.36 -38.10
CA ARG A 1072 11.22 -9.21 -38.94
C ARG A 1072 12.04 -8.31 -39.84
N ILE A 1073 13.36 -8.32 -39.71
CA ILE A 1073 14.24 -7.44 -40.47
C ILE A 1073 14.94 -8.20 -41.61
N PHE A 1074 14.93 -7.59 -42.82
CA PHE A 1074 15.58 -8.08 -44.04
C PHE A 1074 16.67 -7.08 -44.43
N HIS A 1075 17.89 -7.54 -44.83
CA HIS A 1075 19.02 -6.66 -45.23
C HIS A 1075 19.65 -7.03 -46.58
N ASN A 1076 20.63 -6.24 -47.05
CA ASN A 1076 21.29 -6.44 -48.35
C ASN A 1076 22.72 -7.01 -48.24
N ARG A 1077 23.26 -7.16 -47.02
CA ARG A 1077 24.59 -7.71 -46.79
C ARG A 1077 24.39 -9.00 -45.97
N PRO A 1078 24.00 -10.14 -46.60
CA PRO A 1078 23.84 -11.38 -45.84
C PRO A 1078 25.19 -11.97 -45.48
N GLY A 1079 25.20 -12.77 -44.44
CA GLY A 1079 26.43 -13.38 -43.96
C GLY A 1079 27.45 -12.31 -43.62
N SER A 1080 27.02 -11.36 -42.80
CA SER A 1080 27.86 -10.26 -42.35
C SER A 1080 27.18 -9.58 -41.17
N ASP A 1081 27.98 -9.25 -40.15
CA ASP A 1081 27.47 -8.57 -38.95
C ASP A 1081 27.14 -7.11 -39.30
N LEU A 1082 26.11 -6.55 -38.65
CA LEU A 1082 25.58 -5.24 -38.97
C LEU A 1082 24.81 -4.66 -37.80
N ASN A 1083 25.07 -3.39 -37.36
CA ASN A 1083 24.26 -2.85 -36.27
C ASN A 1083 22.95 -2.33 -36.82
N VAL A 1084 21.86 -3.04 -36.57
CA VAL A 1084 20.53 -2.62 -37.00
C VAL A 1084 19.73 -2.33 -35.74
N VAL A 1085 18.77 -1.42 -35.86
CA VAL A 1085 17.91 -1.01 -34.75
C VAL A 1085 16.54 -0.74 -35.26
N VAL A 1086 15.50 -1.16 -34.52
CA VAL A 1086 14.11 -0.86 -34.88
C VAL A 1086 13.68 0.30 -34.00
N GLU A 1087 13.31 1.44 -34.59
CA GLU A 1087 12.87 2.64 -33.85
C GLU A 1087 11.35 2.80 -33.90
N ILE A 1088 10.71 3.08 -32.74
CA ILE A 1088 9.27 3.33 -32.72
C ILE A 1088 9.04 4.75 -32.26
N TYR A 1089 8.11 5.46 -32.93
CA TYR A 1089 7.76 6.86 -32.65
C TYR A 1089 6.28 7.03 -32.43
N ASP A 1090 5.91 8.12 -31.77
CA ASP A 1090 4.48 8.42 -31.54
C ASP A 1090 4.06 9.55 -32.50
N PHE A 1091 2.73 9.84 -32.58
CA PHE A 1091 2.22 10.88 -33.48
C PHE A 1091 2.86 12.25 -33.25
N THR A 1092 3.39 12.54 -32.02
CA THR A 1092 4.08 13.82 -31.76
C THR A 1092 5.54 13.80 -32.26
N GLY A 1093 6.01 12.66 -32.76
CA GLY A 1093 7.35 12.50 -33.31
C GLY A 1093 8.38 12.06 -32.30
N ARG A 1094 7.99 11.98 -31.02
CA ARG A 1094 8.90 11.60 -29.96
C ARG A 1094 9.20 10.12 -30.07
N LEU A 1095 10.45 9.73 -29.84
CA LEU A 1095 10.85 8.34 -29.90
C LEU A 1095 10.33 7.60 -28.69
N VAL A 1096 9.57 6.53 -28.93
CA VAL A 1096 9.04 5.68 -27.87
C VAL A 1096 10.16 4.77 -27.37
N ASN A 1097 10.85 4.14 -28.32
CA ASN A 1097 11.95 3.25 -28.00
C ASN A 1097 12.75 2.91 -29.26
N SER A 1098 13.94 2.37 -29.04
CA SER A 1098 14.85 1.92 -30.09
C SER A 1098 15.35 0.52 -29.70
N LEU A 1099 14.81 -0.51 -30.34
CA LEU A 1099 15.15 -1.90 -30.08
C LEU A 1099 16.35 -2.28 -30.94
N PRO A 1100 17.56 -2.48 -30.35
CA PRO A 1100 18.74 -2.75 -31.19
C PRO A 1100 18.98 -4.23 -31.43
N VAL A 1101 19.62 -4.55 -32.56
CA VAL A 1101 19.93 -5.95 -32.90
C VAL A 1101 21.24 -6.05 -33.71
N LYS A 1102 21.95 -7.18 -33.55
CA LYS A 1102 23.20 -7.46 -34.25
C LYS A 1102 23.05 -8.74 -35.07
N THR A 1103 23.38 -8.67 -36.38
CA THR A 1103 23.36 -9.87 -37.25
C THR A 1103 24.76 -10.41 -37.16
N TYR A 1104 24.96 -11.64 -37.64
CA TYR A 1104 26.27 -12.27 -37.59
C TYR A 1104 26.44 -13.23 -38.76
N SER A 1105 27.62 -13.88 -38.83
CA SER A 1105 27.92 -14.89 -39.84
C SER A 1105 26.99 -16.11 -39.67
N SER A 1106 26.49 -16.34 -38.41
CA SER A 1106 25.57 -17.44 -38.03
C SER A 1106 24.12 -17.33 -38.61
N SER A 1107 23.73 -16.19 -39.25
CA SER A 1107 22.38 -16.06 -39.83
C SER A 1107 22.23 -16.84 -41.15
N TYR A 1108 23.28 -16.87 -42.01
CA TYR A 1108 23.29 -17.56 -43.32
C TYR A 1108 22.27 -16.96 -44.32
N GLY A 1109 22.08 -15.64 -44.29
CA GLY A 1109 21.18 -14.96 -45.21
C GLY A 1109 19.70 -15.22 -44.93
N GLU A 1110 19.36 -15.19 -43.66
CA GLU A 1110 18.02 -15.39 -43.10
C GLU A 1110 17.60 -14.11 -42.42
N PRO A 1111 16.31 -13.70 -42.49
CA PRO A 1111 15.91 -12.48 -41.77
C PRO A 1111 15.96 -12.68 -40.25
N ILE A 1112 16.09 -11.57 -39.52
CA ILE A 1112 16.19 -11.57 -38.07
C ILE A 1112 14.85 -11.18 -37.50
N GLU A 1113 14.45 -11.77 -36.37
CA GLU A 1113 13.21 -11.40 -35.69
C GLU A 1113 13.52 -10.82 -34.30
N ILE A 1114 12.71 -9.83 -33.90
CA ILE A 1114 12.78 -9.13 -32.60
C ILE A 1114 11.40 -9.16 -32.01
N LYS A 1115 11.25 -9.65 -30.78
CA LYS A 1115 9.97 -9.61 -30.07
C LYS A 1115 9.98 -8.30 -29.23
N TRP A 1116 8.84 -7.60 -29.07
CA TRP A 1116 8.77 -6.37 -28.29
C TRP A 1116 7.59 -6.40 -27.34
N ASP A 1117 7.85 -6.13 -26.05
CA ASP A 1117 6.85 -6.15 -24.99
C ASP A 1117 6.09 -4.83 -24.89
N LEU A 1118 6.24 -3.91 -25.87
CA LEU A 1118 5.54 -2.64 -25.95
C LEU A 1118 5.93 -1.68 -24.81
N THR A 1119 7.11 -1.84 -24.19
CA THR A 1119 7.53 -0.96 -23.09
C THR A 1119 8.33 0.23 -23.64
N SER A 1120 8.04 1.44 -23.14
CA SER A 1120 8.73 2.65 -23.57
C SER A 1120 10.14 2.71 -23.04
N LYS A 1121 10.89 3.70 -23.57
CA LYS A 1121 12.24 3.98 -23.13
C LYS A 1121 12.29 4.28 -21.63
N TYR A 1122 11.18 4.77 -21.00
CA TYR A 1122 11.14 5.01 -19.55
C TYR A 1122 10.62 3.77 -18.78
N GLY A 1123 10.50 2.61 -19.45
CA GLY A 1123 10.09 1.35 -18.82
C GLY A 1123 8.66 1.32 -18.34
N VAL A 1124 7.75 1.63 -19.24
CA VAL A 1124 6.33 1.72 -19.01
C VAL A 1124 5.63 1.18 -20.26
N LYS A 1125 4.55 0.37 -20.14
CA LYS A 1125 3.91 -0.15 -21.36
C LYS A 1125 3.20 0.98 -22.10
N ILE A 1126 3.33 1.01 -23.44
CA ILE A 1126 2.72 2.06 -24.29
C ILE A 1126 1.20 1.86 -24.34
N GLY A 1127 0.46 2.94 -24.59
CA GLY A 1127 -1.00 2.89 -24.69
C GLY A 1127 -1.52 2.67 -26.10
N ASN A 1128 -2.82 2.52 -26.27
CA ASN A 1128 -3.35 2.32 -27.62
C ASN A 1128 -3.10 3.52 -28.49
N GLY A 1129 -2.85 3.31 -29.77
CA GLY A 1129 -2.65 4.46 -30.66
C GLY A 1129 -1.93 4.17 -31.96
N PHE A 1130 -1.73 5.23 -32.73
CA PHE A 1130 -1.04 5.21 -34.01
C PHE A 1130 0.42 5.50 -33.76
N TYR A 1131 1.31 4.56 -34.13
CA TYR A 1131 2.76 4.71 -33.99
C TYR A 1131 3.43 4.59 -35.34
N LEU A 1132 4.73 4.89 -35.39
CA LEU A 1132 5.49 4.77 -36.61
C LEU A 1132 6.77 4.01 -36.36
N TYR A 1133 6.93 2.84 -37.01
CA TYR A 1133 8.10 1.98 -36.86
C TYR A 1133 8.95 2.11 -38.10
N ARG A 1134 10.25 1.93 -37.92
CA ARG A 1134 11.26 2.00 -38.97
C ARG A 1134 12.51 1.35 -38.43
N CYS A 1135 13.49 1.08 -39.29
CA CYS A 1135 14.74 0.55 -38.77
C CYS A 1135 15.90 1.27 -39.40
N VAL A 1136 16.97 1.43 -38.63
CA VAL A 1136 18.16 2.16 -39.04
C VAL A 1136 19.36 1.24 -38.94
N VAL A 1137 20.28 1.34 -39.90
CA VAL A 1137 21.49 0.52 -39.96
C VAL A 1137 22.66 1.44 -39.64
N ASN A 1138 23.23 1.31 -38.43
CA ASN A 1138 24.34 2.14 -37.99
C ASN A 1138 25.62 1.60 -38.61
N SER A 1139 25.94 2.05 -39.84
CA SER A 1139 27.16 1.64 -40.54
C SER A 1139 28.33 2.52 -40.06
N PRO A 1140 29.59 2.25 -40.45
CA PRO A 1140 30.70 3.09 -39.97
C PRO A 1140 30.63 4.52 -40.54
N GLY A 1141 30.50 4.63 -41.85
CA GLY A 1141 30.42 5.91 -42.55
C GLY A 1141 29.00 6.33 -42.81
N GLY A 1142 28.27 6.68 -41.74
CA GLY A 1142 26.89 7.14 -41.81
C GLY A 1142 25.83 6.21 -41.22
N GLN A 1143 24.54 6.56 -41.43
CA GLN A 1143 23.38 5.81 -40.91
C GLN A 1143 22.25 5.84 -41.93
N THR A 1144 21.79 4.67 -42.39
CA THR A 1144 20.75 4.54 -43.42
C THR A 1144 19.46 4.08 -42.74
N ALA A 1145 18.37 4.86 -42.86
CA ALA A 1145 17.07 4.53 -42.26
C ALA A 1145 16.14 3.97 -43.31
N SER A 1146 15.08 3.28 -42.90
CA SER A 1146 14.08 2.75 -43.81
C SER A 1146 12.88 3.69 -43.81
N MET A 1147 11.85 3.34 -44.59
CA MET A 1147 10.61 4.13 -44.66
C MET A 1147 9.78 3.91 -43.39
N ALA A 1148 9.22 4.99 -42.79
CA ALA A 1148 8.40 4.81 -41.60
C ALA A 1148 7.16 4.07 -41.98
N LYS A 1149 6.70 3.18 -41.12
CA LYS A 1149 5.54 2.34 -41.37
C LYS A 1149 4.53 2.52 -40.25
N LYS A 1150 3.24 2.51 -40.61
CA LYS A 1150 2.16 2.68 -39.64
C LYS A 1150 2.03 1.41 -38.74
N MET A 1151 1.92 1.61 -37.41
CA MET A 1151 1.71 0.58 -36.40
C MET A 1151 0.57 1.01 -35.52
N ILE A 1152 -0.50 0.20 -35.43
CA ILE A 1152 -1.67 0.53 -34.59
C ILE A 1152 -1.71 -0.40 -33.36
N VAL A 1153 -1.81 0.17 -32.14
CA VAL A 1153 -1.91 -0.57 -30.87
C VAL A 1153 -3.37 -0.50 -30.40
N VAL A 1154 -3.96 -1.65 -29.96
CA VAL A 1154 -5.39 -1.71 -29.61
C VAL A 1154 -5.76 -2.37 -28.26
N ALA A 1155 -4.95 -3.28 -27.67
CA ALA A 1155 -5.37 -3.93 -26.40
C ALA A 1155 -4.51 -3.53 -25.21
N GLN A 1156 -4.44 -2.26 -24.97
CA GLN A 1156 -3.74 -1.69 -23.85
C GLN A 1156 -4.77 -0.86 -23.09
N SER B 16 -23.64 -48.05 7.87
CA SER B 16 -23.91 -48.07 9.32
C SER B 16 -22.76 -48.81 10.03
N SER B 17 -22.67 -50.17 9.94
CA SER B 17 -21.52 -50.92 10.50
C SER B 17 -20.23 -50.44 9.80
N ALA B 18 -20.36 -49.96 8.54
CA ALA B 18 -19.29 -49.38 7.74
C ALA B 18 -18.84 -48.02 8.33
N ARG B 19 -19.73 -47.36 9.11
CA ARG B 19 -19.42 -46.11 9.82
C ARG B 19 -18.32 -46.40 10.86
N LEU B 20 -18.49 -47.52 11.63
CA LEU B 20 -17.50 -47.97 12.62
C LEU B 20 -16.14 -48.22 11.94
N GLN B 21 -16.12 -48.88 10.74
CA GLN B 21 -14.88 -49.16 9.97
C GLN B 21 -14.23 -47.90 9.39
N GLN B 22 -14.98 -46.81 9.19
CA GLN B 22 -14.39 -45.57 8.70
C GLN B 22 -13.62 -44.86 9.83
N ARG B 23 -14.31 -44.63 10.99
CA ARG B 23 -13.74 -43.96 12.18
C ARG B 23 -12.52 -44.71 12.66
N ALA B 24 -12.68 -46.04 12.91
CA ALA B 24 -11.62 -46.96 13.39
C ALA B 24 -10.38 -46.96 12.47
N MET B 25 -10.58 -46.76 11.15
CA MET B 25 -9.48 -46.65 10.19
C MET B 25 -9.13 -45.15 9.93
N GLY B 26 -9.43 -44.29 10.93
CA GLY B 26 -9.22 -42.84 10.90
C GLY B 26 -7.76 -42.48 10.86
N LYS B 27 -7.34 -41.79 9.79
CA LYS B 27 -5.95 -41.41 9.60
C LYS B 27 -5.44 -40.48 10.74
N THR B 28 -6.08 -39.32 10.91
CA THR B 28 -5.70 -38.29 11.86
C THR B 28 -6.14 -38.61 13.34
N ALA B 29 -5.37 -38.07 14.33
CA ALA B 29 -5.63 -38.21 15.77
C ALA B 29 -6.78 -37.34 16.24
N ASP B 30 -7.56 -37.83 17.21
CA ASP B 30 -8.68 -37.04 17.73
C ASP B 30 -8.17 -35.97 18.71
N ARG B 31 -6.93 -36.13 19.20
CA ARG B 31 -6.33 -35.16 20.12
C ARG B 31 -4.81 -35.19 19.91
N SER B 32 -4.19 -34.02 19.83
CA SER B 32 -2.74 -33.92 19.63
C SER B 32 -1.98 -34.29 20.88
N LEU B 33 -0.73 -34.67 20.69
CA LEU B 33 0.17 -35.00 21.79
C LEU B 33 0.52 -33.72 22.54
N MET B 34 0.53 -32.60 21.79
CA MET B 34 0.83 -31.27 22.31
C MET B 34 -0.23 -30.73 23.23
N ALA B 35 -1.40 -31.36 23.30
CA ALA B 35 -2.49 -30.92 24.19
C ALA B 35 -2.06 -30.89 25.68
N SER B 36 -1.05 -31.67 26.09
CA SER B 36 -0.57 -31.66 27.47
C SER B 36 0.92 -31.99 27.54
N GLY B 37 1.51 -31.79 28.71
CA GLY B 37 2.93 -32.02 28.92
C GLY B 37 3.72 -30.78 28.55
N HIS B 38 5.03 -30.77 28.85
CA HIS B 38 5.91 -29.63 28.56
C HIS B 38 6.50 -29.77 27.16
N TRP B 39 6.44 -28.70 26.35
CA TRP B 39 6.97 -28.75 24.98
C TRP B 39 8.01 -27.65 24.76
N VAL B 40 9.19 -28.03 24.23
CA VAL B 40 10.29 -27.11 23.98
C VAL B 40 10.76 -27.28 22.54
N LYS B 41 10.72 -26.19 21.74
CA LYS B 41 11.11 -26.21 20.34
C LYS B 41 12.61 -26.08 20.22
N ILE B 42 13.21 -26.93 19.40
CA ILE B 42 14.63 -26.87 19.15
C ILE B 42 14.80 -26.90 17.65
N ARG B 43 16.00 -26.56 17.14
CA ARG B 43 16.26 -26.65 15.71
C ARG B 43 17.73 -26.88 15.40
N VAL B 44 18.00 -27.29 14.15
CA VAL B 44 19.36 -27.54 13.64
C VAL B 44 19.52 -26.86 12.28
N ASP B 45 20.75 -26.65 11.87
CA ASP B 45 21.07 -26.07 10.56
C ASP B 45 21.93 -27.07 9.76
N ALA B 46 22.10 -28.29 10.27
CA ALA B 46 22.93 -29.27 9.63
C ALA B 46 22.57 -30.64 10.06
N SER B 47 22.50 -31.60 9.14
CA SER B 47 22.17 -32.96 9.56
C SER B 47 23.32 -33.50 10.34
N GLY B 48 23.02 -34.20 11.42
CA GLY B 48 24.04 -34.82 12.28
C GLY B 48 23.45 -35.27 13.60
N VAL B 49 24.28 -35.77 14.55
CA VAL B 49 23.76 -36.18 15.85
C VAL B 49 23.92 -35.03 16.82
N TYR B 50 22.82 -34.73 17.52
CA TYR B 50 22.73 -33.67 18.52
C TYR B 50 22.43 -34.30 19.85
N ARG B 51 22.87 -33.64 20.94
CA ARG B 51 22.77 -34.17 22.28
C ARG B 51 22.13 -33.24 23.26
N LEU B 52 21.33 -33.81 24.15
CA LEU B 52 20.74 -33.05 25.23
C LEU B 52 21.05 -33.72 26.56
N THR B 53 21.74 -32.99 27.43
CA THR B 53 22.15 -33.49 28.71
C THR B 53 20.99 -33.34 29.67
N ASP B 54 20.94 -34.16 30.73
CA ASP B 54 19.88 -34.09 31.74
C ASP B 54 19.85 -32.71 32.36
N GLU B 55 21.04 -32.12 32.60
CA GLU B 55 21.15 -30.76 33.13
C GLU B 55 20.46 -29.77 32.20
N GLN B 56 20.74 -29.86 30.89
CA GLN B 56 20.09 -28.98 29.93
C GLN B 56 18.57 -29.18 29.97
N LEU B 57 18.10 -30.44 30.06
CA LEU B 57 16.66 -30.73 30.11
C LEU B 57 16.05 -30.16 31.37
N ARG B 58 16.67 -30.42 32.54
CA ARG B 58 16.17 -29.86 33.82
C ARG B 58 16.06 -28.33 33.68
N ALA B 59 17.12 -27.71 33.09
CA ALA B 59 17.22 -26.26 32.88
C ALA B 59 16.17 -25.72 31.94
N ASN B 60 15.50 -26.57 31.14
CA ASN B 60 14.47 -26.15 30.23
C ASN B 60 13.06 -26.61 30.69
N GLY B 61 12.89 -26.83 31.98
CA GLY B 61 11.60 -27.18 32.53
C GLY B 61 11.25 -28.65 32.66
N PHE B 62 12.13 -29.58 32.24
CA PHE B 62 11.82 -31.00 32.37
C PHE B 62 12.20 -31.52 33.75
N SER B 63 11.22 -31.44 34.69
CA SER B 63 11.32 -31.90 36.09
C SER B 63 12.01 -33.28 36.21
N ASP B 64 11.58 -34.26 35.38
CA ASP B 64 12.17 -35.61 35.32
C ASP B 64 12.68 -35.86 33.89
N PRO B 65 13.99 -35.71 33.64
CA PRO B 65 14.54 -35.90 32.29
C PRO B 65 14.36 -37.30 31.68
N SER B 66 14.18 -38.34 32.51
CA SER B 66 13.99 -39.70 32.00
C SER B 66 12.76 -39.81 31.08
N LYS B 67 11.69 -39.00 31.35
CA LYS B 67 10.44 -39.02 30.59
C LYS B 67 10.48 -38.19 29.27
N VAL B 68 11.57 -37.44 29.01
CA VAL B 68 11.68 -36.58 27.83
C VAL B 68 12.06 -37.39 26.59
N GLY B 69 11.45 -37.04 25.46
CA GLY B 69 11.73 -37.64 24.16
C GLY B 69 11.81 -36.61 23.05
N VAL B 70 12.34 -36.99 21.86
CA VAL B 70 12.46 -36.03 20.75
C VAL B 70 11.30 -36.25 19.77
N PHE B 71 10.81 -35.19 19.16
CA PHE B 71 9.71 -35.31 18.21
C PHE B 71 9.91 -34.45 16.98
N GLY B 72 9.38 -34.90 15.83
CA GLY B 72 9.42 -34.14 14.60
C GLY B 72 10.05 -34.81 13.40
N TYR B 73 10.16 -34.05 12.29
CA TYR B 73 10.73 -34.55 11.04
C TYR B 73 12.13 -33.95 10.69
N GLY B 74 12.29 -32.64 10.91
CA GLY B 74 13.53 -31.95 10.58
C GLY B 74 13.40 -31.14 9.33
N GLY B 75 14.51 -30.73 8.73
CA GLY B 75 14.53 -30.00 7.46
C GLY B 75 14.21 -31.02 6.40
N GLY B 76 14.41 -30.71 5.13
CA GLY B 76 14.00 -31.66 4.09
C GLY B 76 12.47 -31.61 3.99
N VAL B 77 11.95 -31.34 2.79
CA VAL B 77 10.53 -31.04 2.64
C VAL B 77 9.64 -32.30 2.70
N LEU B 78 8.37 -32.04 3.02
CA LEU B 78 7.34 -33.06 3.04
C LEU B 78 6.99 -33.38 1.62
N PRO B 79 6.63 -34.63 1.29
CA PRO B 79 6.24 -34.90 -0.09
C PRO B 79 4.94 -34.18 -0.50
N GLU B 80 4.87 -33.71 -1.76
CA GLU B 80 3.63 -33.13 -2.29
C GLU B 80 2.66 -34.29 -2.60
N ASP B 81 3.15 -35.57 -2.62
CA ASP B 81 2.31 -36.77 -2.80
C ASP B 81 1.88 -37.21 -1.43
N LEU B 82 0.70 -36.73 -1.02
CA LEU B 82 0.18 -36.96 0.34
C LEU B 82 0.17 -38.42 0.75
N SER B 83 -0.06 -39.33 -0.20
CA SER B 83 -0.05 -40.77 0.04
C SER B 83 1.28 -41.23 0.64
N ARG B 84 2.38 -40.54 0.28
CA ARG B 84 3.68 -40.88 0.82
C ARG B 84 3.81 -40.50 2.31
N ILE B 85 3.05 -39.47 2.81
CA ILE B 85 3.08 -39.10 4.24
C ILE B 85 2.35 -40.19 5.02
N THR B 86 3.09 -41.00 5.79
CA THR B 86 2.50 -42.09 6.58
C THR B 86 2.25 -41.64 8.03
N THR B 87 3.06 -40.72 8.56
CA THR B 87 2.97 -40.20 9.92
C THR B 87 1.86 -39.20 10.09
N ASP B 88 1.50 -38.90 11.35
CA ASP B 88 0.46 -37.92 11.72
C ASP B 88 0.75 -37.34 13.10
N ASP B 89 0.34 -36.08 13.32
CA ASP B 89 0.52 -35.37 14.58
C ASP B 89 2.04 -35.25 14.87
N LEU B 90 2.55 -35.60 16.09
CA LEU B 90 3.97 -35.40 16.39
C LEU B 90 4.66 -36.74 16.39
N PRO B 91 5.47 -37.01 15.35
CA PRO B 91 6.09 -38.33 15.24
C PRO B 91 7.25 -38.47 16.22
N PRO B 92 7.28 -39.57 17.00
CA PRO B 92 8.38 -39.76 17.94
C PRO B 92 9.64 -40.18 17.20
N VAL B 93 10.74 -39.51 17.55
CA VAL B 93 12.06 -39.71 16.98
C VAL B 93 12.85 -40.71 17.84
N PRO B 94 13.42 -41.81 17.24
CA PRO B 94 14.24 -42.74 18.04
C PRO B 94 15.49 -42.04 18.57
N VAL B 95 15.80 -42.33 19.83
CA VAL B 95 16.84 -41.68 20.62
C VAL B 95 17.73 -42.69 21.37
N LEU B 96 19.06 -42.50 21.42
CA LEU B 96 19.81 -43.41 22.31
C LEU B 96 20.27 -42.60 23.50
N ARG B 97 20.28 -43.28 24.66
CA ARG B 97 20.68 -42.72 25.94
C ARG B 97 22.02 -43.27 26.38
N GLN B 98 22.91 -42.38 26.89
CA GLN B 98 24.14 -42.78 27.56
C GLN B 98 23.77 -42.53 29.01
N GLY B 99 24.57 -41.81 29.77
CA GLY B 99 24.22 -41.60 31.16
C GLY B 99 23.34 -40.38 31.27
N ASN B 100 23.96 -39.30 31.70
CA ASN B 100 23.35 -38.00 31.89
C ASN B 100 22.88 -37.34 30.59
N ALA B 101 22.71 -38.05 29.43
CA ALA B 101 22.31 -37.39 28.19
C ALA B 101 21.59 -38.26 27.18
N LEU B 102 20.90 -37.61 26.22
CA LEU B 102 20.21 -38.31 25.13
C LEU B 102 20.68 -37.75 23.80
N TYR B 103 20.76 -38.63 22.79
CA TYR B 103 21.23 -38.29 21.47
C TYR B 103 20.22 -38.68 20.43
N PHE B 104 20.17 -37.90 19.36
CA PHE B 104 19.28 -38.20 18.24
C PHE B 104 19.88 -37.67 16.96
N TYR B 105 19.54 -38.29 15.82
CA TYR B 105 20.07 -37.83 14.55
C TYR B 105 19.11 -36.79 13.97
N ALA B 106 19.56 -35.52 13.85
CA ALA B 106 18.77 -34.44 13.26
C ALA B 106 19.05 -34.32 11.77
N VAL B 107 18.10 -33.73 11.02
CA VAL B 107 18.17 -33.54 9.57
C VAL B 107 18.06 -32.05 9.21
N GLY B 108 19.09 -31.52 8.54
CA GLY B 108 19.15 -30.12 8.14
C GLY B 108 18.38 -29.79 6.88
N PRO B 109 18.47 -28.54 6.41
CA PRO B 109 17.69 -28.14 5.23
C PRO B 109 18.19 -28.74 3.91
N VAL B 110 19.52 -29.00 3.81
CA VAL B 110 20.07 -29.67 2.64
C VAL B 110 20.01 -31.15 2.89
N THR B 111 19.48 -31.90 1.90
CA THR B 111 19.32 -33.35 1.92
C THR B 111 19.70 -33.85 0.55
N TRP B 112 20.11 -35.13 0.43
CA TRP B 112 20.53 -35.66 -0.87
C TRP B 112 19.79 -36.91 -1.28
N PHE B 113 19.59 -37.07 -2.59
CA PHE B 113 18.87 -38.19 -3.20
C PHE B 113 19.66 -38.79 -4.37
N TYR B 114 19.35 -40.03 -4.75
CA TYR B 114 20.12 -40.68 -5.80
C TYR B 114 19.45 -40.56 -7.14
N ASN B 115 20.25 -40.18 -8.16
CA ASN B 115 19.82 -40.01 -9.55
C ASN B 115 20.43 -41.16 -10.37
N PRO B 116 19.69 -42.25 -10.62
CA PRO B 116 20.30 -43.37 -11.31
C PRO B 116 20.75 -43.07 -12.73
N ALA B 117 20.15 -42.07 -13.39
CA ALA B 117 20.57 -41.74 -14.76
C ALA B 117 22.00 -41.25 -14.75
N LYS B 118 22.27 -40.18 -13.98
CA LYS B 118 23.63 -39.61 -13.88
C LYS B 118 24.52 -40.38 -12.86
N THR B 119 24.01 -41.54 -12.34
CA THR B 119 24.66 -42.51 -11.48
C THR B 119 25.50 -41.80 -10.39
N THR B 120 24.80 -40.89 -9.71
CA THR B 120 25.34 -40.00 -8.68
C THR B 120 24.26 -39.49 -7.77
N MET B 121 24.68 -38.82 -6.71
CA MET B 121 23.75 -38.23 -5.77
C MET B 121 23.73 -36.75 -5.92
N GLU B 122 22.52 -36.20 -5.76
CA GLU B 122 22.25 -34.78 -5.91
C GLU B 122 21.56 -34.25 -4.69
N HIS B 123 21.80 -32.98 -4.39
CA HIS B 123 21.27 -32.34 -3.19
C HIS B 123 19.93 -31.71 -3.44
N THR B 124 19.25 -31.25 -2.34
CA THR B 124 17.97 -30.50 -2.42
C THR B 124 17.79 -29.59 -1.19
N VAL B 125 17.65 -28.27 -1.43
CA VAL B 125 17.46 -27.26 -0.38
C VAL B 125 15.97 -27.08 -0.03
N ASN B 126 15.66 -27.10 1.26
CA ASN B 126 14.30 -26.86 1.71
C ASN B 126 13.96 -25.41 1.36
N THR B 127 12.97 -25.21 0.49
CA THR B 127 12.55 -23.89 0.05
C THR B 127 11.84 -23.08 1.14
N TYR B 128 11.20 -23.73 2.10
CA TYR B 128 10.42 -23.05 3.11
C TYR B 128 11.18 -22.78 4.38
N SER B 129 12.27 -23.53 4.65
CA SER B 129 12.99 -23.40 5.92
C SER B 129 14.51 -23.46 5.81
N THR B 130 15.14 -22.71 6.70
CA THR B 130 16.58 -22.60 6.84
C THR B 130 17.09 -23.55 7.87
N HIS B 131 16.18 -24.27 8.56
CA HIS B 131 16.49 -25.16 9.66
C HIS B 131 15.55 -26.32 9.77
N GLY B 132 15.99 -27.32 10.50
CA GLY B 132 15.18 -28.47 10.83
C GLY B 132 14.67 -28.29 12.23
N TYR B 133 13.35 -28.18 12.40
CA TYR B 133 12.77 -28.02 13.71
C TYR B 133 12.38 -29.37 14.26
N TYR B 134 12.54 -29.49 15.60
CA TYR B 134 12.13 -30.63 16.40
C TYR B 134 11.51 -30.16 17.72
N PHE B 135 11.05 -31.11 18.55
CA PHE B 135 10.46 -30.81 19.83
C PHE B 135 10.96 -31.76 20.91
N LEU B 136 11.10 -31.25 22.14
CA LEU B 136 11.43 -32.04 23.31
C LEU B 136 10.23 -32.09 24.23
N SER B 137 9.79 -33.29 24.67
CA SER B 137 8.65 -33.36 25.56
C SER B 137 8.55 -34.60 26.45
N ASP B 138 8.09 -34.34 27.68
CA ASP B 138 7.84 -35.35 28.69
C ASP B 138 6.48 -36.02 28.45
N ALA B 139 5.55 -35.31 27.71
CA ALA B 139 4.20 -35.80 27.35
C ALA B 139 4.20 -37.29 27.05
N ALA B 140 5.22 -37.71 26.29
CA ALA B 140 5.50 -39.08 25.91
C ALA B 140 5.26 -40.05 27.07
N GLY B 141 5.98 -39.79 28.17
CA GLY B 141 6.08 -40.64 29.33
C GLY B 141 7.48 -41.22 29.35
N ALA B 142 8.03 -41.52 28.17
CA ALA B 142 9.38 -42.02 28.01
C ALA B 142 9.87 -41.82 26.59
N PRO B 143 11.18 -41.72 26.34
CA PRO B 143 11.64 -41.56 24.95
C PRO B 143 11.45 -42.83 24.11
N LEU B 144 11.31 -42.66 22.78
CA LEU B 144 11.31 -43.78 21.86
C LEU B 144 12.73 -44.30 21.79
N GLN B 145 13.01 -45.47 22.40
CA GLN B 145 14.38 -45.99 22.38
C GLN B 145 14.77 -46.44 20.98
N MET B 146 15.94 -46.01 20.50
CA MET B 146 16.43 -46.37 19.17
C MET B 146 16.72 -47.84 19.12
N SER B 147 16.45 -48.48 18.01
CA SER B 147 16.65 -49.92 17.89
C SER B 147 17.89 -50.25 17.09
N GLN B 148 18.28 -51.54 17.13
CA GLN B 148 19.41 -52.03 16.35
C GLN B 148 19.01 -52.09 14.88
N TYR B 149 19.95 -51.85 13.97
CA TYR B 149 19.68 -51.94 12.54
C TYR B 149 19.54 -53.44 12.14
N THR B 150 18.46 -53.81 11.46
CA THR B 150 18.20 -55.21 11.08
C THR B 150 18.65 -55.54 9.66
N GLY B 151 18.54 -54.59 8.75
CA GLY B 151 18.90 -54.75 7.34
C GLY B 151 20.30 -55.25 7.02
N GLY B 152 21.22 -55.18 7.98
CA GLY B 152 22.57 -55.70 7.81
C GLY B 152 22.62 -57.17 7.43
N GLY B 153 22.79 -57.42 6.12
CA GLY B 153 22.83 -58.76 5.54
C GLY B 153 23.82 -59.71 6.19
N ALA B 154 23.53 -61.00 6.13
CA ALA B 154 24.40 -61.99 6.78
C ALA B 154 25.74 -62.17 6.03
N SER B 155 25.69 -62.18 4.67
CA SER B 155 26.87 -62.35 3.83
C SER B 155 27.08 -61.11 2.97
N ALA B 156 28.36 -60.66 2.85
CA ALA B 156 28.73 -59.50 2.05
C ALA B 156 29.25 -59.91 0.69
N GLU B 157 28.68 -59.35 -0.39
CA GLU B 157 29.13 -59.69 -1.74
C GLU B 157 30.37 -58.83 -2.11
N ALA B 158 30.78 -57.86 -1.28
CA ALA B 158 31.97 -57.07 -1.55
C ALA B 158 32.55 -56.42 -0.28
N LEU B 159 33.88 -56.34 -0.18
CA LEU B 159 34.58 -55.62 0.89
C LEU B 159 35.02 -54.29 0.25
N ILE B 160 34.51 -53.14 0.74
CA ILE B 160 34.76 -51.84 0.09
C ILE B 160 35.88 -51.07 0.82
N ASP B 161 36.79 -50.36 0.06
CA ASP B 161 37.94 -49.62 0.66
C ASP B 161 37.67 -48.11 0.78
N TYR B 162 36.55 -47.59 0.26
CA TYR B 162 36.28 -46.15 0.37
C TYR B 162 34.79 -45.83 0.20
N TYR B 163 34.42 -44.59 0.60
CA TYR B 163 33.05 -44.07 0.48
C TYR B 163 33.09 -42.73 -0.23
N ASP B 164 31.90 -42.21 -0.58
CA ASP B 164 31.72 -40.98 -1.36
C ASP B 164 31.36 -39.83 -0.46
N GLU B 165 32.31 -38.90 -0.27
CA GLU B 165 32.07 -37.70 0.57
C GLU B 165 31.52 -36.62 -0.33
N LEU B 166 30.27 -36.16 -0.05
CA LEU B 166 29.62 -35.08 -0.80
C LEU B 166 29.80 -33.74 -0.09
N MET B 167 30.00 -32.69 -0.89
CA MET B 167 30.15 -31.31 -0.45
C MET B 167 29.35 -30.46 -1.38
N LEU B 168 28.98 -29.22 -0.97
CA LEU B 168 28.10 -28.40 -1.81
C LEU B 168 28.37 -26.93 -1.68
N HIS B 169 28.84 -26.30 -2.76
CA HIS B 169 28.96 -24.86 -2.78
C HIS B 169 27.65 -24.28 -3.33
N GLU B 170 26.92 -23.45 -2.56
CA GLU B 170 25.68 -22.87 -3.09
C GLU B 170 25.34 -21.57 -2.39
N GLN B 171 25.36 -20.44 -3.10
CA GLN B 171 25.01 -19.15 -2.51
C GLN B 171 23.62 -18.75 -3.00
N GLU B 172 22.62 -18.68 -2.10
CA GLU B 172 21.25 -18.28 -2.50
C GLU B 172 21.17 -16.74 -2.49
N LEU B 173 21.69 -16.08 -3.56
CA LEU B 173 21.76 -14.63 -3.63
C LEU B 173 20.63 -13.95 -4.34
N TYR B 174 20.33 -14.42 -5.55
CA TYR B 174 19.33 -13.80 -6.43
C TYR B 174 18.14 -14.71 -6.62
N SER B 175 16.96 -14.11 -6.72
CA SER B 175 15.71 -14.83 -6.84
C SER B 175 14.90 -14.32 -8.00
N PRO B 176 15.20 -14.76 -9.22
CA PRO B 176 14.35 -14.36 -10.33
C PRO B 176 12.98 -15.04 -10.11
N LYS B 177 11.90 -14.21 -10.01
CA LYS B 177 10.52 -14.65 -9.69
C LYS B 177 9.97 -15.63 -10.74
N GLU B 178 10.27 -15.34 -12.01
CA GLU B 178 9.84 -16.12 -13.16
C GLU B 178 10.47 -17.53 -13.24
N SER B 179 11.83 -17.63 -13.25
CA SER B 179 12.63 -18.85 -13.44
C SER B 179 12.03 -20.09 -12.77
N GLY B 180 12.10 -20.15 -11.43
CA GLY B 180 11.59 -21.30 -10.71
C GLY B 180 11.45 -21.05 -9.22
N ARG B 181 11.58 -22.16 -8.50
CA ARG B 181 11.58 -22.26 -7.05
C ARG B 181 12.98 -21.99 -6.50
N ASP B 182 14.00 -22.06 -7.41
CA ASP B 182 15.42 -21.90 -7.14
C ASP B 182 15.91 -20.48 -7.03
N LEU B 183 16.97 -20.29 -6.23
CA LEU B 183 17.69 -19.02 -6.14
C LEU B 183 19.00 -19.25 -6.81
N TYR B 184 19.63 -18.19 -7.30
CA TYR B 184 20.91 -18.28 -7.99
C TYR B 184 21.95 -17.52 -7.22
N GLY B 185 23.20 -17.88 -7.50
CA GLY B 185 24.35 -17.31 -6.83
C GLY B 185 25.13 -16.31 -7.65
N GLU B 186 26.45 -16.36 -7.47
CA GLU B 186 27.46 -15.46 -8.02
C GLU B 186 27.29 -15.07 -9.48
N SER B 187 27.38 -13.76 -9.82
CA SER B 187 27.28 -13.32 -11.21
C SER B 187 28.61 -13.22 -11.93
N PHE B 188 28.58 -13.46 -13.23
CA PHE B 188 29.73 -13.32 -14.10
C PHE B 188 29.53 -12.09 -15.03
N SER B 189 28.67 -11.14 -14.62
CA SER B 189 28.37 -9.96 -15.43
C SER B 189 29.57 -9.07 -15.51
N ALA B 190 30.21 -8.78 -14.35
CA ALA B 190 31.42 -7.94 -14.26
C ALA B 190 32.67 -8.79 -14.18
N VAL B 191 32.71 -9.68 -13.17
CA VAL B 191 33.83 -10.58 -12.94
C VAL B 191 33.72 -11.74 -13.91
N ASN B 192 34.68 -11.94 -14.79
CA ASN B 192 34.58 -13.05 -15.75
C ASN B 192 35.10 -14.39 -15.14
N THR B 193 35.82 -14.36 -14.01
CA THR B 193 36.35 -15.58 -13.40
C THR B 193 36.15 -15.60 -11.87
N ARG B 194 35.44 -16.63 -11.38
CA ARG B 194 35.15 -16.79 -9.94
C ARG B 194 35.72 -18.11 -9.42
N THR B 195 36.48 -18.04 -8.32
CA THR B 195 37.13 -19.21 -7.75
C THR B 195 36.42 -19.61 -6.44
N VAL B 196 36.21 -20.93 -6.24
CA VAL B 196 35.54 -21.53 -5.08
C VAL B 196 36.46 -22.59 -4.48
N LYS B 197 36.82 -22.46 -3.20
CA LYS B 197 37.72 -23.40 -2.52
C LYS B 197 36.96 -24.30 -1.55
N PHE B 198 37.11 -25.62 -1.66
CA PHE B 198 36.48 -26.60 -0.77
C PHE B 198 37.53 -27.17 0.17
N PRO B 199 37.32 -27.23 1.51
CA PRO B 199 38.31 -27.89 2.38
C PRO B 199 38.25 -29.40 2.15
N LEU B 200 39.41 -30.05 2.10
CA LEU B 200 39.42 -31.45 1.74
C LEU B 200 39.51 -32.46 2.88
N ARG B 201 39.56 -32.11 4.14
CA ARG B 201 39.44 -33.14 5.20
C ARG B 201 40.47 -34.30 5.11
N GLY B 202 40.67 -34.91 6.27
CA GLY B 202 41.68 -35.93 6.46
C GLY B 202 41.56 -37.20 5.66
N ASN B 203 40.44 -37.89 5.78
CA ASN B 203 40.31 -39.17 5.12
C ASN B 203 40.20 -39.05 3.57
N THR B 204 40.10 -37.82 2.98
CA THR B 204 40.12 -37.69 1.52
C THR B 204 41.38 -38.33 0.92
N ARG B 205 41.20 -39.14 -0.12
CA ARG B 205 42.32 -39.79 -0.79
C ARG B 205 43.08 -38.84 -1.66
N SER B 206 44.43 -38.85 -1.61
CA SER B 206 45.31 -38.04 -2.47
C SER B 206 44.86 -38.03 -3.93
N SER B 207 44.62 -39.24 -4.47
CA SER B 207 44.23 -39.45 -5.85
C SER B 207 42.94 -40.27 -5.94
N GLY B 208 42.09 -39.89 -6.89
CA GLY B 208 40.80 -40.54 -7.12
C GLY B 208 39.94 -39.75 -8.10
N GLU B 209 38.78 -40.31 -8.47
CA GLU B 209 37.87 -39.64 -9.39
C GLU B 209 37.12 -38.51 -8.65
N LEU B 210 37.15 -37.29 -9.22
CA LEU B 210 36.50 -36.14 -8.62
C LEU B 210 35.18 -35.86 -9.31
N GLY B 211 34.11 -36.31 -8.69
CA GLY B 211 32.77 -36.08 -9.22
C GLY B 211 32.33 -34.66 -8.98
N THR B 212 31.74 -34.00 -10.02
CA THR B 212 31.23 -32.63 -9.93
C THR B 212 29.97 -32.39 -10.74
N VAL B 213 28.94 -31.81 -10.08
CA VAL B 213 27.73 -31.33 -10.75
C VAL B 213 27.83 -29.82 -10.67
N PHE B 214 27.96 -29.17 -11.84
CA PHE B 214 28.10 -27.73 -11.96
C PHE B 214 26.83 -27.19 -12.59
N SER B 215 26.03 -26.43 -11.83
CA SER B 215 24.77 -25.86 -12.31
C SER B 215 24.88 -24.34 -12.42
N TYR B 216 24.55 -23.76 -13.58
CA TYR B 216 24.53 -22.31 -13.76
C TYR B 216 23.43 -21.93 -14.73
N ILE B 217 23.14 -20.62 -14.79
CA ILE B 217 22.09 -20.06 -15.64
C ILE B 217 22.75 -18.97 -16.50
N ALA B 218 22.24 -18.73 -17.73
CA ALA B 218 22.87 -17.75 -18.61
C ALA B 218 21.94 -17.16 -19.66
N LYS B 219 21.91 -15.81 -19.78
CA LYS B 219 21.19 -15.10 -20.84
C LYS B 219 22.19 -14.21 -21.54
N ALA B 220 22.41 -14.40 -22.87
CA ALA B 220 23.35 -13.57 -23.64
C ALA B 220 22.78 -12.18 -23.91
N ARG B 221 23.62 -11.13 -23.95
CA ARG B 221 23.11 -9.80 -24.24
C ARG B 221 23.29 -9.46 -25.69
N SER B 222 24.07 -10.25 -26.43
CA SER B 222 24.16 -10.13 -27.89
C SER B 222 24.03 -11.51 -28.50
N ALA B 223 23.66 -11.58 -29.78
CA ALA B 223 23.48 -12.86 -30.45
C ALA B 223 24.83 -13.49 -30.79
N GLY B 224 24.81 -14.80 -31.05
CA GLY B 224 25.98 -15.58 -31.40
C GLY B 224 27.13 -15.44 -30.41
N GLY B 225 28.32 -15.15 -30.93
CA GLY B 225 29.51 -14.92 -30.11
C GLY B 225 30.13 -16.12 -29.43
N GLY B 226 31.45 -16.08 -29.26
CA GLY B 226 32.20 -17.13 -28.60
C GLY B 226 32.09 -17.04 -27.09
N ARG B 227 30.98 -17.57 -26.53
CA ARG B 227 30.74 -17.59 -25.09
C ARG B 227 30.97 -18.97 -24.54
N GLU B 228 31.77 -19.12 -23.47
CA GLU B 228 32.03 -20.44 -22.88
C GLU B 228 32.22 -20.38 -21.35
N MET B 229 31.51 -21.28 -20.62
CA MET B 229 31.61 -21.48 -19.17
C MET B 229 32.57 -22.64 -18.94
N SER B 230 33.73 -22.41 -18.31
CA SER B 230 34.76 -23.43 -18.15
C SER B 230 35.15 -23.64 -16.71
N LEU B 231 35.16 -24.91 -16.26
CA LEU B 231 35.56 -25.26 -14.90
C LEU B 231 36.95 -25.91 -14.92
N SER B 232 37.70 -25.68 -13.85
CA SER B 232 39.03 -26.25 -13.68
C SER B 232 39.27 -26.50 -12.19
N ALA B 233 39.71 -27.70 -11.80
CA ALA B 233 40.01 -28.01 -10.41
C ALA B 233 41.50 -28.14 -10.25
N ASN B 234 42.10 -27.34 -9.35
CA ASN B 234 43.55 -27.31 -9.09
C ASN B 234 44.33 -27.23 -10.40
N GLY B 235 43.84 -26.41 -11.34
CA GLY B 235 44.47 -26.25 -12.64
C GLY B 235 44.06 -27.24 -13.72
N ILE B 236 43.55 -28.42 -13.35
CA ILE B 236 43.13 -29.43 -14.33
C ILE B 236 41.74 -29.03 -14.84
N LEU B 237 41.59 -28.88 -16.18
CA LEU B 237 40.30 -28.52 -16.78
C LEU B 237 39.34 -29.68 -16.71
N ILE B 238 38.15 -29.43 -16.13
CA ILE B 238 37.10 -30.41 -16.00
C ILE B 238 36.28 -30.36 -17.29
N PHE B 239 35.85 -29.16 -17.69
CA PHE B 239 35.09 -28.98 -18.94
C PHE B 239 35.18 -27.56 -19.48
N SER B 240 34.62 -27.39 -20.68
CA SER B 240 34.47 -26.09 -21.32
C SER B 240 33.16 -26.14 -22.11
N ASP B 241 32.12 -25.50 -21.60
CA ASP B 241 30.77 -25.56 -22.19
C ASP B 241 30.49 -24.39 -23.13
N PRO B 242 30.18 -24.65 -24.41
CA PRO B 242 29.84 -23.54 -25.32
C PRO B 242 28.41 -23.08 -25.09
N PHE B 243 28.20 -21.76 -25.06
CA PHE B 243 26.88 -21.14 -24.86
C PHE B 243 26.64 -20.13 -25.99
N SER B 244 25.38 -20.01 -26.44
CA SER B 244 25.00 -19.09 -27.51
C SER B 244 23.49 -18.81 -27.47
N MET B 245 23.02 -17.73 -28.11
CA MET B 245 21.60 -17.40 -28.14
C MET B 245 21.22 -16.67 -29.46
N THR B 246 19.96 -16.89 -29.94
CA THR B 246 19.46 -16.26 -31.16
C THR B 246 19.09 -14.83 -30.91
N SER B 247 19.09 -14.00 -31.96
CA SER B 247 18.66 -12.59 -31.89
C SER B 247 17.26 -12.47 -31.29
N ASN B 248 16.37 -13.45 -31.60
CA ASN B 248 15.01 -13.47 -31.07
C ASN B 248 15.02 -13.88 -29.60
N GLU B 249 15.92 -14.82 -29.20
CA GLU B 249 16.04 -15.23 -27.79
C GLU B 249 16.57 -14.09 -26.94
N VAL B 250 17.53 -13.31 -27.48
CA VAL B 250 18.09 -12.15 -26.76
C VAL B 250 17.00 -11.07 -26.66
N SER B 251 16.28 -10.84 -27.77
CA SER B 251 15.20 -9.86 -27.88
C SER B 251 13.98 -10.15 -26.97
N ASN B 252 13.74 -11.39 -26.59
CA ASN B 252 12.60 -11.73 -25.73
C ASN B 252 12.83 -11.26 -24.29
N SER B 253 11.73 -10.87 -23.62
CA SER B 253 11.75 -10.43 -22.21
C SER B 253 11.56 -11.62 -21.26
N TYR B 254 10.59 -12.52 -21.57
CA TYR B 254 10.31 -13.67 -20.71
C TYR B 254 11.41 -14.77 -20.73
N LEU B 255 12.27 -14.86 -21.80
CA LEU B 255 13.32 -15.92 -21.92
C LEU B 255 14.23 -16.08 -20.66
N ALA B 256 14.44 -14.98 -19.94
CA ALA B 256 15.12 -14.85 -18.63
C ALA B 256 16.16 -15.97 -18.21
N GLY B 257 17.02 -16.42 -19.15
CA GLY B 257 18.12 -17.34 -18.86
C GLY B 257 17.92 -18.82 -19.12
N LYS B 258 18.98 -19.46 -19.66
CA LYS B 258 19.06 -20.89 -19.99
C LYS B 258 19.77 -21.62 -18.87
N LYS B 259 19.06 -22.46 -18.10
CA LYS B 259 19.64 -23.24 -17.00
C LYS B 259 20.46 -24.39 -17.60
N ARG B 260 21.70 -24.63 -17.11
CA ARG B 260 22.59 -25.71 -17.60
C ARG B 260 23.19 -26.47 -16.45
N ARG B 261 23.15 -27.82 -16.48
CA ARG B 261 23.69 -28.67 -15.41
C ARG B 261 24.67 -29.69 -15.97
N LEU B 262 25.95 -29.53 -15.65
CA LEU B 262 27.00 -30.38 -16.19
C LEU B 262 27.54 -31.36 -15.14
N TYR B 263 27.35 -32.65 -15.40
CA TYR B 263 27.80 -33.74 -14.55
C TYR B 263 29.13 -34.24 -15.03
N ARG B 264 30.08 -34.65 -14.12
CA ARG B 264 31.32 -35.27 -14.60
C ARG B 264 32.36 -35.67 -13.53
N SER B 265 32.90 -36.90 -13.68
CA SER B 265 33.98 -37.45 -12.85
C SER B 265 35.31 -37.22 -13.58
N THR B 266 36.28 -36.64 -12.86
CA THR B 266 37.58 -36.31 -13.40
C THR B 266 38.67 -36.95 -12.58
N PRO B 267 39.50 -37.84 -13.16
CA PRO B 267 40.57 -38.41 -12.36
C PRO B 267 41.50 -37.28 -11.96
N MET B 268 41.75 -37.13 -10.66
CA MET B 268 42.60 -36.07 -10.11
C MET B 268 43.67 -36.66 -9.25
N ASN B 269 44.79 -35.94 -9.14
CA ASN B 269 45.92 -36.29 -8.28
C ASN B 269 46.07 -35.22 -7.24
N SER B 270 46.92 -35.46 -6.26
CA SER B 270 47.23 -34.51 -5.21
C SER B 270 46.05 -33.55 -4.83
N LEU B 271 44.95 -34.12 -4.34
CA LEU B 271 43.85 -33.37 -3.74
C LEU B 271 44.02 -33.72 -2.27
N VAL B 272 44.45 -32.76 -1.44
CA VAL B 272 44.73 -33.13 -0.05
C VAL B 272 44.25 -32.12 1.01
N ASN B 273 44.54 -30.82 0.90
CA ASN B 273 44.08 -29.93 1.96
C ASN B 273 42.91 -29.11 1.51
N GLU B 274 42.98 -28.58 0.30
CA GLU B 274 41.94 -27.73 -0.24
C GLU B 274 41.78 -28.02 -1.71
N LEU B 275 40.55 -27.93 -2.21
CA LEU B 275 40.28 -28.11 -3.62
C LEU B 275 39.90 -26.76 -4.15
N ARG B 276 40.68 -26.21 -5.09
CA ARG B 276 40.42 -24.91 -5.69
C ARG B 276 39.70 -25.10 -7.01
N LEU B 277 38.43 -24.72 -7.11
CA LEU B 277 37.68 -24.79 -8.35
C LEU B 277 37.62 -23.42 -8.98
N ASP B 278 37.91 -23.31 -10.29
CA ASP B 278 37.96 -22.04 -10.98
C ASP B 278 36.97 -22.03 -12.13
N ALA B 279 35.83 -21.36 -11.94
CA ALA B 279 34.83 -21.22 -12.98
C ALA B 279 35.13 -19.96 -13.77
N ASN B 280 35.19 -20.06 -15.10
CA ASN B 280 35.45 -18.91 -15.97
C ASN B 280 34.42 -18.79 -17.07
N TYR B 281 33.79 -17.63 -17.16
CA TYR B 281 32.89 -17.29 -18.25
C TYR B 281 33.67 -16.34 -19.17
N SER B 282 33.79 -16.68 -20.44
CA SER B 282 34.61 -15.93 -21.38
C SER B 282 34.11 -14.53 -21.80
N MET B 283 32.90 -14.12 -21.43
CA MET B 283 32.34 -12.84 -21.88
C MET B 283 31.89 -11.94 -20.74
N THR B 284 32.17 -10.65 -20.87
CA THR B 284 31.72 -9.68 -19.89
C THR B 284 30.40 -9.06 -20.35
N GLY B 285 29.60 -8.63 -19.39
CA GLY B 285 28.33 -7.94 -19.65
C GLY B 285 27.08 -8.78 -19.77
N ASP B 286 27.19 -10.12 -19.80
CA ASP B 286 25.98 -10.96 -19.90
C ASP B 286 25.30 -11.16 -18.55
N ALA B 287 24.11 -11.75 -18.58
CA ALA B 287 23.38 -12.11 -17.37
C ALA B 287 23.63 -13.58 -17.10
N VAL B 288 24.77 -13.89 -16.43
CA VAL B 288 25.23 -15.26 -16.19
C VAL B 288 25.54 -15.43 -14.75
N ASN B 289 24.92 -16.42 -14.10
CA ASN B 289 25.11 -16.67 -12.68
C ASN B 289 25.36 -18.12 -12.38
N LEU B 290 26.23 -18.39 -11.41
CA LEU B 290 26.43 -19.76 -10.92
C LEU B 290 25.28 -20.09 -9.98
N ASP B 291 24.67 -21.31 -10.08
CA ASP B 291 23.62 -21.76 -9.14
C ASP B 291 24.36 -22.49 -7.97
N PHE B 292 25.04 -23.59 -8.26
CA PHE B 292 25.77 -24.31 -7.24
C PHE B 292 26.80 -25.26 -7.82
N ILE B 293 27.66 -25.79 -6.95
CA ILE B 293 28.60 -26.82 -7.36
C ILE B 293 28.53 -27.89 -6.32
N GLU B 294 28.21 -29.12 -6.75
CA GLU B 294 28.25 -30.28 -5.88
C GLU B 294 29.60 -30.95 -6.14
N VAL B 295 30.37 -31.31 -5.08
CA VAL B 295 31.63 -32.00 -5.26
C VAL B 295 31.57 -33.30 -4.49
N ALA B 296 31.96 -34.41 -5.13
CA ALA B 296 31.98 -35.73 -4.50
C ALA B 296 33.37 -36.32 -4.62
N THR B 297 34.03 -36.53 -3.47
CA THR B 297 35.39 -37.07 -3.41
C THR B 297 35.36 -38.50 -2.95
N GLN B 298 36.43 -39.25 -3.23
CA GLN B 298 36.57 -40.64 -2.79
C GLN B 298 37.42 -40.61 -1.52
N ASN B 299 36.85 -41.00 -0.35
CA ASN B 299 37.52 -40.93 0.95
C ASN B 299 37.65 -42.29 1.59
N ASP B 300 38.75 -42.52 2.34
CA ASP B 300 38.98 -43.78 3.04
C ASP B 300 38.04 -43.93 4.22
N LEU B 301 37.68 -45.17 4.58
CA LEU B 301 36.82 -45.41 5.75
C LEU B 301 37.69 -45.34 7.01
N ARG B 302 38.02 -44.13 7.43
CA ARG B 302 38.91 -43.87 8.55
C ARG B 302 38.47 -42.63 9.33
N TYR B 303 38.26 -42.74 10.68
CA TYR B 303 37.87 -41.58 11.48
C TYR B 303 38.96 -40.51 11.41
N ASP B 304 38.58 -39.31 10.96
CA ASP B 304 39.53 -38.20 10.82
C ASP B 304 39.13 -37.05 11.75
N GLY B 305 38.68 -37.40 12.95
CA GLY B 305 38.31 -36.45 13.98
C GLY B 305 37.07 -35.62 13.72
N ALA B 306 36.25 -36.04 12.75
CA ALA B 306 35.02 -35.34 12.37
C ALA B 306 33.99 -36.35 12.01
N PRO B 307 32.69 -36.21 12.37
CA PRO B 307 31.70 -37.22 11.96
C PRO B 307 31.64 -37.37 10.45
N MET B 308 31.27 -38.58 9.99
CA MET B 308 31.22 -38.86 8.56
C MET B 308 29.89 -39.50 8.17
N HIS B 309 29.22 -38.89 7.15
CA HIS B 309 28.00 -39.43 6.56
C HIS B 309 28.48 -40.43 5.51
N ILE B 310 28.70 -41.70 5.91
CA ILE B 310 29.18 -42.72 4.98
C ILE B 310 28.06 -43.14 4.03
N ARG B 311 28.23 -42.79 2.74
CA ARG B 311 27.33 -43.19 1.65
C ARG B 311 28.18 -43.87 0.57
N ARG B 312 27.67 -44.89 -0.16
CA ARG B 312 28.52 -45.41 -1.23
C ARG B 312 27.72 -45.71 -2.48
N PHE B 313 27.94 -44.93 -3.56
CA PHE B 313 27.25 -45.10 -4.85
C PHE B 313 28.22 -45.22 -6.06
N SER B 314 29.38 -44.51 -6.02
CA SER B 314 30.32 -44.52 -7.13
C SER B 314 30.98 -45.88 -7.33
N ASN B 315 31.12 -46.31 -8.61
CA ASN B 315 31.78 -47.55 -8.98
C ASN B 315 31.31 -48.70 -8.07
N LEU B 316 29.99 -48.82 -7.85
CA LEU B 316 29.50 -49.86 -6.94
C LEU B 316 29.82 -51.26 -7.44
N PRO B 317 30.55 -52.06 -6.65
CA PRO B 317 30.81 -53.43 -7.07
C PRO B 317 29.66 -54.41 -6.75
N VAL B 318 28.51 -53.94 -6.23
CA VAL B 318 27.39 -54.82 -5.89
C VAL B 318 26.10 -54.29 -6.48
N LEU B 319 25.07 -55.15 -6.51
CA LEU B 319 23.72 -54.79 -6.99
C LEU B 319 22.87 -54.23 -5.86
N GLY B 320 21.71 -53.68 -6.22
CA GLY B 320 20.79 -53.09 -5.24
C GLY B 320 20.36 -54.10 -4.22
N GLY B 321 20.50 -53.78 -2.94
CA GLY B 321 20.10 -54.67 -1.85
C GLY B 321 21.14 -55.68 -1.36
N GLU B 322 22.25 -55.88 -2.11
CA GLU B 322 23.34 -56.78 -1.72
C GLU B 322 24.19 -56.08 -0.66
N SER B 323 24.63 -56.84 0.36
CA SER B 323 25.41 -56.30 1.49
C SER B 323 26.91 -56.17 1.19
N CYS B 324 27.54 -55.17 1.85
CA CYS B 324 28.98 -54.88 1.79
C CYS B 324 29.56 -54.94 3.19
N ARG B 325 30.85 -55.27 3.30
CA ARG B 325 31.57 -55.22 4.57
C ARG B 325 32.24 -53.86 4.64
N PHE B 326 31.90 -53.06 5.64
CA PHE B 326 32.51 -51.76 5.88
C PHE B 326 33.46 -51.89 7.05
N VAL B 327 34.65 -51.35 6.95
CA VAL B 327 35.58 -51.38 8.07
C VAL B 327 36.16 -49.99 8.31
N ILE B 328 35.83 -49.38 9.45
CA ILE B 328 36.33 -48.06 9.78
C ILE B 328 37.47 -48.20 10.77
N SER B 329 38.60 -47.51 10.50
CA SER B 329 39.78 -47.48 11.35
C SER B 329 39.86 -46.13 12.10
N GLU B 330 40.75 -46.04 13.11
CA GLU B 330 40.97 -44.86 13.95
C GLU B 330 39.70 -44.43 14.72
N VAL B 331 38.80 -45.38 15.00
CA VAL B 331 37.55 -45.15 15.72
C VAL B 331 37.80 -44.92 17.25
N PRO B 332 37.21 -43.88 17.86
CA PRO B 332 37.50 -43.57 19.24
C PRO B 332 36.82 -44.40 20.35
N GLU B 333 35.89 -45.33 20.06
CA GLU B 333 35.23 -46.14 21.14
C GLU B 333 34.06 -45.41 21.78
N SER B 334 33.92 -44.11 21.56
CA SER B 334 32.84 -43.33 22.05
C SER B 334 32.03 -42.97 20.80
N LEU B 335 32.21 -43.79 19.74
CA LEU B 335 31.63 -43.59 18.42
C LEU B 335 30.71 -44.71 18.09
N VAL B 336 29.59 -44.37 17.47
CA VAL B 336 28.58 -45.30 17.03
C VAL B 336 28.38 -45.10 15.55
N VAL B 337 27.75 -46.07 14.90
CA VAL B 337 27.39 -45.92 13.51
C VAL B 337 25.89 -46.09 13.46
N LEU B 338 25.17 -45.05 13.00
CA LEU B 338 23.73 -45.10 12.85
C LEU B 338 23.43 -45.25 11.41
N GLN B 339 22.44 -46.07 11.05
CA GLN B 339 21.96 -46.13 9.68
C GLN B 339 20.87 -45.06 9.75
N ALA B 340 21.08 -43.89 9.13
CA ALA B 340 20.12 -42.79 9.27
C ALA B 340 19.81 -42.09 7.95
N ASN B 341 18.83 -42.65 7.21
CA ASN B 341 18.40 -42.01 5.97
C ASN B 341 17.41 -40.87 6.36
N SER B 342 16.83 -40.93 7.56
CA SER B 342 15.91 -39.93 8.07
C SER B 342 16.07 -39.83 9.57
N SER B 343 15.32 -38.93 10.20
CA SER B 343 15.38 -38.87 11.66
C SER B 343 14.51 -39.98 12.25
N LEU B 344 13.32 -40.15 11.69
CA LEU B 344 12.35 -41.11 12.16
C LEU B 344 12.79 -42.55 11.90
N THR B 345 13.75 -42.82 10.97
CA THR B 345 14.23 -44.17 10.73
C THR B 345 15.70 -44.40 11.24
N ALA B 346 16.20 -43.57 12.14
CA ALA B 346 17.57 -43.81 12.61
C ALA B 346 17.64 -45.09 13.46
N SER B 347 18.68 -45.90 13.23
CA SER B 347 18.89 -47.16 13.98
C SER B 347 20.36 -47.33 14.24
N LEU B 348 20.67 -47.98 15.33
CA LEU B 348 22.04 -48.20 15.73
C LEU B 348 22.61 -49.43 15.03
N VAL B 349 23.68 -49.24 14.25
CA VAL B 349 24.31 -50.32 13.50
C VAL B 349 25.11 -51.13 14.50
N PRO B 350 24.79 -52.44 14.66
CA PRO B 350 25.60 -53.27 15.55
C PRO B 350 26.90 -53.56 14.85
N VAL B 351 28.03 -53.07 15.41
CA VAL B 351 29.35 -53.26 14.81
C VAL B 351 30.07 -54.35 15.58
N LYS B 352 31.26 -54.72 15.12
CA LYS B 352 32.15 -55.69 15.79
C LYS B 352 33.54 -55.11 15.75
N THR B 353 34.30 -55.23 16.86
CA THR B 353 35.68 -54.73 16.92
C THR B 353 36.57 -55.76 16.28
N VAL B 354 37.46 -55.32 15.39
CA VAL B 354 38.32 -56.21 14.61
C VAL B 354 39.81 -55.82 14.78
N GLY B 355 40.11 -54.89 15.69
CA GLY B 355 41.47 -54.42 15.90
C GLY B 355 41.50 -53.10 16.63
N ASP B 356 42.72 -52.62 16.91
CA ASP B 356 42.94 -51.37 17.65
C ASP B 356 42.25 -50.21 16.95
N LYS B 357 41.23 -49.64 17.60
CA LYS B 357 40.43 -48.55 17.06
C LYS B 357 39.85 -48.93 15.67
N THR B 358 39.52 -50.23 15.44
CA THR B 358 38.98 -50.68 14.15
C THR B 358 37.72 -51.48 14.36
N ILE B 359 36.62 -51.06 13.69
CA ILE B 359 35.30 -51.71 13.80
C ILE B 359 34.77 -52.07 12.41
N GLU B 360 33.92 -53.10 12.37
CA GLU B 360 33.35 -53.63 11.15
C GLU B 360 31.88 -53.84 11.27
N PHE B 361 31.14 -53.50 10.19
CA PHE B 361 29.71 -53.78 10.07
C PHE B 361 29.41 -54.21 8.62
N VAL B 362 28.31 -54.95 8.41
CA VAL B 362 27.94 -55.41 7.08
C VAL B 362 26.54 -54.84 6.75
N ALA B 363 26.39 -54.21 5.57
CA ALA B 363 25.10 -53.60 5.19
C ALA B 363 25.00 -53.30 3.71
N PRO B 364 23.79 -53.05 3.18
CA PRO B 364 23.68 -52.73 1.75
C PRO B 364 23.95 -51.25 1.48
N PRO B 365 24.94 -50.88 0.65
CA PRO B 365 25.17 -49.45 0.39
C PRO B 365 24.00 -48.77 -0.31
N LYS B 366 23.27 -49.54 -1.14
CA LYS B 366 22.13 -49.15 -1.97
C LYS B 366 20.96 -50.12 -1.69
N GLY B 367 19.73 -49.59 -1.65
CA GLY B 367 18.53 -50.38 -1.38
C GLY B 367 18.18 -51.36 -2.48
N GLN B 368 17.28 -52.32 -2.20
CA GLN B 368 16.91 -53.30 -3.23
C GLN B 368 16.04 -52.67 -4.32
N ASP B 369 15.44 -51.50 -4.03
CA ASP B 369 14.69 -50.71 -5.02
C ASP B 369 15.58 -50.20 -6.19
N ARG B 370 16.91 -50.09 -5.96
CA ARG B 370 17.92 -49.65 -6.93
C ARG B 370 17.79 -48.14 -7.21
N ARG B 371 17.14 -47.39 -6.30
CA ARG B 371 17.00 -45.94 -6.38
C ARG B 371 17.22 -45.25 -4.99
N THR B 372 17.71 -46.00 -3.95
CA THR B 372 18.03 -45.50 -2.59
C THR B 372 19.48 -45.77 -2.22
N ILE B 373 20.23 -44.77 -1.73
CA ILE B 373 21.60 -45.02 -1.28
C ILE B 373 21.62 -44.86 0.24
N ASN B 374 21.71 -45.98 0.97
CA ASN B 374 21.70 -45.93 2.44
C ASN B 374 22.89 -45.14 3.01
N THR B 375 22.60 -44.40 4.08
CA THR B 375 23.53 -43.55 4.80
C THR B 375 23.86 -44.16 6.13
N PHE B 376 25.17 -44.31 6.40
CA PHE B 376 25.72 -44.85 7.63
C PHE B 376 26.50 -43.71 8.29
N TYR B 377 25.90 -43.04 9.30
CA TYR B 377 26.53 -41.89 9.98
C TYR B 377 27.36 -42.36 11.15
N ALA B 378 28.70 -42.25 11.05
CA ALA B 378 29.63 -42.61 12.14
C ALA B 378 29.93 -41.35 12.92
N VAL B 379 29.72 -41.36 14.25
CA VAL B 379 29.88 -40.16 15.05
C VAL B 379 30.39 -40.44 16.43
N ASP B 380 31.35 -39.62 16.89
CA ASP B 380 31.92 -39.73 18.24
C ASP B 380 30.99 -38.99 19.19
N LEU B 381 30.17 -39.73 19.95
CA LEU B 381 29.16 -39.15 20.82
C LEU B 381 29.75 -38.26 21.93
N SER B 382 31.04 -38.42 22.28
CA SER B 382 31.63 -37.52 23.27
C SER B 382 31.65 -36.09 22.72
N GLN B 383 31.82 -35.96 21.38
CA GLN B 383 31.87 -34.66 20.72
C GLN B 383 30.48 -34.09 20.39
N ALA B 384 29.41 -34.91 20.31
CA ALA B 384 28.05 -34.39 20.03
C ALA B 384 27.68 -33.20 20.93
N SER B 385 27.07 -32.17 20.36
CA SER B 385 26.68 -30.97 21.08
C SER B 385 25.19 -30.66 20.86
N ALA B 386 24.64 -29.80 21.75
CA ALA B 386 23.23 -29.44 21.76
C ALA B 386 22.78 -28.75 20.50
N PRO B 387 21.51 -28.96 20.14
CA PRO B 387 20.92 -28.20 19.04
C PRO B 387 20.59 -26.80 19.53
N GLU B 388 19.91 -26.00 18.71
CA GLU B 388 19.54 -24.65 19.10
C GLU B 388 18.24 -24.73 19.88
N ILE B 389 18.29 -24.55 21.22
CA ILE B 389 17.07 -24.62 22.03
C ILE B 389 16.36 -23.31 21.85
N LEU B 390 15.20 -23.31 21.23
CA LEU B 390 14.47 -22.06 20.99
C LEU B 390 13.63 -21.70 22.18
N GLY B 391 13.06 -22.70 22.87
CA GLY B 391 12.26 -22.44 24.07
C GLY B 391 10.93 -23.18 24.15
N ALA B 392 10.21 -22.93 25.25
CA ALA B 392 8.93 -23.56 25.50
C ALA B 392 7.85 -23.01 24.62
N VAL B 393 6.89 -23.87 24.30
CA VAL B 393 5.77 -23.57 23.44
C VAL B 393 4.49 -23.93 24.19
N PRO B 394 3.42 -23.13 24.11
CA PRO B 394 2.19 -23.51 24.83
C PRO B 394 1.52 -24.73 24.22
N ASN B 395 0.74 -25.43 25.05
CA ASN B 395 0.01 -26.61 24.60
C ASN B 395 -0.98 -26.24 23.52
N GLN B 396 -1.30 -27.19 22.65
CA GLN B 396 -2.21 -26.91 21.54
C GLN B 396 -2.88 -28.16 21.10
N ASN B 397 -4.04 -28.04 20.43
CA ASN B 397 -4.74 -29.22 19.98
C ASN B 397 -5.61 -28.91 18.78
N LEU B 398 -4.93 -28.61 17.66
CA LEU B 398 -5.59 -28.39 16.38
C LEU B 398 -6.27 -29.70 15.96
N HIS B 399 -5.61 -30.85 16.22
CA HIS B 399 -6.15 -32.16 15.90
C HIS B 399 -7.54 -32.39 16.48
N GLY B 400 -7.79 -31.85 17.66
CA GLY B 400 -9.07 -32.01 18.34
C GLY B 400 -10.11 -30.95 18.03
N GLU B 401 -9.89 -30.11 17.02
CA GLU B 401 -10.87 -29.08 16.69
C GLU B 401 -12.07 -29.63 15.89
N GLU B 402 -13.25 -29.04 16.13
CA GLU B 402 -14.44 -29.41 15.36
C GLU B 402 -14.30 -28.82 13.96
N ILE B 403 -14.95 -29.40 12.93
CA ILE B 403 -14.82 -28.89 11.55
C ILE B 403 -15.39 -27.50 11.49
N PRO B 404 -14.57 -26.48 11.21
CA PRO B 404 -15.11 -25.13 11.15
C PRO B 404 -15.70 -24.83 9.79
N ASP B 405 -16.23 -23.61 9.64
CA ASP B 405 -16.71 -23.06 8.37
C ASP B 405 -15.55 -22.36 7.71
N LEU B 406 -14.74 -21.65 8.50
CA LEU B 406 -13.63 -20.87 8.02
C LEU B 406 -12.40 -21.08 8.89
N ILE B 407 -11.22 -21.17 8.27
CA ILE B 407 -9.96 -21.26 8.99
C ILE B 407 -9.20 -20.03 8.71
N ILE B 408 -8.87 -19.23 9.72
CA ILE B 408 -8.04 -18.05 9.46
C ILE B 408 -6.64 -18.39 9.97
N VAL B 409 -5.66 -18.49 9.04
CA VAL B 409 -4.26 -18.78 9.37
C VAL B 409 -3.58 -17.44 9.41
N SER B 410 -3.08 -17.03 10.58
CA SER B 410 -2.46 -15.73 10.76
C SER B 410 -1.00 -15.81 11.17
N THR B 411 -0.34 -14.66 11.13
CA THR B 411 1.02 -14.46 11.62
C THR B 411 0.87 -13.97 13.06
N GLN B 412 1.95 -13.74 13.78
CA GLN B 412 1.81 -13.33 15.16
C GLN B 412 1.26 -11.95 15.23
N ALA B 413 1.95 -10.97 14.60
CA ALA B 413 1.55 -9.56 14.66
C ALA B 413 0.13 -9.31 14.27
N LEU B 414 -0.32 -9.99 13.21
CA LEU B 414 -1.66 -9.78 12.66
C LEU B 414 -2.80 -10.49 13.42
N LEU B 415 -2.50 -11.36 14.39
CA LEU B 415 -3.49 -12.12 15.11
C LEU B 415 -4.70 -11.34 15.67
N PRO B 416 -4.60 -10.19 16.40
CA PRO B 416 -5.83 -9.56 16.90
C PRO B 416 -6.66 -9.07 15.74
N GLU B 417 -6.02 -8.59 14.65
CA GLU B 417 -6.80 -8.14 13.51
C GLU B 417 -7.49 -9.34 12.85
N ALA B 418 -6.84 -10.51 12.85
CA ALA B 418 -7.47 -11.71 12.32
C ALA B 418 -8.62 -12.10 13.22
N ASP B 419 -8.38 -12.09 14.53
CA ASP B 419 -9.40 -12.46 15.49
C ASP B 419 -10.58 -11.50 15.49
N ARG B 420 -10.35 -10.24 15.11
CA ARG B 420 -11.43 -9.27 15.01
C ARG B 420 -12.40 -9.70 13.88
N LEU B 421 -11.83 -10.00 12.69
CA LEU B 421 -12.61 -10.51 11.55
C LEU B 421 -13.30 -11.77 11.96
N ALA B 422 -12.59 -12.67 12.69
CA ALA B 422 -13.17 -13.93 13.17
C ALA B 422 -14.39 -13.64 14.01
N THR B 423 -14.24 -12.79 15.03
CA THR B 423 -15.33 -12.39 15.92
C THR B 423 -16.48 -11.80 15.14
N TYR B 424 -16.18 -10.97 14.11
CA TYR B 424 -17.25 -10.41 13.27
C TYR B 424 -18.05 -11.53 12.58
N ARG B 425 -17.33 -12.46 11.90
CA ARG B 425 -17.95 -13.59 11.19
C ARG B 425 -18.71 -14.49 12.15
N ARG B 426 -18.11 -14.75 13.34
CA ARG B 426 -18.78 -15.54 14.37
C ARG B 426 -20.12 -14.89 14.76
N GLU B 427 -20.08 -13.59 15.08
CA GLU B 427 -21.28 -12.88 15.54
C GLU B 427 -22.28 -12.57 14.43
N LYS B 428 -21.89 -11.88 13.35
CA LYS B 428 -22.82 -11.44 12.29
C LYS B 428 -23.24 -12.54 11.37
N ASN B 429 -22.28 -13.19 10.73
CA ASN B 429 -22.56 -14.25 9.77
C ASN B 429 -22.89 -15.59 10.44
N GLY B 430 -22.81 -15.67 11.77
CA GLY B 430 -23.11 -16.89 12.49
C GLY B 430 -22.27 -18.08 12.08
N LEU B 431 -20.94 -17.90 11.95
CA LEU B 431 -20.02 -18.94 11.48
C LEU B 431 -19.15 -19.58 12.55
N LYS B 432 -18.83 -20.87 12.41
CA LYS B 432 -17.82 -21.54 13.23
C LYS B 432 -16.50 -21.19 12.57
N VAL B 433 -15.67 -20.29 13.15
CA VAL B 433 -14.40 -19.93 12.51
C VAL B 433 -13.27 -20.26 13.46
N LEU B 434 -12.20 -20.91 12.93
CA LEU B 434 -11.02 -21.34 13.67
C LEU B 434 -9.84 -20.46 13.31
N VAL B 435 -9.25 -19.76 14.31
CA VAL B 435 -8.07 -18.92 14.09
C VAL B 435 -6.85 -19.67 14.65
N VAL B 436 -5.81 -19.79 13.83
CA VAL B 436 -4.57 -20.43 14.23
C VAL B 436 -3.40 -19.65 13.72
N LEU B 437 -2.29 -19.80 14.41
CA LEU B 437 -1.03 -19.21 14.00
C LEU B 437 -0.31 -20.20 13.10
N GLN B 438 0.30 -19.75 11.99
CA GLN B 438 0.95 -20.73 11.12
C GLN B 438 1.96 -21.57 11.89
N GLU B 439 2.60 -21.00 12.94
CA GLU B 439 3.50 -21.76 13.77
C GLU B 439 2.79 -22.98 14.28
N GLN B 440 1.56 -22.80 14.79
CA GLN B 440 0.80 -23.93 15.33
C GLN B 440 0.55 -25.00 14.28
N VAL B 441 0.26 -24.58 13.04
CA VAL B 441 0.03 -25.52 11.94
C VAL B 441 1.32 -26.30 11.69
N PHE B 442 2.47 -25.60 11.70
CA PHE B 442 3.72 -26.31 11.52
C PHE B 442 3.99 -27.26 12.65
N ASN B 443 3.61 -26.91 13.88
CA ASN B 443 3.89 -27.78 15.03
C ASN B 443 3.17 -29.12 14.88
N GLU B 444 1.87 -29.09 14.54
CA GLU B 444 1.11 -30.34 14.44
C GLU B 444 1.11 -30.97 13.05
N PHE B 445 1.54 -30.27 11.97
CA PHE B 445 1.48 -30.92 10.66
C PHE B 445 2.85 -31.04 9.98
N SER B 446 3.94 -30.44 10.51
CA SER B 446 5.27 -30.68 9.92
C SER B 446 6.38 -30.72 10.99
N GLY B 447 6.03 -31.17 12.21
CA GLY B 447 6.99 -31.25 13.30
C GLY B 447 7.72 -29.95 13.62
N GLY B 448 6.99 -28.84 13.52
CA GLY B 448 7.48 -27.49 13.77
C GLY B 448 8.23 -26.81 12.62
N THR B 449 8.52 -27.54 11.52
CA THR B 449 9.30 -26.99 10.43
C THR B 449 8.42 -26.31 9.43
N PRO B 450 8.72 -25.04 9.01
CA PRO B 450 7.87 -24.40 7.97
C PRO B 450 7.79 -25.22 6.68
N ASP B 451 6.56 -25.53 6.24
CA ASP B 451 6.34 -26.30 5.00
C ASP B 451 5.01 -25.96 4.39
N ALA B 452 4.96 -25.62 3.11
CA ALA B 452 3.66 -25.33 2.50
C ALA B 452 2.65 -26.51 2.70
N THR B 453 3.15 -27.76 2.61
CA THR B 453 2.31 -28.95 2.78
C THR B 453 1.65 -29.01 4.17
N ALA B 454 2.23 -28.37 5.18
CA ALA B 454 1.62 -28.33 6.51
C ALA B 454 0.25 -27.66 6.47
N TYR B 455 0.05 -26.62 5.62
CA TYR B 455 -1.28 -26.00 5.52
C TYR B 455 -2.26 -27.01 4.94
N ARG B 456 -1.86 -27.56 3.79
CA ARG B 456 -2.64 -28.53 3.03
C ARG B 456 -3.06 -29.72 3.92
N LEU B 457 -2.12 -30.26 4.71
CA LEU B 457 -2.40 -31.38 5.61
C LEU B 457 -3.39 -31.00 6.70
N PHE B 458 -3.27 -29.75 7.23
CA PHE B 458 -4.18 -29.25 8.24
C PHE B 458 -5.60 -29.19 7.68
N ALA B 459 -5.74 -28.71 6.44
CA ALA B 459 -7.06 -28.63 5.80
C ALA B 459 -7.57 -29.99 5.56
N LYS B 460 -6.69 -30.85 4.98
CA LYS B 460 -7.04 -32.23 4.65
C LYS B 460 -7.62 -32.93 5.84
N MET B 461 -7.04 -32.72 7.05
CA MET B 461 -7.57 -33.33 8.28
C MET B 461 -9.10 -33.21 8.34
N PHE B 462 -9.60 -31.96 8.26
CA PHE B 462 -11.03 -31.70 8.29
C PHE B 462 -11.74 -32.26 7.06
N TYR B 463 -11.17 -32.10 5.86
CA TYR B 463 -11.78 -32.62 4.61
C TYR B 463 -12.07 -34.12 4.74
N ASP B 464 -11.04 -34.90 5.10
CA ASP B 464 -11.19 -36.33 5.30
C ASP B 464 -12.30 -36.65 6.30
N ARG B 465 -12.34 -35.90 7.42
CA ARG B 465 -13.34 -36.10 8.47
C ARG B 465 -14.74 -35.84 7.95
N TRP B 466 -14.88 -34.73 7.23
CA TRP B 466 -16.14 -34.33 6.63
C TRP B 466 -16.62 -35.37 5.62
N LYS B 467 -15.74 -35.73 4.66
CA LYS B 467 -16.06 -36.66 3.58
C LYS B 467 -16.68 -37.94 4.10
N ALA B 468 -16.19 -38.42 5.25
CA ALA B 468 -16.68 -39.67 5.84
C ALA B 468 -18.19 -39.74 5.96
N ASN B 469 -18.80 -38.68 6.50
CA ASN B 469 -20.25 -38.63 6.73
C ASN B 469 -20.97 -37.71 5.75
N ALA B 470 -20.25 -37.00 4.88
CA ALA B 470 -20.88 -36.07 3.95
C ALA B 470 -21.78 -36.82 2.94
N PRO B 471 -23.00 -36.31 2.64
CA PRO B 471 -23.87 -37.00 1.67
C PRO B 471 -23.37 -36.88 0.24
N VAL B 472 -23.70 -37.90 -0.59
CA VAL B 472 -23.26 -37.95 -1.99
C VAL B 472 -23.75 -36.70 -2.75
N GLY B 473 -22.82 -36.04 -3.46
CA GLY B 473 -23.09 -34.82 -4.21
C GLY B 473 -22.65 -33.53 -3.53
N GLU B 474 -22.80 -33.46 -2.18
CA GLU B 474 -22.48 -32.27 -1.36
C GLU B 474 -21.00 -31.90 -1.49
N THR B 475 -20.69 -30.59 -1.66
CA THR B 475 -19.32 -30.10 -1.76
C THR B 475 -18.82 -29.71 -0.38
N PHE B 476 -17.48 -29.81 -0.17
CA PHE B 476 -16.85 -29.48 1.10
C PHE B 476 -17.13 -28.01 1.47
N PRO B 477 -17.79 -27.75 2.62
CA PRO B 477 -18.18 -26.37 2.97
C PRO B 477 -17.12 -25.46 3.57
N MET B 478 -16.00 -26.02 4.09
CA MET B 478 -14.96 -25.23 4.75
C MET B 478 -14.22 -24.35 3.76
N GLN B 479 -13.63 -23.25 4.27
CA GLN B 479 -12.84 -22.28 3.52
C GLN B 479 -11.61 -21.87 4.30
N MET B 480 -10.55 -21.44 3.63
CA MET B 480 -9.34 -20.99 4.33
C MET B 480 -8.99 -19.57 3.96
N LEU B 481 -8.62 -18.77 4.97
CA LEU B 481 -8.18 -17.40 4.76
C LEU B 481 -6.75 -17.27 5.23
N LEU B 482 -5.82 -17.05 4.30
CA LEU B 482 -4.42 -16.83 4.66
C LEU B 482 -4.32 -15.35 5.04
N PHE B 483 -4.32 -15.07 6.36
CA PHE B 483 -4.28 -13.70 6.88
C PHE B 483 -2.82 -13.25 6.97
N GLY B 484 -2.32 -12.80 5.83
CA GLY B 484 -0.92 -12.35 5.74
C GLY B 484 -0.34 -12.38 4.34
N ASP B 485 0.69 -11.54 4.13
CA ASP B 485 1.38 -11.50 2.85
C ASP B 485 2.30 -12.70 2.76
N GLY B 486 2.79 -12.99 1.56
CA GLY B 486 3.72 -14.08 1.33
C GLY B 486 4.88 -13.66 0.45
N ALA B 487 6.10 -14.15 0.77
CA ALA B 487 7.30 -13.85 0.01
C ALA B 487 7.63 -14.98 -0.96
N HIS B 488 8.09 -14.64 -2.19
CA HIS B 488 8.50 -15.67 -3.13
C HIS B 488 9.69 -16.40 -2.58
N ASP B 489 10.68 -15.63 -2.04
CA ASP B 489 11.80 -16.22 -1.32
C ASP B 489 11.32 -16.44 0.08
N ASN B 490 10.74 -17.61 0.32
CA ASN B 490 10.19 -17.94 1.63
C ASN B 490 11.23 -17.78 2.76
N ARG B 491 12.47 -18.26 2.54
CA ARG B 491 13.48 -18.14 3.58
C ARG B 491 14.03 -16.72 3.75
N LYS B 492 13.66 -15.77 2.87
CA LYS B 492 14.18 -14.41 2.89
C LYS B 492 15.74 -14.42 2.97
N VAL B 493 16.40 -15.35 2.23
CA VAL B 493 17.86 -15.49 2.20
C VAL B 493 18.54 -14.68 1.09
N SER B 494 17.81 -14.34 0.02
CA SER B 494 18.39 -13.57 -1.06
C SER B 494 18.85 -12.21 -0.58
N VAL B 495 19.75 -11.62 -1.38
CA VAL B 495 20.37 -10.33 -1.09
C VAL B 495 19.32 -9.25 -0.98
N ALA B 496 18.35 -9.24 -1.91
CA ALA B 496 17.29 -8.24 -1.86
C ALA B 496 16.55 -8.27 -0.52
N TRP B 497 16.44 -9.42 0.12
CA TRP B 497 15.71 -9.51 1.39
C TRP B 497 16.53 -8.96 2.56
N GLN B 498 17.75 -8.51 2.36
CA GLN B 498 18.56 -8.02 3.48
C GLN B 498 18.60 -6.51 3.52
N LYS B 499 17.63 -5.82 2.88
CA LYS B 499 17.69 -4.36 2.89
C LYS B 499 17.26 -3.89 4.24
N PRO B 500 18.01 -2.95 4.86
CA PRO B 500 17.58 -2.40 6.15
C PRO B 500 16.19 -1.72 6.12
N TYR B 501 15.82 -1.12 4.97
CA TYR B 501 14.55 -0.40 4.83
C TYR B 501 13.32 -1.32 4.96
N LEU B 502 13.28 -2.41 4.23
CA LEU B 502 12.20 -3.38 4.43
C LEU B 502 12.78 -4.28 5.48
N GLN B 503 12.02 -4.84 6.44
CA GLN B 503 12.73 -5.76 7.36
C GLN B 503 11.89 -7.00 7.61
N GLN B 504 12.67 -8.05 8.01
CA GLN B 504 12.34 -9.44 8.31
C GLN B 504 11.21 -9.49 9.39
N THR B 505 9.98 -9.45 8.83
CA THR B 505 8.64 -9.52 9.40
C THR B 505 8.27 -11.01 9.28
N GLU B 506 7.14 -11.48 9.80
CA GLU B 506 6.73 -12.89 9.59
C GLU B 506 5.76 -12.93 8.47
N PHE B 507 5.98 -13.77 7.47
CA PHE B 507 5.02 -13.88 6.38
C PHE B 507 4.40 -15.28 6.37
N LEU B 508 3.30 -15.45 5.68
CA LEU B 508 2.79 -16.78 5.48
C LEU B 508 3.59 -17.35 4.31
N LEU B 509 3.61 -18.68 4.17
CA LEU B 509 4.37 -19.30 3.08
C LEU B 509 3.69 -19.08 1.76
N THR B 510 4.46 -19.20 0.68
CA THR B 510 3.96 -19.18 -0.69
C THR B 510 4.26 -20.53 -1.24
N PHE B 511 3.40 -21.09 -2.11
CA PHE B 511 3.69 -22.39 -2.73
C PHE B 511 3.96 -22.14 -4.19
N GLN B 512 5.01 -22.73 -4.76
CA GLN B 512 5.30 -22.47 -6.15
C GLN B 512 5.19 -23.75 -6.91
N ALA B 513 4.14 -23.84 -7.74
CA ALA B 513 3.87 -24.99 -8.58
C ALA B 513 4.97 -25.10 -9.64
N VAL B 514 6.01 -25.89 -9.34
CA VAL B 514 7.13 -26.12 -10.26
C VAL B 514 6.71 -27.23 -11.27
N ASN B 515 6.97 -27.04 -12.58
CA ASN B 515 6.59 -28.02 -13.60
C ASN B 515 7.75 -29.00 -13.87
N SER B 516 7.59 -29.90 -14.87
CA SER B 516 8.62 -30.91 -15.20
C SER B 516 9.98 -30.28 -15.56
N THR B 517 11.03 -30.68 -14.80
CA THR B 517 12.43 -30.28 -14.97
C THR B 517 12.67 -28.73 -14.86
N ASN B 518 12.09 -28.08 -13.83
CA ASN B 518 12.25 -26.65 -13.53
C ASN B 518 12.22 -25.71 -14.77
N VAL B 519 11.36 -26.01 -15.77
CA VAL B 519 11.27 -25.22 -17.00
C VAL B 519 10.64 -23.86 -16.63
N ASN B 520 9.34 -23.85 -16.25
CA ASN B 520 8.57 -22.69 -15.79
C ASN B 520 8.00 -22.98 -14.43
N SER B 521 7.44 -21.96 -13.78
CA SER B 521 6.81 -22.14 -12.47
C SER B 521 5.92 -20.97 -12.16
N TYR B 522 4.79 -21.23 -11.50
CA TYR B 522 3.86 -20.19 -11.12
C TYR B 522 3.58 -20.30 -9.63
N VAL B 523 3.44 -19.16 -8.96
CA VAL B 523 3.14 -19.15 -7.54
C VAL B 523 1.60 -19.25 -7.41
N THR B 524 1.11 -20.07 -6.50
CA THR B 524 -0.32 -20.31 -6.33
C THR B 524 -0.68 -20.65 -4.90
N ASP B 525 -1.91 -20.27 -4.49
CA ASP B 525 -2.42 -20.64 -3.17
C ASP B 525 -3.42 -21.76 -3.34
N ASP B 526 -3.75 -22.12 -4.59
CA ASP B 526 -4.69 -23.20 -4.85
C ASP B 526 -4.15 -24.52 -4.28
N TYR B 527 -2.80 -24.67 -4.21
CA TYR B 527 -2.17 -25.86 -3.64
C TYR B 527 -2.78 -26.27 -2.31
N PHE B 528 -3.05 -25.29 -1.46
CA PHE B 528 -3.58 -25.53 -0.13
C PHE B 528 -5.00 -26.05 -0.12
N GLY B 529 -5.71 -26.02 -1.24
CA GLY B 529 -7.06 -26.55 -1.33
C GLY B 529 -7.18 -27.82 -2.14
N LEU B 530 -6.04 -28.50 -2.38
CA LEU B 530 -6.03 -29.77 -3.13
C LEU B 530 -5.96 -30.92 -2.09
N LEU B 531 -7.12 -31.33 -1.59
CA LEU B 531 -7.23 -32.25 -0.46
C LEU B 531 -7.69 -33.67 -0.82
N ASP B 532 -8.00 -33.94 -2.10
CA ASP B 532 -8.49 -35.27 -2.49
C ASP B 532 -7.41 -36.30 -2.47
N ASP B 533 -7.82 -37.57 -2.50
CA ASP B 533 -6.88 -38.69 -2.54
C ASP B 533 -6.69 -39.15 -4.00
N GLN B 534 -6.40 -38.21 -4.91
CA GLN B 534 -6.18 -38.55 -6.31
C GLN B 534 -4.78 -39.14 -6.46
N PRO B 535 -4.51 -39.91 -7.54
CA PRO B 535 -3.17 -40.47 -7.72
C PRO B 535 -2.10 -39.43 -8.09
N ALA B 536 -0.82 -39.78 -7.94
CA ALA B 536 0.33 -38.90 -8.20
C ALA B 536 0.47 -38.45 -9.70
N SER B 537 -0.04 -39.26 -10.67
CA SER B 537 0.02 -38.93 -12.11
C SER B 537 -0.66 -37.58 -12.46
N VAL B 538 -1.66 -37.16 -11.64
CA VAL B 538 -2.41 -35.91 -11.77
C VAL B 538 -1.53 -34.77 -11.22
N ASN B 539 -1.07 -33.87 -12.11
CA ASN B 539 -0.20 -32.73 -11.73
C ASN B 539 -1.00 -31.73 -10.92
N ILE B 540 -0.33 -30.83 -10.19
CA ILE B 540 -0.98 -29.81 -9.34
C ILE B 540 -2.04 -29.01 -10.15
N GLY B 541 -1.79 -28.80 -11.45
CA GLY B 541 -2.71 -28.10 -12.33
C GLY B 541 -4.02 -28.80 -12.60
N TRP B 542 -4.05 -30.15 -12.66
CA TRP B 542 -5.28 -30.90 -13.00
C TRP B 542 -5.95 -31.59 -11.80
N ARG B 543 -5.55 -31.26 -10.56
CA ARG B 543 -6.17 -31.86 -9.38
C ARG B 543 -7.43 -31.09 -9.02
N ASN B 544 -8.29 -31.68 -8.15
CA ASN B 544 -9.57 -31.09 -7.77
C ASN B 544 -9.40 -30.07 -6.67
N TYR B 545 -9.93 -28.85 -6.89
CA TYR B 545 -9.88 -27.73 -5.95
C TYR B 545 -11.01 -27.98 -4.99
N ASN B 546 -10.71 -28.64 -3.86
CA ASN B 546 -11.74 -29.02 -2.90
C ASN B 546 -12.12 -27.93 -2.00
N MET B 547 -11.17 -27.15 -1.53
CA MET B 547 -11.45 -26.10 -0.58
C MET B 547 -11.12 -24.74 -1.18
N ALA B 548 -12.02 -23.75 -0.99
CA ALA B 548 -11.72 -22.41 -1.46
C ALA B 548 -10.67 -21.81 -0.53
N VAL B 549 -9.67 -21.16 -1.10
CA VAL B 549 -8.62 -20.47 -0.36
C VAL B 549 -8.66 -19.03 -0.77
N GLY B 550 -8.49 -18.13 0.19
CA GLY B 550 -8.41 -16.70 -0.06
C GLY B 550 -7.26 -16.12 0.73
N ARG B 551 -6.72 -14.97 0.30
CA ARG B 551 -5.62 -14.36 1.03
C ARG B 551 -5.77 -12.85 1.20
N PHE B 552 -5.36 -12.34 2.36
CA PHE B 552 -5.26 -10.92 2.61
C PHE B 552 -3.80 -10.65 2.62
N PRO B 553 -3.17 -10.22 1.50
CA PRO B 553 -1.71 -10.02 1.52
C PRO B 553 -1.29 -8.76 2.29
N VAL B 554 -1.48 -8.78 3.61
CA VAL B 554 -1.18 -7.63 4.46
C VAL B 554 0.09 -7.93 5.24
N ARG B 555 0.99 -6.94 5.37
CA ARG B 555 2.24 -7.13 6.12
C ARG B 555 2.11 -6.67 7.57
N THR B 556 1.67 -5.41 7.76
CA THR B 556 1.58 -4.81 9.08
C THR B 556 0.16 -4.84 9.59
N PRO B 557 -0.05 -4.69 10.92
CA PRO B 557 -1.42 -4.62 11.44
C PRO B 557 -2.22 -3.46 10.88
N ALA B 558 -1.56 -2.33 10.54
CA ALA B 558 -2.24 -1.20 9.92
C ALA B 558 -2.88 -1.62 8.62
N GLU B 559 -2.11 -2.30 7.75
CA GLU B 559 -2.65 -2.82 6.48
C GLU B 559 -3.81 -3.79 6.76
N ALA B 560 -3.62 -4.68 7.77
CA ALA B 560 -4.64 -5.65 8.17
C ALA B 560 -5.91 -4.99 8.60
N ARG B 561 -5.80 -3.97 9.48
CA ARG B 561 -7.01 -3.34 9.98
C ARG B 561 -7.76 -2.74 8.82
N ILE B 562 -7.03 -2.09 7.89
CA ILE B 562 -7.69 -1.50 6.71
C ILE B 562 -8.48 -2.62 5.94
N ALA B 563 -7.86 -3.77 5.66
CA ALA B 563 -8.54 -4.88 4.97
C ALA B 563 -9.85 -5.33 5.68
N VAL B 564 -9.73 -5.55 7.00
CA VAL B 564 -10.84 -6.07 7.79
C VAL B 564 -11.93 -5.01 7.85
N ASP B 565 -11.55 -3.76 8.16
CA ASP B 565 -12.51 -2.65 8.20
C ASP B 565 -13.26 -2.59 6.84
N LYS B 566 -12.53 -2.62 5.69
CA LYS B 566 -13.13 -2.63 4.33
C LYS B 566 -14.16 -3.81 4.19
N THR B 567 -13.73 -5.04 4.51
CA THR B 567 -14.61 -6.21 4.45
C THR B 567 -15.85 -6.04 5.39
N ILE B 568 -15.66 -5.61 6.65
CA ILE B 568 -16.79 -5.43 7.58
C ILE B 568 -17.75 -4.37 7.09
N ARG B 569 -17.21 -3.18 6.77
CA ARG B 569 -18.04 -2.07 6.30
C ARG B 569 -18.80 -2.47 5.02
N TYR B 570 -18.25 -3.38 4.16
CA TYR B 570 -18.95 -3.83 2.95
C TYR B 570 -20.26 -4.49 3.31
N GLU B 571 -20.22 -5.49 4.21
CA GLU B 571 -21.43 -6.22 4.60
C GLU B 571 -22.43 -5.37 5.33
N GLU B 572 -21.95 -4.41 6.14
CA GLU B 572 -22.83 -3.59 6.94
C GLU B 572 -23.44 -2.45 6.16
N ASP B 573 -22.75 -1.83 5.17
CA ASP B 573 -23.34 -0.73 4.39
C ASP B 573 -24.41 -1.30 3.46
N ARG B 574 -25.61 -1.41 4.00
CA ARG B 574 -26.77 -1.94 3.31
C ARG B 574 -27.13 -1.01 2.15
N GLU B 575 -26.96 0.32 2.32
CA GLU B 575 -27.24 1.37 1.32
C GLU B 575 -26.34 1.23 0.06
N SER B 576 -25.11 0.68 0.18
CA SER B 576 -24.24 0.47 -0.98
C SER B 576 -24.83 -0.62 -1.93
N GLY B 577 -25.46 -1.64 -1.34
CA GLY B 577 -26.12 -2.72 -2.08
C GLY B 577 -27.36 -2.31 -2.84
N ALA B 578 -28.07 -1.26 -2.36
CA ALA B 578 -29.27 -0.71 -3.02
C ALA B 578 -28.92 0.12 -4.28
N TRP B 579 -27.64 0.56 -4.45
CA TRP B 579 -27.18 1.32 -5.62
C TRP B 579 -27.24 0.44 -6.88
N ARG B 580 -26.83 -0.85 -6.76
CA ARG B 580 -26.90 -1.83 -7.87
C ARG B 580 -28.39 -2.13 -8.22
N ILE B 581 -29.30 -2.12 -7.22
CA ILE B 581 -30.75 -2.32 -7.44
C ILE B 581 -31.40 -1.03 -7.98
N ARG B 582 -30.82 0.15 -7.68
CA ARG B 582 -31.33 1.46 -8.13
C ARG B 582 -31.20 1.65 -9.67
N ALA B 583 -30.36 0.85 -10.37
CA ALA B 583 -30.19 0.97 -11.81
C ALA B 583 -31.45 0.52 -12.57
N MET B 612 -17.48 1.45 -17.87
CA MET B 612 -18.72 1.76 -18.56
C MET B 612 -19.49 0.45 -18.89
N PRO B 613 -20.80 0.60 -19.19
CA PRO B 613 -21.66 -0.57 -19.43
C PRO B 613 -21.37 -1.23 -20.77
N VAL B 614 -20.57 -2.33 -20.74
CA VAL B 614 -20.16 -3.08 -21.94
C VAL B 614 -21.16 -4.21 -22.21
N ARG B 615 -21.57 -4.39 -23.50
CA ARG B 615 -22.53 -5.44 -23.89
C ARG B 615 -21.78 -6.71 -24.30
N ALA B 616 -22.10 -7.86 -23.67
CA ALA B 616 -21.45 -9.14 -23.95
C ALA B 616 -22.19 -9.93 -25.05
N PHE B 617 -21.52 -10.23 -26.19
CA PHE B 617 -22.11 -11.03 -27.27
C PHE B 617 -21.75 -12.50 -27.04
N GLN B 618 -22.73 -13.32 -26.61
CA GLN B 618 -22.48 -14.74 -26.30
C GLN B 618 -22.64 -15.58 -27.55
N ASP B 619 -21.61 -16.43 -27.84
CA ASP B 619 -21.48 -17.23 -29.06
C ASP B 619 -21.52 -18.72 -28.73
N LYS B 636 -38.97 -15.77 -21.54
CA LYS B 636 -39.17 -15.55 -20.11
C LYS B 636 -38.20 -16.40 -19.29
N LYS B 637 -38.14 -17.72 -19.56
CA LYS B 637 -37.23 -18.63 -18.85
C LYS B 637 -35.77 -18.42 -19.32
N LYS B 638 -35.57 -18.06 -20.59
CA LYS B 638 -34.23 -17.78 -21.15
C LYS B 638 -33.66 -16.48 -20.55
N MET B 639 -34.50 -15.45 -20.42
CA MET B 639 -34.11 -14.16 -19.83
C MET B 639 -33.87 -14.28 -18.31
N LEU B 640 -34.47 -15.28 -17.64
CA LEU B 640 -34.29 -15.49 -16.20
C LEU B 640 -32.87 -15.95 -15.86
N GLU B 641 -32.27 -16.82 -16.70
CA GLU B 641 -30.91 -17.32 -16.50
C GLU B 641 -29.88 -16.19 -16.59
N THR B 642 -30.05 -15.27 -17.56
CA THR B 642 -29.16 -14.12 -17.77
C THR B 642 -29.22 -13.11 -16.59
N LEU B 643 -30.32 -13.07 -15.80
CA LEU B 643 -30.45 -12.17 -14.63
C LEU B 643 -29.53 -12.68 -13.50
N GLN B 644 -29.34 -14.02 -13.42
CA GLN B 644 -28.46 -14.65 -12.44
C GLN B 644 -26.99 -14.68 -12.88
N SER B 645 -26.70 -14.35 -14.17
CA SER B 645 -25.34 -14.46 -14.70
C SER B 645 -24.45 -13.34 -14.18
N GLY B 646 -23.15 -13.58 -14.23
CA GLY B 646 -22.14 -12.63 -13.81
C GLY B 646 -20.80 -12.87 -14.46
N ILE B 647 -20.01 -11.81 -14.60
CA ILE B 647 -18.70 -11.89 -15.24
C ILE B 647 -17.65 -11.46 -14.27
N ILE B 648 -16.60 -12.26 -14.11
CA ILE B 648 -15.46 -11.87 -13.27
C ILE B 648 -14.33 -11.61 -14.23
N LEU B 649 -13.63 -10.48 -14.01
CA LEU B 649 -12.53 -10.09 -14.87
C LEU B 649 -11.27 -10.18 -14.07
N LEU B 650 -10.25 -10.83 -14.63
CA LEU B 650 -8.97 -11.02 -13.96
C LEU B 650 -8.14 -9.78 -13.98
N ASN B 651 -7.43 -9.51 -12.89
CA ASN B 651 -6.49 -8.41 -12.83
C ASN B 651 -5.15 -8.97 -13.23
N TYR B 652 -4.50 -8.42 -14.27
CA TYR B 652 -3.23 -8.97 -14.74
C TYR B 652 -2.05 -8.17 -14.23
N ALA B 653 -1.41 -8.62 -13.14
CA ALA B 653 -0.23 -7.96 -12.55
C ALA B 653 0.97 -7.98 -13.52
N GLY B 654 1.36 -6.81 -13.99
CA GLY B 654 2.42 -6.64 -14.98
C GLY B 654 3.86 -6.86 -14.59
N HIS B 655 4.74 -6.37 -15.47
CA HIS B 655 6.21 -6.43 -15.39
C HIS B 655 6.67 -4.97 -15.52
N GLY B 656 6.56 -4.24 -14.42
CA GLY B 656 6.87 -2.82 -14.38
C GLY B 656 8.33 -2.41 -14.47
N GLY B 657 9.23 -3.34 -14.15
CA GLY B 657 10.66 -3.09 -14.13
C GLY B 657 11.47 -3.64 -15.28
N PRO B 658 12.59 -2.96 -15.65
CA PRO B 658 13.45 -3.48 -16.72
C PRO B 658 14.28 -4.69 -16.26
N ALA B 659 13.64 -5.87 -16.29
CA ALA B 659 14.20 -7.19 -15.92
C ALA B 659 14.70 -7.27 -14.46
N GLY B 660 15.91 -6.75 -14.20
CA GLY B 660 16.55 -6.84 -12.89
C GLY B 660 15.89 -6.10 -11.75
N TRP B 661 15.14 -5.02 -12.05
CA TRP B 661 14.46 -4.21 -11.03
C TRP B 661 13.41 -5.06 -10.33
N SER B 662 12.50 -5.63 -11.10
CA SER B 662 11.42 -6.47 -10.56
C SER B 662 11.96 -7.48 -9.55
N ASP B 663 13.03 -8.19 -9.90
CA ASP B 663 13.63 -9.23 -9.04
C ASP B 663 14.23 -8.67 -7.72
N GLU B 664 14.69 -7.42 -7.72
CA GLU B 664 15.27 -6.83 -6.51
C GLU B 664 14.23 -6.11 -5.68
N HIS B 665 13.06 -5.75 -6.25
CA HIS B 665 12.08 -4.91 -5.57
C HIS B 665 10.71 -5.50 -5.40
N LEU B 666 10.27 -6.43 -6.27
CA LEU B 666 8.95 -7.09 -6.14
C LEU B 666 9.20 -8.42 -5.53
N LEU B 667 9.17 -8.45 -4.18
CA LEU B 667 9.55 -9.62 -3.41
C LEU B 667 8.35 -10.43 -2.86
N THR B 668 7.19 -9.79 -2.67
CA THR B 668 6.06 -10.48 -2.08
C THR B 668 4.79 -10.37 -2.90
N LEU B 669 3.86 -11.30 -2.64
CA LEU B 669 2.59 -11.27 -3.35
C LEU B 669 1.95 -9.91 -3.30
N ASN B 670 2.09 -9.19 -2.19
CA ASN B 670 1.49 -7.86 -2.12
C ASN B 670 2.11 -6.90 -3.14
N ASP B 671 3.44 -6.97 -3.31
CA ASP B 671 4.17 -6.10 -4.22
C ASP B 671 3.78 -6.35 -5.64
N ILE B 672 3.49 -7.60 -5.96
CA ILE B 672 3.18 -8.00 -7.32
C ILE B 672 1.72 -7.69 -7.68
N HIS B 673 0.78 -8.33 -6.98
CA HIS B 673 -0.66 -8.14 -7.21
C HIS B 673 -1.02 -6.97 -6.36
N ASN B 674 -0.88 -5.75 -6.88
CA ASN B 674 -1.09 -4.65 -5.95
C ASN B 674 -2.50 -4.70 -5.39
N PHE B 675 -2.62 -5.08 -4.06
CA PHE B 675 -3.91 -5.16 -3.35
C PHE B 675 -4.31 -3.76 -2.82
N ASN B 676 -4.65 -2.89 -3.81
CA ASN B 676 -5.32 -1.60 -3.76
C ASN B 676 -6.55 -1.87 -4.63
N TYR B 677 -7.64 -1.14 -4.49
CA TYR B 677 -8.87 -1.51 -5.22
C TYR B 677 -8.74 -1.08 -6.71
N LYS B 678 -8.43 -2.11 -7.58
CA LYS B 678 -8.18 -1.98 -9.03
C LYS B 678 -9.47 -2.19 -9.86
N HIS B 679 -9.52 -1.51 -11.04
CA HIS B 679 -10.67 -1.30 -11.95
C HIS B 679 -11.48 -2.56 -12.43
N MET B 680 -12.83 -2.44 -12.20
CA MET B 680 -13.97 -3.28 -12.54
C MET B 680 -13.75 -4.78 -12.45
N PRO B 681 -13.93 -5.40 -11.27
CA PRO B 681 -13.72 -6.85 -11.17
C PRO B 681 -14.97 -7.71 -11.47
N ILE B 682 -16.19 -7.32 -10.98
CA ILE B 682 -17.42 -8.09 -11.13
C ILE B 682 -18.51 -7.30 -11.82
N TRP B 683 -19.01 -7.87 -12.90
CA TRP B 683 -20.08 -7.35 -13.71
C TRP B 683 -21.33 -8.18 -13.50
N ILE B 684 -22.48 -7.51 -13.30
CA ILE B 684 -23.76 -8.16 -13.18
C ILE B 684 -24.44 -7.96 -14.49
N THR B 685 -24.99 -9.02 -15.05
CA THR B 685 -25.69 -8.98 -16.31
C THR B 685 -27.18 -8.66 -15.99
N ALA B 686 -27.64 -7.48 -16.45
CA ALA B 686 -28.98 -6.96 -16.20
C ALA B 686 -29.84 -6.95 -17.46
N GLY B 701 -28.82 -8.26 -31.45
CA GLY B 701 -28.86 -9.69 -31.75
C GLY B 701 -28.01 -10.51 -30.80
N GLU B 702 -28.63 -11.00 -29.70
CA GLU B 702 -28.00 -11.82 -28.64
C GLU B 702 -26.93 -11.03 -27.84
N GLU B 703 -27.01 -9.67 -27.81
CA GLU B 703 -26.07 -8.85 -27.03
C GLU B 703 -26.68 -8.56 -25.66
N VAL B 704 -26.13 -9.18 -24.59
CA VAL B 704 -26.60 -9.03 -23.21
C VAL B 704 -25.90 -7.80 -22.59
N PHE B 705 -26.64 -6.91 -21.89
CA PHE B 705 -26.06 -5.70 -21.27
C PHE B 705 -25.63 -5.98 -19.83
N LEU B 706 -24.33 -5.74 -19.49
CA LEU B 706 -23.80 -5.99 -18.14
C LEU B 706 -23.19 -4.72 -17.52
N HIS B 707 -23.47 -4.49 -16.22
CA HIS B 707 -23.04 -3.31 -15.45
C HIS B 707 -22.16 -3.71 -14.22
N GLU B 708 -21.08 -2.92 -13.93
CA GLU B 708 -20.14 -3.14 -12.80
C GLU B 708 -20.72 -2.53 -11.53
N LYS B 709 -20.84 -3.29 -10.41
CA LYS B 709 -21.46 -2.69 -9.22
C LYS B 709 -20.83 -3.04 -7.88
N SER B 710 -20.89 -2.03 -6.92
CA SER B 710 -20.45 -2.05 -5.49
C SER B 710 -19.02 -2.59 -5.30
N GLY B 711 -18.16 -1.77 -4.68
CA GLY B 711 -16.76 -2.09 -4.47
C GLY B 711 -16.53 -3.27 -3.54
N THR B 712 -16.63 -4.47 -4.12
CA THR B 712 -16.50 -5.71 -3.39
C THR B 712 -15.08 -5.87 -2.92
N PRO B 713 -14.87 -6.13 -1.62
CA PRO B 713 -13.50 -6.34 -1.11
C PRO B 713 -12.61 -7.32 -1.89
N ILE B 714 -13.18 -8.33 -2.53
CA ILE B 714 -12.46 -9.32 -3.32
C ILE B 714 -11.73 -8.76 -4.56
N MET B 715 -10.62 -9.43 -4.96
CA MET B 715 -9.84 -9.13 -6.17
C MET B 715 -9.30 -10.41 -6.73
N PHE B 716 -9.42 -10.64 -8.05
CA PHE B 716 -8.93 -11.88 -8.72
C PHE B 716 -7.72 -11.48 -9.51
N SER B 717 -6.53 -12.02 -9.17
CA SER B 717 -5.30 -11.55 -9.74
C SER B 717 -4.40 -12.65 -10.24
N THR B 718 -3.77 -12.43 -11.39
CA THR B 718 -2.82 -13.38 -11.95
C THR B 718 -1.73 -12.60 -12.61
N THR B 719 -0.56 -13.21 -12.85
CA THR B 719 0.54 -12.55 -13.55
C THR B 719 0.64 -13.07 -14.97
N ARG B 720 0.55 -14.38 -15.13
CA ARG B 720 0.60 -15.03 -16.43
C ARG B 720 -0.61 -14.64 -17.32
N VAL B 721 -0.40 -14.38 -18.62
CA VAL B 721 -1.51 -14.07 -19.53
C VAL B 721 -1.96 -15.35 -20.21
N VAL B 722 -3.22 -15.39 -20.64
CA VAL B 722 -3.79 -16.60 -21.23
C VAL B 722 -4.50 -16.24 -22.50
N TYR B 723 -4.35 -17.10 -23.51
CA TYR B 723 -4.98 -16.89 -24.80
C TYR B 723 -5.89 -18.06 -25.17
N ASN B 724 -6.72 -17.82 -26.18
CA ASN B 724 -7.71 -18.76 -26.71
C ASN B 724 -7.21 -19.31 -28.04
N THR B 725 -8.10 -20.01 -28.77
CA THR B 725 -7.85 -20.49 -30.14
C THR B 725 -7.39 -19.27 -30.94
N GLN B 726 -6.21 -19.39 -31.56
CA GLN B 726 -5.53 -18.34 -32.31
C GLN B 726 -5.36 -17.07 -31.44
N ASN B 727 -4.38 -17.15 -30.55
CA ASN B 727 -3.90 -16.10 -29.64
C ASN B 727 -4.92 -14.98 -29.26
N GLU B 728 -6.19 -15.31 -28.91
CA GLU B 728 -7.14 -14.28 -28.46
C GLU B 728 -7.06 -14.19 -26.92
N LYS B 729 -6.53 -13.07 -26.34
CA LYS B 729 -6.32 -12.94 -24.87
C LYS B 729 -7.64 -13.04 -24.07
N ILE B 730 -7.63 -13.87 -23.02
CA ILE B 730 -8.77 -14.13 -22.12
C ILE B 730 -8.79 -13.08 -21.03
N ASN B 731 -9.78 -12.20 -21.01
CA ASN B 731 -9.86 -11.14 -20.01
C ASN B 731 -10.54 -11.56 -18.68
N GLY B 732 -11.14 -12.74 -18.64
CA GLY B 732 -11.85 -13.22 -17.47
C GLY B 732 -12.78 -14.35 -17.81
N PHE B 733 -13.79 -14.61 -16.96
CA PHE B 733 -14.76 -15.68 -17.22
C PHE B 733 -16.18 -15.26 -16.79
N MET B 734 -17.18 -15.96 -17.35
CA MET B 734 -18.59 -15.72 -17.08
C MET B 734 -19.25 -16.95 -16.50
N LEU B 735 -20.00 -16.82 -15.41
CA LEU B 735 -20.71 -17.96 -14.80
C LEU B 735 -22.18 -17.72 -14.89
N ARG B 736 -22.81 -18.42 -15.79
CA ARG B 736 -24.23 -18.24 -16.06
C ARG B 736 -25.16 -18.43 -14.82
N ARG B 737 -24.68 -19.01 -13.72
CA ARG B 737 -25.49 -19.19 -12.53
C ARG B 737 -24.66 -18.71 -11.37
N MET B 738 -24.12 -17.51 -11.50
CA MET B 738 -23.31 -16.91 -10.44
C MET B 738 -24.20 -16.51 -9.29
N PHE B 739 -25.19 -15.66 -9.59
CA PHE B 739 -26.12 -15.10 -8.60
C PHE B 739 -27.35 -16.02 -8.35
N GLU B 740 -27.25 -17.33 -8.63
CA GLU B 740 -28.32 -18.26 -8.27
C GLU B 740 -28.20 -18.53 -6.77
N LYS B 741 -29.31 -18.35 -6.02
CA LYS B 741 -29.29 -18.56 -4.56
C LYS B 741 -29.16 -20.03 -4.21
N ALA B 742 -28.53 -20.36 -3.08
CA ALA B 742 -28.40 -21.75 -2.63
C ALA B 742 -29.65 -22.19 -1.86
N LYS B 743 -29.68 -23.45 -1.34
CA LYS B 743 -30.83 -23.99 -0.56
C LYS B 743 -31.17 -23.06 0.62
N ASP B 744 -30.13 -22.38 1.19
CA ASP B 744 -30.31 -21.43 2.29
C ASP B 744 -30.97 -20.09 1.84
N GLY B 745 -31.25 -19.92 0.54
CA GLY B 745 -31.88 -18.71 0.04
C GLY B 745 -30.98 -17.50 -0.09
N ARG B 746 -29.68 -17.65 0.23
CA ARG B 746 -28.68 -16.60 0.14
C ARG B 746 -27.83 -16.82 -1.08
N TYR B 747 -27.13 -15.78 -1.54
CA TYR B 747 -26.21 -15.99 -2.66
C TYR B 747 -25.01 -16.81 -2.15
N ARG B 748 -24.23 -17.40 -3.04
CA ARG B 748 -23.08 -18.18 -2.57
C ARG B 748 -21.92 -17.23 -2.21
N THR B 749 -21.03 -17.65 -1.31
CA THR B 749 -19.88 -16.81 -0.96
C THR B 749 -18.91 -16.75 -2.13
N MET B 750 -18.32 -15.57 -2.39
CA MET B 750 -17.35 -15.40 -3.48
C MET B 750 -16.38 -16.59 -3.52
N GLY B 751 -15.85 -16.98 -2.34
CA GLY B 751 -14.97 -18.12 -2.22
C GLY B 751 -15.50 -19.34 -2.93
N GLU B 752 -16.78 -19.73 -2.65
CA GLU B 752 -17.41 -20.89 -3.32
C GLU B 752 -17.65 -20.63 -4.80
N ILE B 753 -18.16 -19.44 -5.15
CA ILE B 753 -18.36 -19.07 -6.55
C ILE B 753 -17.05 -19.35 -7.31
N ILE B 754 -15.91 -18.77 -6.81
CA ILE B 754 -14.58 -18.95 -7.43
C ILE B 754 -14.13 -20.41 -7.36
N ARG B 755 -14.33 -21.09 -6.22
CA ARG B 755 -13.88 -22.48 -6.15
C ARG B 755 -14.58 -23.33 -7.21
N SER B 756 -15.91 -23.26 -7.34
CA SER B 756 -16.60 -24.04 -8.39
C SER B 756 -16.09 -23.61 -9.75
N ALA B 757 -15.88 -22.29 -9.94
CA ALA B 757 -15.34 -21.75 -11.21
C ALA B 757 -14.02 -22.43 -11.55
N LYS B 758 -13.03 -22.32 -10.64
CA LYS B 758 -11.69 -22.91 -10.78
C LYS B 758 -11.82 -24.41 -11.13
N GLN B 759 -12.61 -25.15 -10.31
CA GLN B 759 -12.87 -26.58 -10.49
C GLN B 759 -13.44 -26.86 -11.88
N GLY B 760 -14.30 -25.98 -12.37
CA GLY B 760 -14.89 -26.13 -13.68
C GLY B 760 -13.92 -25.95 -14.85
N MET B 761 -12.82 -25.23 -14.63
CA MET B 761 -11.86 -24.98 -15.69
C MET B 761 -11.00 -26.20 -15.90
N LEU B 762 -10.82 -27.08 -14.88
CA LEU B 762 -10.17 -28.38 -15.12
C LEU B 762 -11.16 -29.21 -15.93
N SER B 763 -12.32 -29.43 -15.28
CA SER B 763 -13.43 -30.30 -15.64
C SER B 763 -13.83 -30.28 -17.11
N THR B 764 -13.79 -29.10 -17.75
CA THR B 764 -14.23 -29.00 -19.14
C THR B 764 -13.05 -29.43 -20.08
N VAL B 765 -13.40 -30.11 -21.21
CA VAL B 765 -12.44 -30.61 -22.21
C VAL B 765 -12.04 -29.46 -23.18
N PHE B 766 -12.81 -28.32 -23.23
CA PHE B 766 -12.42 -27.17 -24.06
C PHE B 766 -11.19 -26.48 -23.38
N PRO B 767 -11.20 -26.04 -22.09
CA PRO B 767 -9.98 -25.49 -21.50
C PRO B 767 -9.10 -26.58 -20.85
N ASP B 768 -8.49 -27.43 -21.72
CA ASP B 768 -7.60 -28.55 -21.31
C ASP B 768 -6.10 -28.28 -21.66
N SER B 769 -5.79 -27.46 -22.69
CA SER B 769 -4.39 -27.17 -23.07
C SER B 769 -3.84 -25.99 -22.20
N ILE B 770 -3.43 -24.85 -22.82
CA ILE B 770 -2.87 -23.69 -22.09
C ILE B 770 -3.99 -22.80 -21.54
N ASN B 771 -5.26 -23.11 -21.93
CA ASN B 771 -6.46 -22.36 -21.54
C ASN B 771 -6.72 -22.37 -20.03
N GLN B 772 -6.16 -23.35 -19.26
CA GLN B 772 -6.33 -23.37 -17.81
C GLN B 772 -5.40 -22.24 -17.24
N LEU B 773 -5.92 -21.46 -16.28
CA LEU B 773 -5.25 -20.28 -15.71
C LEU B 773 -5.36 -20.27 -14.21
N SER B 774 -4.28 -19.87 -13.51
CA SER B 774 -4.25 -19.86 -12.06
C SER B 774 -4.31 -18.42 -11.58
N PHE B 775 -5.27 -18.10 -10.70
CA PHE B 775 -5.38 -16.74 -10.17
C PHE B 775 -5.58 -16.75 -8.68
N PHE B 776 -5.32 -15.60 -8.07
CA PHE B 776 -5.41 -15.39 -6.64
C PHE B 776 -6.75 -14.84 -6.19
N LEU B 777 -7.42 -15.48 -5.22
CA LEU B 777 -8.56 -14.85 -4.59
C LEU B 777 -7.95 -14.01 -3.46
N MET B 778 -7.80 -12.72 -3.70
CA MET B 778 -7.27 -11.83 -2.69
C MET B 778 -8.47 -11.26 -1.98
N GLY B 779 -8.74 -11.78 -0.79
CA GLY B 779 -9.90 -11.33 -0.03
C GLY B 779 -10.49 -12.42 0.85
N ASP B 780 -11.40 -12.05 1.73
CA ASP B 780 -12.06 -13.04 2.60
C ASP B 780 -12.96 -13.96 1.73
N PRO B 781 -12.70 -15.28 1.65
CA PRO B 781 -13.55 -16.15 0.82
C PRO B 781 -14.99 -16.24 1.32
N SER B 782 -15.24 -15.89 2.61
CA SER B 782 -16.57 -15.92 3.17
C SER B 782 -17.42 -14.66 2.77
N VAL B 783 -16.84 -13.72 1.97
CA VAL B 783 -17.56 -12.53 1.51
C VAL B 783 -18.68 -12.89 0.55
N ARG B 784 -19.85 -12.31 0.80
CA ARG B 784 -21.00 -12.40 -0.08
C ARG B 784 -21.20 -11.06 -0.76
N MET B 785 -21.50 -11.12 -2.05
CA MET B 785 -21.75 -9.91 -2.80
C MET B 785 -22.88 -9.12 -2.18
N ASN B 786 -22.64 -7.84 -1.90
CA ASN B 786 -23.62 -6.98 -1.27
C ASN B 786 -24.62 -6.63 -2.35
N LEU B 787 -25.64 -7.44 -2.47
CA LEU B 787 -26.65 -7.33 -3.50
C LEU B 787 -27.91 -7.87 -2.89
N PRO B 788 -29.08 -7.21 -3.04
CA PRO B 788 -30.27 -7.65 -2.28
C PRO B 788 -30.82 -9.00 -2.67
N THR B 789 -31.30 -9.74 -1.67
CA THR B 789 -32.00 -11.01 -1.88
C THR B 789 -33.49 -10.70 -2.18
N HIS B 790 -34.01 -9.65 -1.54
CA HIS B 790 -35.37 -9.17 -1.68
C HIS B 790 -35.41 -7.68 -1.88
N LYS B 791 -36.39 -7.20 -2.61
CA LYS B 791 -36.54 -5.78 -2.82
C LYS B 791 -37.92 -5.36 -2.24
N VAL B 792 -38.02 -4.09 -1.80
CA VAL B 792 -39.25 -3.47 -1.26
C VAL B 792 -39.73 -2.56 -2.36
N GLN B 793 -40.99 -2.66 -2.73
CA GLN B 793 -41.52 -1.84 -3.82
C GLN B 793 -42.84 -1.16 -3.41
N LEU B 794 -42.86 0.19 -3.50
CA LEU B 794 -44.07 0.92 -3.19
C LEU B 794 -45.04 0.73 -4.35
N THR B 795 -46.31 0.55 -4.03
CA THR B 795 -47.36 0.28 -5.00
C THR B 795 -48.36 1.41 -5.07
N ALA B 796 -48.49 2.25 -4.03
CA ALA B 796 -49.44 3.36 -4.06
C ALA B 796 -49.05 4.44 -3.07
N ILE B 797 -48.99 5.70 -3.53
CA ILE B 797 -48.71 6.85 -2.67
C ILE B 797 -49.85 7.81 -2.90
N ASN B 798 -50.71 8.05 -1.89
CA ASN B 798 -51.88 8.91 -2.07
C ASN B 798 -52.66 8.45 -3.33
N GLY B 799 -52.84 7.14 -3.46
CA GLY B 799 -53.56 6.55 -4.57
C GLY B 799 -52.87 6.44 -5.92
N GLN B 800 -51.73 7.11 -6.12
CA GLN B 800 -51.04 7.10 -7.41
C GLN B 800 -50.03 5.96 -7.50
N ASP B 801 -49.89 5.31 -8.69
CA ASP B 801 -48.94 4.20 -8.89
C ASP B 801 -47.58 4.79 -9.09
N PRO B 802 -46.64 4.57 -8.17
CA PRO B 802 -45.34 5.24 -8.29
C PRO B 802 -44.34 4.57 -9.21
N GLU B 803 -44.58 3.33 -9.71
CA GLU B 803 -43.54 2.65 -10.49
C GLU B 803 -43.32 3.36 -11.84
N GLY B 804 -42.06 3.73 -12.06
CA GLY B 804 -41.59 4.46 -13.23
C GLY B 804 -41.62 5.97 -13.08
N GLN B 805 -42.23 6.51 -12.00
CA GLN B 805 -42.40 7.95 -11.81
C GLN B 805 -41.26 8.58 -11.03
N TYR B 806 -40.91 9.83 -11.42
CA TYR B 806 -39.87 10.65 -10.83
C TYR B 806 -40.41 12.04 -10.57
N GLY B 807 -40.61 12.38 -9.30
CA GLY B 807 -41.10 13.69 -8.90
C GLY B 807 -42.46 14.05 -9.47
N THR B 808 -43.33 13.03 -9.60
CA THR B 808 -44.67 13.12 -10.18
C THR B 808 -45.75 13.23 -9.10
N ILE B 809 -45.69 12.38 -8.07
CA ILE B 809 -46.70 12.35 -7.01
C ILE B 809 -46.56 13.60 -6.13
N MET B 810 -47.46 14.56 -6.36
CA MET B 810 -47.47 15.86 -5.69
C MET B 810 -48.05 15.74 -4.27
N LEU B 811 -47.27 16.13 -3.24
CA LEU B 811 -47.66 16.12 -1.82
C LEU B 811 -47.71 17.56 -1.30
N LYS B 812 -48.56 17.86 -0.29
CA LYS B 812 -48.70 19.23 0.23
C LYS B 812 -48.42 19.30 1.72
N SER B 813 -48.05 20.48 2.24
CA SER B 813 -47.77 20.64 3.68
C SER B 813 -49.00 20.34 4.53
N LEU B 814 -48.82 19.56 5.60
CA LEU B 814 -49.86 19.09 6.53
C LEU B 814 -50.88 18.14 5.85
N GLU B 815 -50.53 17.52 4.70
CA GLU B 815 -51.37 16.55 4.00
C GLU B 815 -51.08 15.14 4.53
N ARG B 816 -52.11 14.36 4.87
CA ARG B 816 -51.90 12.97 5.29
C ARG B 816 -51.62 12.16 4.02
N VAL B 817 -50.43 11.56 3.90
CA VAL B 817 -50.04 10.76 2.75
C VAL B 817 -50.12 9.29 3.13
N ALA B 818 -50.83 8.50 2.31
CA ALA B 818 -51.00 7.09 2.56
C ALA B 818 -50.11 6.29 1.68
N LEU B 819 -49.26 5.43 2.28
CA LEU B 819 -48.32 4.57 1.57
C LEU B 819 -48.76 3.12 1.59
N LYS B 820 -48.47 2.42 0.49
CA LYS B 820 -48.76 1.00 0.29
C LYS B 820 -47.61 0.39 -0.50
N GLY B 821 -47.16 -0.80 -0.13
CA GLY B 821 -46.08 -1.45 -0.83
C GLY B 821 -46.03 -2.94 -0.62
N LYS B 822 -45.16 -3.60 -1.39
CA LYS B 822 -44.98 -5.06 -1.35
C LYS B 822 -43.52 -5.40 -1.20
N VAL B 823 -43.23 -6.68 -1.02
CA VAL B 823 -41.87 -7.22 -0.95
C VAL B 823 -41.75 -8.29 -2.04
N THR B 824 -40.68 -8.24 -2.83
CA THR B 824 -40.46 -9.20 -3.90
C THR B 824 -39.14 -9.88 -3.69
N ASP B 825 -38.81 -10.88 -4.54
CA ASP B 825 -37.51 -11.54 -4.54
C ASP B 825 -36.58 -10.72 -5.43
N GLU B 826 -35.32 -11.17 -5.62
CA GLU B 826 -34.36 -10.45 -6.48
C GLU B 826 -34.86 -10.35 -7.95
N LYS B 827 -35.58 -11.39 -8.43
CA LYS B 827 -36.15 -11.40 -9.76
C LYS B 827 -37.33 -10.40 -9.87
N GLY B 828 -37.90 -9.94 -8.75
CA GLY B 828 -39.02 -9.02 -8.73
C GLY B 828 -40.36 -9.72 -8.60
N THR B 829 -40.36 -11.04 -8.29
CA THR B 829 -41.60 -11.79 -8.11
C THR B 829 -42.08 -11.55 -6.68
N PHE B 830 -43.38 -11.29 -6.49
CA PHE B 830 -43.98 -11.03 -5.18
C PHE B 830 -43.70 -12.15 -4.20
N ASP B 831 -43.18 -11.80 -3.00
CA ASP B 831 -42.85 -12.78 -1.96
C ASP B 831 -43.87 -12.68 -0.85
N GLU B 832 -44.89 -13.53 -0.90
CA GLU B 832 -45.91 -13.60 0.14
C GLU B 832 -45.34 -14.23 1.43
N THR B 833 -44.16 -14.87 1.36
CA THR B 833 -43.59 -15.48 2.52
C THR B 833 -42.90 -14.41 3.39
N PHE B 834 -42.55 -13.24 2.81
CA PHE B 834 -41.86 -12.19 3.55
C PHE B 834 -42.81 -11.48 4.53
N SER B 835 -42.62 -11.71 5.83
CA SER B 835 -43.43 -11.08 6.86
C SER B 835 -42.55 -10.73 8.06
N GLY B 836 -42.66 -9.47 8.48
CA GLY B 836 -41.87 -8.89 9.56
C GLY B 836 -42.14 -7.40 9.66
N LYS B 837 -41.10 -6.55 9.79
CA LYS B 837 -41.29 -5.10 9.90
C LYS B 837 -40.59 -4.37 8.77
N VAL B 838 -41.11 -3.21 8.31
CA VAL B 838 -40.46 -2.39 7.29
C VAL B 838 -40.14 -1.04 7.88
N PHE B 839 -38.91 -0.59 7.68
CA PHE B 839 -38.39 0.68 8.15
C PHE B 839 -38.36 1.61 6.99
N LEU B 840 -38.91 2.81 7.11
CA LEU B 840 -38.86 3.69 5.96
C LEU B 840 -38.78 5.12 6.37
N THR B 841 -37.85 5.85 5.72
CA THR B 841 -37.57 7.27 5.92
C THR B 841 -37.90 8.00 4.60
N VAL B 842 -38.56 9.17 4.71
CA VAL B 842 -39.05 9.99 3.59
C VAL B 842 -38.38 11.38 3.62
N PHE B 843 -37.62 11.75 2.55
CA PHE B 843 -36.95 13.05 2.39
C PHE B 843 -37.60 13.94 1.29
N ASP B 844 -37.77 15.25 1.54
CA ASP B 844 -38.39 16.19 0.59
C ASP B 844 -37.59 16.43 -0.73
N GLY B 845 -36.30 16.07 -0.74
CA GLY B 845 -35.43 16.25 -1.89
C GLY B 845 -34.24 15.30 -1.89
N ARG B 846 -33.21 15.64 -2.65
CA ARG B 846 -31.98 14.85 -2.75
C ARG B 846 -30.76 15.64 -2.26
N LYS B 847 -29.80 14.93 -1.61
CA LYS B 847 -28.55 15.55 -1.18
C LYS B 847 -27.91 16.18 -2.39
N LYS B 848 -27.49 17.44 -2.31
CA LYS B 848 -26.82 18.06 -3.46
C LYS B 848 -25.68 18.96 -2.99
N MET B 849 -24.55 18.97 -3.73
CA MET B 849 -23.43 19.83 -3.37
C MET B 849 -23.79 21.25 -3.56
N THR B 850 -23.54 22.12 -2.59
CA THR B 850 -23.85 23.54 -2.76
C THR B 850 -22.60 24.36 -2.51
N ALA B 851 -22.24 25.22 -3.47
CA ALA B 851 -21.07 26.07 -3.34
C ALA B 851 -21.49 27.44 -2.81
N LEU B 852 -20.86 27.89 -1.71
CA LEU B 852 -21.13 29.22 -1.16
C LEU B 852 -20.33 30.20 -1.99
N GLU B 853 -20.99 30.88 -2.92
CA GLU B 853 -20.31 31.78 -3.87
C GLU B 853 -19.94 33.13 -3.25
N GLU B 854 -19.05 33.87 -3.94
CA GLU B 854 -18.58 35.24 -3.61
C GLU B 854 -17.70 35.74 -4.77
N GLU B 855 -17.16 36.99 -4.74
CA GLU B 855 -16.32 37.48 -5.85
C GLU B 855 -14.87 36.91 -5.85
N GLY B 856 -14.63 35.82 -5.13
CA GLY B 856 -13.36 35.13 -5.09
C GLY B 856 -13.52 33.87 -5.92
N ASN B 857 -12.53 33.57 -6.78
CA ASN B 857 -12.58 32.42 -7.69
C ASN B 857 -12.76 31.08 -6.95
N ASP B 858 -12.13 30.95 -5.77
CA ASP B 858 -12.23 29.78 -4.91
C ASP B 858 -13.55 29.86 -4.15
N LEU B 859 -14.30 28.74 -4.04
CA LEU B 859 -15.60 28.72 -3.34
C LEU B 859 -15.71 27.42 -2.59
N SER B 860 -15.39 27.43 -1.28
CA SER B 860 -15.43 26.21 -0.47
C SER B 860 -16.87 25.69 -0.48
N LEU B 861 -17.04 24.37 -0.72
CA LEU B 861 -18.37 23.77 -0.90
C LEU B 861 -18.73 22.56 0.01
N VAL B 862 -20.03 22.50 0.30
CA VAL B 862 -20.69 21.58 1.19
C VAL B 862 -21.54 20.60 0.41
N TYR B 863 -22.36 19.86 1.16
CA TYR B 863 -23.46 19.03 0.72
C TYR B 863 -24.68 19.54 1.47
N TYR B 864 -25.81 19.92 0.79
CA TYR B 864 -27.06 20.28 1.48
C TYR B 864 -27.56 18.93 1.89
N ASP B 865 -26.91 18.44 2.96
CA ASP B 865 -27.01 17.11 3.52
C ASP B 865 -28.16 17.09 4.46
N TYR B 866 -29.17 17.90 4.14
CA TYR B 866 -30.37 17.96 4.92
C TYR B 866 -31.56 18.07 4.02
N PRO B 867 -31.70 17.22 2.95
CA PRO B 867 -32.99 17.15 2.27
C PRO B 867 -33.85 16.70 3.44
N ASN B 868 -34.68 17.62 3.96
CA ASN B 868 -35.36 17.50 5.24
C ASN B 868 -36.12 16.16 5.37
N VAL B 869 -36.07 15.53 6.57
CA VAL B 869 -36.76 14.26 6.79
C VAL B 869 -38.24 14.59 7.10
N MET B 870 -39.11 14.30 6.12
CA MET B 870 -40.56 14.47 6.21
C MET B 870 -41.13 13.50 7.23
N TYR B 871 -40.72 12.20 7.14
CA TYR B 871 -41.24 11.15 8.00
C TYR B 871 -40.27 9.99 8.10
N ALA B 872 -40.32 9.28 9.24
CA ALA B 872 -39.55 8.08 9.47
C ALA B 872 -40.31 7.18 10.44
N GLY B 873 -40.61 5.98 10.00
CA GLY B 873 -41.33 5.06 10.86
C GLY B 873 -41.30 3.63 10.39
N ILE B 874 -41.83 2.76 11.23
CA ILE B 874 -41.87 1.34 10.97
C ILE B 874 -43.31 0.95 10.65
N ALA B 875 -43.46 -0.18 9.99
CA ALA B 875 -44.76 -0.70 9.63
C ALA B 875 -44.69 -2.21 9.55
N GLU B 876 -45.80 -2.91 9.88
CA GLU B 876 -45.79 -4.37 9.85
C GLU B 876 -45.95 -4.82 8.40
N VAL B 877 -45.29 -5.93 8.08
CA VAL B 877 -45.31 -6.55 6.76
C VAL B 877 -45.97 -7.91 6.93
N LYS B 878 -47.20 -8.10 6.40
CA LYS B 878 -47.92 -9.38 6.49
C LYS B 878 -48.09 -9.94 5.10
N ASP B 879 -47.70 -11.20 4.94
CA ASP B 879 -47.81 -11.96 3.71
C ASP B 879 -47.39 -11.14 2.50
N GLY B 880 -46.20 -10.55 2.62
CA GLY B 880 -45.57 -9.78 1.54
C GLY B 880 -45.95 -8.33 1.42
N LEU B 881 -46.99 -7.86 2.12
CA LEU B 881 -47.46 -6.48 1.95
C LEU B 881 -47.39 -5.67 3.23
N PHE B 882 -47.59 -4.35 3.09
CA PHE B 882 -47.62 -3.40 4.21
C PHE B 882 -48.31 -2.13 3.79
N GLU B 883 -48.75 -1.33 4.76
CA GLU B 883 -49.34 -0.02 4.47
C GLU B 883 -49.21 0.87 5.69
N THR B 884 -48.87 2.14 5.48
CA THR B 884 -48.73 3.11 6.56
C THR B 884 -49.12 4.46 6.01
N SER B 885 -49.07 5.48 6.86
CA SER B 885 -49.37 6.84 6.47
C SER B 885 -48.59 7.81 7.31
N PHE B 886 -48.49 9.04 6.85
CA PHE B 886 -47.78 10.07 7.60
C PHE B 886 -48.26 11.43 7.19
N ILE B 887 -48.01 12.43 8.05
CA ILE B 887 -48.43 13.79 7.80
C ILE B 887 -47.21 14.56 7.31
N VAL B 888 -47.37 15.28 6.18
CA VAL B 888 -46.29 16.06 5.60
C VAL B 888 -46.08 17.23 6.53
N PRO B 889 -44.87 17.49 7.01
CA PRO B 889 -44.69 18.64 7.92
C PRO B 889 -44.72 19.98 7.20
N LYS B 890 -45.04 21.06 7.93
CA LYS B 890 -45.01 22.40 7.35
C LYS B 890 -43.53 22.80 7.23
N ASP B 891 -42.83 22.31 6.16
CA ASP B 891 -41.40 22.52 5.96
C ASP B 891 -40.96 22.58 4.49
N VAL B 892 -39.75 23.16 4.28
CA VAL B 892 -39.04 23.44 3.01
C VAL B 892 -39.59 22.71 1.78
N ASN B 893 -40.16 23.47 0.83
CA ASN B 893 -40.64 22.94 -0.44
C ASN B 893 -40.08 23.72 -1.63
N TYR B 894 -39.17 24.70 -1.38
CA TYR B 894 -38.53 25.43 -2.47
C TYR B 894 -37.72 24.45 -3.33
N SER B 895 -37.37 23.26 -2.77
CA SER B 895 -36.65 22.21 -3.49
C SER B 895 -37.37 21.83 -4.78
N GLU B 896 -36.61 21.81 -5.89
CA GLU B 896 -37.13 21.46 -7.20
C GLU B 896 -36.88 19.99 -7.47
N HIS B 897 -37.85 19.33 -8.11
CA HIS B 897 -37.79 17.92 -8.53
C HIS B 897 -37.64 16.90 -7.34
N GLU B 898 -37.75 15.60 -7.73
CA GLU B 898 -37.73 14.35 -6.97
C GLU B 898 -37.32 14.40 -5.48
N GLY B 899 -38.12 13.71 -4.64
CA GLY B 899 -37.86 13.50 -3.23
C GLY B 899 -37.26 12.11 -3.07
N ARG B 900 -37.22 11.51 -1.86
CA ARG B 900 -36.62 10.18 -1.72
C ARG B 900 -37.23 9.41 -0.55
N ILE B 901 -37.58 8.14 -0.80
CA ILE B 901 -38.11 7.25 0.22
C ILE B 901 -37.18 6.07 0.27
N ASN B 902 -36.53 5.85 1.42
CA ASN B 902 -35.66 4.69 1.64
C ASN B 902 -36.46 3.67 2.38
N LEU B 903 -36.39 2.41 1.94
CA LEU B 903 -37.13 1.32 2.53
C LEU B 903 -36.19 0.14 2.89
N TYR B 904 -36.38 -0.44 4.08
CA TYR B 904 -35.59 -1.58 4.54
C TYR B 904 -36.54 -2.50 5.29
N ALA B 905 -36.78 -3.71 4.78
CA ALA B 905 -37.62 -4.69 5.45
C ALA B 905 -36.77 -5.84 5.99
N TYR B 906 -37.20 -6.43 7.11
CA TYR B 906 -36.53 -7.57 7.71
C TYR B 906 -37.57 -8.65 8.05
N ASN B 907 -37.37 -9.85 7.50
CA ASN B 907 -38.23 -11.01 7.74
C ASN B 907 -37.69 -11.67 9.00
N GLU B 908 -38.40 -11.52 10.12
CA GLU B 908 -37.93 -12.02 11.42
C GLU B 908 -37.61 -13.51 11.42
N SER B 909 -38.46 -14.37 10.83
CA SER B 909 -38.21 -15.81 10.80
C SER B 909 -37.00 -16.18 9.92
N THR B 910 -36.93 -15.76 8.65
CA THR B 910 -35.79 -16.13 7.79
C THR B 910 -34.54 -15.20 7.98
N LYS B 911 -34.61 -14.17 8.84
CA LYS B 911 -33.54 -13.20 9.03
C LYS B 911 -33.13 -12.52 7.68
N ALA B 912 -34.02 -12.58 6.65
CA ALA B 912 -33.74 -12.04 5.32
C ALA B 912 -34.00 -10.55 5.24
N GLU B 913 -33.19 -9.82 4.46
CA GLU B 913 -33.36 -8.38 4.35
C GLU B 913 -33.81 -7.94 2.96
N ALA B 914 -34.77 -7.03 2.93
CA ALA B 914 -35.26 -6.44 1.69
C ALA B 914 -34.99 -4.95 1.71
N MET B 915 -34.78 -4.34 0.54
CA MET B 915 -34.52 -2.92 0.47
C MET B 915 -35.02 -2.28 -0.79
N GLY B 916 -35.41 -1.00 -0.70
CA GLY B 916 -35.93 -0.24 -1.83
C GLY B 916 -35.76 1.27 -1.72
N VAL B 917 -35.74 1.95 -2.87
CA VAL B 917 -35.62 3.41 -2.97
C VAL B 917 -36.62 3.92 -3.96
N ASP B 918 -37.35 4.99 -3.61
CA ASP B 918 -38.37 5.52 -4.51
C ASP B 918 -38.19 7.02 -4.67
N PHE B 919 -38.38 7.53 -5.91
CA PHE B 919 -38.22 8.95 -6.21
C PHE B 919 -39.47 9.53 -6.88
N SER B 920 -40.64 8.93 -6.67
CA SER B 920 -41.87 9.40 -7.30
C SER B 920 -42.46 10.68 -6.65
N ILE B 921 -42.10 10.99 -5.41
CA ILE B 921 -42.65 12.14 -4.68
C ILE B 921 -41.93 13.48 -5.03
N ARG B 922 -42.68 14.60 -4.89
CA ARG B 922 -42.21 15.98 -5.08
C ARG B 922 -43.09 16.91 -4.22
N VAL B 923 -42.52 17.62 -3.23
CA VAL B 923 -43.30 18.46 -2.31
C VAL B 923 -43.70 19.77 -2.99
N GLN B 924 -44.88 20.30 -2.62
CA GLN B 924 -45.52 21.47 -3.23
C GLN B 924 -45.74 22.61 -2.22
N PRO B 925 -45.78 23.91 -2.66
CA PRO B 925 -46.03 25.01 -1.72
C PRO B 925 -47.33 24.93 -0.91
N GLY B 926 -47.19 25.07 0.41
CA GLY B 926 -48.32 25.13 1.33
C GLY B 926 -48.86 26.54 1.30
N ILE B 927 -50.02 26.75 0.64
CA ILE B 927 -50.62 28.07 0.48
C ILE B 927 -50.98 28.66 1.83
N PRO B 928 -50.44 29.86 2.13
CA PRO B 928 -49.66 30.06 3.37
C PRO B 928 -50.24 31.18 4.24
N ASP B 929 -51.58 31.31 4.25
CA ASP B 929 -52.28 32.36 5.00
C ASP B 929 -52.34 32.06 6.52
N GLU B 930 -52.09 30.80 6.96
CA GLU B 930 -52.11 30.36 8.36
C GLU B 930 -53.40 30.83 9.06
N VAL B 931 -54.55 30.63 8.38
CA VAL B 931 -55.89 31.04 8.85
C VAL B 931 -56.28 30.34 10.18
N THR B 932 -57.21 30.94 10.97
CA THR B 932 -57.64 30.42 12.28
C THR B 932 -58.58 29.20 12.13
N GLU B 933 -58.10 28.15 11.42
CA GLU B 933 -58.79 26.88 11.25
C GLU B 933 -58.42 25.99 12.41
N ASP B 934 -57.18 26.12 12.89
CA ASP B 934 -56.68 25.31 14.00
C ASP B 934 -57.27 25.80 15.33
N ASN B 935 -58.48 25.30 15.65
CA ASN B 935 -59.13 25.51 16.92
C ASN B 935 -59.05 24.21 17.75
N THR B 936 -58.47 23.12 17.16
CA THR B 936 -58.27 21.82 17.80
C THR B 936 -57.03 21.94 18.69
N PRO B 937 -57.12 21.75 20.01
CA PRO B 937 -55.94 21.94 20.85
C PRO B 937 -54.93 20.79 20.75
N PRO B 938 -53.73 20.94 21.35
CA PRO B 938 -52.76 19.83 21.28
C PRO B 938 -53.29 18.55 21.94
N GLU B 939 -52.92 17.41 21.39
CA GLU B 939 -53.36 16.09 21.85
C GLU B 939 -52.25 15.47 22.69
N ILE B 940 -52.53 15.13 23.96
CA ILE B 940 -51.54 14.47 24.80
C ILE B 940 -51.60 12.99 24.43
N ILE B 941 -50.59 12.53 23.66
CA ILE B 941 -50.52 11.14 23.19
C ILE B 941 -50.37 10.20 24.40
N SER B 942 -49.45 10.54 25.30
CA SER B 942 -49.21 9.79 26.53
C SER B 942 -48.63 10.72 27.59
N CYS B 943 -48.76 10.31 28.86
CA CYS B 943 -48.26 11.08 29.99
C CYS B 943 -47.98 10.12 31.16
N PHE B 944 -46.70 9.72 31.33
CA PHE B 944 -46.31 8.75 32.36
C PHE B 944 -45.28 9.25 33.34
N LEU B 945 -45.09 8.46 34.41
CA LEU B 945 -44.06 8.63 35.43
C LEU B 945 -43.26 7.32 35.48
N ASN B 946 -41.92 7.41 35.42
CA ASN B 946 -40.96 6.29 35.49
C ASN B 946 -41.11 5.21 34.35
N ASP B 947 -42.25 4.47 34.24
CA ASP B 947 -42.41 3.42 33.21
C ASP B 947 -43.63 3.68 32.31
N SER B 948 -43.66 2.96 31.18
CA SER B 948 -44.75 3.00 30.21
C SER B 948 -46.05 2.41 30.81
N THR B 949 -45.93 1.43 31.73
CA THR B 949 -47.06 0.78 32.41
C THR B 949 -47.46 1.57 33.66
N PHE B 950 -47.99 2.77 33.43
CA PHE B 950 -48.39 3.64 34.52
C PHE B 950 -49.77 4.19 34.25
N ARG B 951 -50.72 3.85 35.14
CA ARG B 951 -52.09 4.36 35.14
C ARG B 951 -52.15 5.45 36.21
N SER B 952 -53.05 6.43 36.09
CA SER B 952 -53.11 7.51 37.07
C SER B 952 -53.43 6.96 38.46
N GLY B 953 -52.70 7.46 39.46
CA GLY B 953 -52.85 7.05 40.85
C GLY B 953 -51.96 5.91 41.30
N ASP B 954 -51.02 5.46 40.45
CA ASP B 954 -50.12 4.35 40.81
C ASP B 954 -49.02 4.82 41.77
N GLU B 955 -48.34 3.84 42.43
CA GLU B 955 -47.25 4.07 43.38
C GLU B 955 -45.93 4.50 42.67
N VAL B 956 -45.06 5.25 43.38
CA VAL B 956 -43.80 5.78 42.82
C VAL B 956 -42.84 6.25 43.97
N ASN B 957 -41.50 6.21 43.79
CA ASN B 957 -40.54 6.65 44.82
C ASN B 957 -40.47 8.21 44.86
N PRO B 958 -39.86 8.84 45.89
CA PRO B 958 -39.85 10.30 45.97
C PRO B 958 -39.30 11.10 44.77
N THR B 959 -38.46 10.53 43.87
CA THR B 959 -37.91 11.25 42.70
C THR B 959 -38.44 10.66 41.36
N PRO B 960 -39.63 11.09 40.88
CA PRO B 960 -40.13 10.56 39.60
C PRO B 960 -39.42 11.15 38.37
N LEU B 961 -39.70 10.53 37.20
CA LEU B 961 -39.19 10.93 35.89
C LEU B 961 -40.38 11.06 34.91
N PHE B 962 -41.01 12.28 34.86
CA PHE B 962 -42.19 12.53 34.02
C PHE B 962 -41.82 12.60 32.53
N MET B 963 -42.47 11.74 31.72
CA MET B 963 -42.33 11.64 30.26
C MET B 963 -43.68 11.84 29.61
N ALA B 964 -43.75 12.64 28.55
CA ALA B 964 -45.05 12.86 27.89
C ALA B 964 -44.88 13.14 26.41
N GLU B 965 -45.59 12.39 25.56
CA GLU B 965 -45.60 12.58 24.11
C GLU B 965 -46.82 13.48 23.83
N VAL B 966 -46.63 14.52 23.02
CA VAL B 966 -47.64 15.54 22.72
C VAL B 966 -47.71 15.76 21.21
N PHE B 967 -48.87 16.24 20.71
CA PHE B 967 -49.06 16.48 19.28
C PHE B 967 -50.00 17.64 18.92
N ASP B 968 -49.54 18.51 18.00
CA ASP B 968 -50.36 19.54 17.37
C ASP B 968 -49.85 19.73 15.96
N LEU B 969 -50.76 19.76 15.00
CA LEU B 969 -50.40 19.91 13.58
C LEU B 969 -49.60 21.17 13.27
N ASN B 970 -49.88 22.29 13.97
CA ASN B 970 -49.19 23.55 13.72
C ASN B 970 -48.08 23.84 14.79
N GLY B 971 -47.81 22.88 15.69
CA GLY B 971 -46.72 22.98 16.67
C GLY B 971 -47.07 23.46 18.07
N ILE B 972 -46.20 23.11 19.06
CA ILE B 972 -46.33 23.47 20.47
C ILE B 972 -45.51 24.74 20.78
N ASN B 973 -45.95 25.48 21.84
CA ASN B 973 -45.34 26.75 22.28
C ASN B 973 -44.07 26.58 23.15
N ILE B 974 -42.92 26.91 22.56
CA ILE B 974 -41.62 26.94 23.22
C ILE B 974 -41.10 28.41 23.29
N THR B 975 -41.81 29.38 22.64
CA THR B 975 -41.44 30.80 22.57
C THR B 975 -40.97 31.40 23.91
N GLY B 976 -41.74 31.22 24.97
CA GLY B 976 -41.41 31.78 26.28
C GLY B 976 -42.13 33.10 26.48
N SER B 977 -42.61 33.34 27.73
CA SER B 977 -43.36 34.55 28.12
C SER B 977 -44.69 34.65 27.33
N GLY B 978 -45.27 35.85 27.26
CA GLY B 978 -46.53 36.07 26.56
C GLY B 978 -47.67 35.41 27.32
N VAL B 979 -47.83 35.81 28.60
CA VAL B 979 -48.82 35.30 29.56
C VAL B 979 -48.49 33.78 29.85
N GLY B 980 -49.46 32.98 30.32
CA GLY B 980 -49.22 31.57 30.63
C GLY B 980 -49.26 30.67 29.42
N HIS B 981 -48.49 30.99 28.38
CA HIS B 981 -48.39 30.22 27.13
C HIS B 981 -47.32 29.11 27.25
N ASP B 982 -46.55 29.11 28.34
CA ASP B 982 -45.48 28.14 28.57
C ASP B 982 -46.01 26.75 28.91
N ILE B 983 -45.24 25.71 28.55
CA ILE B 983 -45.57 24.33 28.92
C ILE B 983 -45.31 24.26 30.42
N THR B 984 -46.32 23.91 31.23
CA THR B 984 -46.11 23.90 32.68
C THR B 984 -46.65 22.68 33.38
N LEU B 985 -45.97 22.27 34.46
CA LEU B 985 -46.37 21.18 35.34
C LEU B 985 -46.59 21.79 36.72
N CYS B 986 -47.86 21.87 37.16
CA CYS B 986 -48.22 22.48 38.44
C CYS B 986 -48.69 21.41 39.42
N ILE B 987 -47.78 20.93 40.28
CA ILE B 987 -48.10 19.89 41.26
C ILE B 987 -48.85 20.53 42.45
N ASP B 988 -50.01 19.93 42.80
CA ASP B 988 -50.89 20.36 43.89
C ASP B 988 -51.34 21.81 43.75
N GLY B 989 -51.65 22.24 42.53
CA GLY B 989 -52.12 23.60 42.23
C GLY B 989 -51.36 24.67 42.97
N ARG B 990 -50.02 24.56 42.92
CA ARG B 990 -49.06 25.35 43.66
C ARG B 990 -48.08 26.14 42.78
N ALA B 991 -47.94 27.46 43.02
CA ALA B 991 -47.03 28.35 42.30
C ALA B 991 -45.56 28.11 42.70
N ASP B 992 -45.33 27.61 43.95
CA ASP B 992 -44.01 27.28 44.52
C ASP B 992 -43.18 26.39 43.57
N LEU B 993 -43.84 25.44 42.89
CA LEU B 993 -43.20 24.56 41.90
C LEU B 993 -43.96 24.70 40.55
N THR B 994 -43.71 25.86 39.89
CA THR B 994 -44.22 26.23 38.57
C THR B 994 -43.00 26.17 37.66
N TYR B 995 -42.96 25.19 36.73
CA TYR B 995 -41.79 24.94 35.88
C TYR B 995 -41.97 25.34 34.42
N ASN B 996 -40.97 26.07 33.87
CA ASN B 996 -40.92 26.43 32.45
C ASN B 996 -40.27 25.24 31.73
N LEU B 997 -41.06 24.19 31.50
CA LEU B 997 -40.60 22.97 30.84
C LEU B 997 -40.36 23.18 29.33
N ASN B 998 -40.49 24.42 28.81
CA ASN B 998 -40.15 24.76 27.42
C ASN B 998 -38.77 24.20 27.03
N ALA B 999 -37.80 24.30 27.97
CA ALA B 999 -36.43 23.81 27.77
C ALA B 999 -36.34 22.28 27.79
N TYR B 1000 -37.37 21.56 28.29
CA TYR B 1000 -37.41 20.09 28.39
C TYR B 1000 -38.21 19.44 27.23
N PHE B 1001 -38.88 20.27 26.37
CA PHE B 1001 -39.61 19.80 25.18
C PHE B 1001 -38.63 19.65 24.00
N THR B 1002 -38.76 18.55 23.24
CA THR B 1002 -37.92 18.27 22.07
C THR B 1002 -38.83 17.85 20.92
N SER B 1003 -38.96 18.71 19.88
CA SER B 1003 -39.81 18.45 18.72
C SER B 1003 -39.31 17.19 17.99
N SER B 1004 -40.24 16.37 17.50
CA SER B 1004 -39.90 15.12 16.81
C SER B 1004 -39.31 15.41 15.44
N ALA B 1005 -38.10 14.93 15.19
CA ALA B 1005 -37.50 15.09 13.87
C ALA B 1005 -38.08 14.07 12.85
N THR B 1006 -38.83 13.07 13.36
CA THR B 1006 -39.34 11.93 12.61
C THR B 1006 -40.87 11.90 12.37
N ASP B 1007 -41.69 12.48 13.28
CA ASP B 1007 -43.16 12.45 13.15
C ASP B 1007 -43.74 13.87 13.23
N ALA B 1008 -44.24 14.38 12.10
CA ALA B 1008 -44.79 15.74 11.97
C ALA B 1008 -45.78 16.09 13.07
N GLY B 1009 -45.58 17.24 13.70
CA GLY B 1009 -46.43 17.74 14.78
C GLY B 1009 -46.14 17.16 16.16
N VAL B 1010 -45.44 16.02 16.21
CA VAL B 1010 -45.16 15.33 17.47
C VAL B 1010 -44.02 16.02 18.19
N GLY B 1011 -44.11 15.98 19.51
CA GLY B 1011 -43.11 16.51 20.42
C GLY B 1011 -43.05 15.68 21.69
N THR B 1012 -41.91 15.72 22.38
CA THR B 1012 -41.74 14.93 23.59
C THR B 1012 -41.18 15.80 24.70
N ILE B 1013 -41.68 15.59 25.91
CA ILE B 1013 -41.23 16.27 27.11
C ILE B 1013 -40.63 15.22 28.02
N LEU B 1014 -39.49 15.57 28.62
CA LEU B 1014 -38.77 14.70 29.55
C LEU B 1014 -38.13 15.53 30.65
N PHE B 1015 -38.55 15.34 31.90
CA PHE B 1015 -37.97 16.06 33.05
C PHE B 1015 -37.96 15.17 34.29
N MET B 1016 -37.16 15.56 35.30
CA MET B 1016 -37.04 14.84 36.57
C MET B 1016 -37.73 15.68 37.63
N ILE B 1017 -38.88 15.22 38.14
CA ILE B 1017 -39.65 15.96 39.15
C ILE B 1017 -38.85 16.00 40.47
N PRO B 1018 -38.66 17.14 41.20
CA PRO B 1018 -37.89 17.08 42.46
C PRO B 1018 -38.57 16.28 43.57
N ALA B 1019 -37.77 15.89 44.57
CA ALA B 1019 -38.23 15.05 45.68
C ALA B 1019 -39.28 15.73 46.58
N LEU B 1020 -40.11 14.90 47.25
CA LEU B 1020 -41.14 15.32 48.21
C LEU B 1020 -41.49 14.14 49.17
N ALA B 1021 -42.23 14.41 50.27
CA ALA B 1021 -42.59 13.40 51.27
C ALA B 1021 -43.60 12.39 50.72
N GLU B 1022 -43.69 11.22 51.39
CA GLU B 1022 -44.59 10.13 50.97
C GLU B 1022 -46.09 10.43 51.26
N GLY B 1023 -46.83 10.72 50.19
CA GLY B 1023 -48.26 11.04 50.24
C GLY B 1023 -48.89 11.14 48.87
N ASP B 1024 -50.22 11.11 48.80
CA ASP B 1024 -50.96 11.25 47.55
C ASP B 1024 -50.76 12.65 46.99
N HIS B 1025 -50.64 12.76 45.65
CA HIS B 1025 -50.43 14.05 44.99
C HIS B 1025 -51.26 14.15 43.73
N THR B 1026 -51.38 15.37 43.23
CA THR B 1026 -52.10 15.70 42.01
C THR B 1026 -51.25 16.65 41.19
N ALA B 1027 -51.38 16.59 39.85
CA ALA B 1027 -50.63 17.48 38.97
C ALA B 1027 -51.36 17.69 37.66
N ARG B 1028 -51.16 18.86 37.04
CA ARG B 1028 -51.77 19.23 35.78
C ARG B 1028 -50.71 19.67 34.77
N LEU B 1029 -50.66 19.01 33.61
CA LEU B 1029 -49.77 19.40 32.53
C LEU B 1029 -50.56 20.24 31.57
N THR B 1030 -50.11 21.48 31.28
CA THR B 1030 -50.78 22.35 30.32
C THR B 1030 -49.80 22.63 29.18
N VAL B 1031 -50.26 22.51 27.92
CA VAL B 1031 -49.45 22.77 26.74
C VAL B 1031 -50.28 23.61 25.77
N TRP B 1032 -49.64 24.60 25.15
CA TRP B 1032 -50.28 25.52 24.22
C TRP B 1032 -49.67 25.41 22.86
N ASP B 1033 -50.45 25.67 21.82
CA ASP B 1033 -49.91 25.65 20.46
C ASP B 1033 -49.70 27.08 19.98
N ILE B 1034 -49.01 27.24 18.82
CA ILE B 1034 -48.71 28.54 18.23
C ILE B 1034 -50.01 29.35 17.93
N PHE B 1035 -51.13 28.67 17.56
CA PHE B 1035 -52.41 29.35 17.29
C PHE B 1035 -53.21 29.65 18.62
N ASN B 1036 -52.55 29.62 19.81
CA ASN B 1036 -53.07 29.97 21.14
C ASN B 1036 -54.12 29.00 21.75
N ASN B 1037 -54.42 27.85 21.11
CA ASN B 1037 -55.37 26.86 21.69
C ASN B 1037 -54.61 26.08 22.78
N ALA B 1038 -55.19 25.92 23.98
CA ALA B 1038 -54.52 25.21 25.08
C ALA B 1038 -55.21 23.88 25.42
N VAL B 1039 -54.52 23.05 26.22
CA VAL B 1039 -55.03 21.76 26.69
C VAL B 1039 -54.47 21.51 28.08
N HIS B 1040 -55.22 20.81 28.93
CA HIS B 1040 -54.81 20.43 30.27
C HIS B 1040 -54.83 18.91 30.38
N HIS B 1041 -54.06 18.36 31.28
CA HIS B 1041 -54.08 16.93 31.52
C HIS B 1041 -53.80 16.67 32.98
N ASP B 1042 -54.84 16.32 33.72
CA ASP B 1042 -54.77 16.07 35.15
C ASP B 1042 -54.55 14.58 35.43
N PHE B 1043 -53.70 14.31 36.41
CA PHE B 1043 -53.38 12.95 36.84
C PHE B 1043 -52.89 13.00 38.28
N SER B 1044 -52.97 11.86 38.97
CA SER B 1044 -52.56 11.73 40.36
C SER B 1044 -51.56 10.62 40.51
N PHE B 1045 -50.85 10.58 41.64
CA PHE B 1045 -49.86 9.55 41.95
C PHE B 1045 -49.56 9.56 43.43
N ARG B 1046 -49.21 8.38 43.99
CA ARG B 1046 -48.93 8.21 45.41
C ARG B 1046 -47.44 8.00 45.62
N VAL B 1047 -46.79 8.89 46.39
CA VAL B 1047 -45.37 8.78 46.70
C VAL B 1047 -45.23 7.84 47.92
N VAL B 1048 -44.38 6.82 47.79
CA VAL B 1048 -44.06 5.81 48.81
C VAL B 1048 -42.54 5.74 48.91
N ASP B 1049 -41.97 5.86 50.13
CA ASP B 1049 -40.52 5.84 50.38
C ASP B 1049 -39.88 4.50 49.91
N GLY B 1050 -39.08 4.55 48.84
CA GLY B 1050 -38.39 3.37 48.31
C GLY B 1050 -39.30 2.25 47.86
N ILE B 1051 -40.11 2.49 46.80
CA ILE B 1051 -41.01 1.46 46.25
C ILE B 1051 -40.77 1.21 44.75
N ALA B 1052 -40.56 2.26 43.95
CA ALA B 1052 -40.39 2.12 42.50
C ALA B 1052 -39.00 1.58 42.11
N PRO B 1053 -38.85 0.99 40.90
CA PRO B 1053 -37.53 0.52 40.48
C PRO B 1053 -36.74 1.67 39.87
N ASP B 1054 -35.48 1.38 39.53
CA ASP B 1054 -34.56 2.36 38.94
C ASP B 1054 -34.73 2.36 37.42
N VAL B 1055 -35.03 3.54 36.79
CA VAL B 1055 -35.25 3.62 35.34
C VAL B 1055 -34.81 4.99 34.77
N ALA B 1056 -34.39 5.01 33.50
CA ALA B 1056 -33.97 6.22 32.81
C ALA B 1056 -34.41 6.21 31.36
N ASP B 1057 -34.50 7.41 30.75
CA ASP B 1057 -34.83 7.61 29.34
C ASP B 1057 -33.79 8.55 28.76
N VAL B 1058 -33.65 8.55 27.42
CA VAL B 1058 -32.63 9.33 26.72
C VAL B 1058 -33.21 10.02 25.48
N ILE B 1059 -32.66 11.18 25.12
CA ILE B 1059 -33.01 11.92 23.91
C ILE B 1059 -31.74 12.15 23.13
N LEU B 1060 -31.86 12.05 21.80
CA LEU B 1060 -30.74 12.21 20.88
C LEU B 1060 -30.77 13.61 20.31
N PHE B 1061 -29.62 14.29 20.32
CA PHE B 1061 -29.43 15.62 19.72
C PHE B 1061 -28.17 15.51 18.83
N PRO B 1062 -28.22 15.75 17.50
CA PRO B 1062 -29.34 16.14 16.67
C PRO B 1062 -29.98 14.92 16.07
N ASN B 1063 -31.01 15.10 15.28
CA ASN B 1063 -31.65 14.00 14.58
C ASN B 1063 -32.32 14.60 13.33
N PRO B 1064 -31.88 14.23 12.11
CA PRO B 1064 -30.90 13.21 11.76
C PRO B 1064 -29.49 13.51 12.25
N VAL B 1065 -28.65 12.46 12.26
CA VAL B 1065 -27.26 12.53 12.68
C VAL B 1065 -26.36 12.66 11.45
N ARG B 1066 -25.45 13.64 11.47
CA ARG B 1066 -24.55 13.88 10.36
C ARG B 1066 -23.21 13.22 10.70
N GLU B 1067 -22.39 13.85 11.59
CA GLU B 1067 -21.07 13.33 11.93
C GLU B 1067 -21.04 12.69 13.31
N SER B 1068 -21.51 13.39 14.34
CA SER B 1068 -21.54 12.86 15.71
C SER B 1068 -22.96 12.92 16.30
N ALA B 1069 -23.20 12.10 17.35
CA ALA B 1069 -24.47 12.03 18.08
C ALA B 1069 -24.26 12.26 19.58
N THR B 1070 -25.15 13.02 20.22
CA THR B 1070 -25.09 13.25 21.66
C THR B 1070 -26.35 12.69 22.29
N PHE B 1071 -26.21 11.98 23.41
CA PHE B 1071 -27.31 11.35 24.10
C PHE B 1071 -27.43 11.94 25.47
N ARG B 1072 -28.56 12.60 25.80
CA ARG B 1072 -28.78 13.20 27.12
C ARG B 1072 -29.70 12.29 27.92
N ILE B 1073 -29.23 11.74 29.04
CA ILE B 1073 -29.99 10.78 29.84
C ILE B 1073 -30.58 11.44 31.10
N PHE B 1074 -31.87 11.17 31.36
CA PHE B 1074 -32.62 11.64 32.53
C PHE B 1074 -33.01 10.41 33.35
N HIS B 1075 -32.76 10.45 34.67
CA HIS B 1075 -32.94 9.33 35.60
C HIS B 1075 -34.04 9.58 36.66
N ASN B 1076 -34.35 8.54 37.44
CA ASN B 1076 -35.31 8.58 38.54
C ASN B 1076 -34.62 8.57 39.91
N ARG B 1077 -33.41 8.00 40.05
CA ARG B 1077 -32.70 7.90 41.32
C ARG B 1077 -31.43 8.81 41.33
N PRO B 1078 -31.57 10.15 41.42
CA PRO B 1078 -30.38 11.02 41.44
C PRO B 1078 -29.43 10.71 42.59
N GLY B 1079 -28.18 11.12 42.44
CA GLY B 1079 -27.15 10.91 43.46
C GLY B 1079 -26.63 9.49 43.50
N SER B 1080 -27.51 8.51 43.85
CA SER B 1080 -27.18 7.07 43.96
C SER B 1080 -26.33 6.57 42.79
N ASP B 1081 -25.42 5.61 43.07
CA ASP B 1081 -24.50 5.06 42.05
C ASP B 1081 -25.14 3.90 41.27
N LEU B 1082 -25.60 4.16 40.02
CA LEU B 1082 -26.19 3.12 39.17
C LEU B 1082 -25.62 3.18 37.74
N ASN B 1083 -25.76 2.06 37.05
CA ASN B 1083 -25.23 1.72 35.74
C ASN B 1083 -26.25 1.90 34.64
N VAL B 1084 -26.06 2.93 33.80
CA VAL B 1084 -26.93 3.18 32.67
C VAL B 1084 -26.12 2.96 31.42
N VAL B 1085 -26.80 2.57 30.33
CA VAL B 1085 -26.17 2.28 29.05
C VAL B 1085 -27.09 2.72 27.95
N VAL B 1086 -26.55 3.34 26.88
CA VAL B 1086 -27.34 3.70 25.71
C VAL B 1086 -27.07 2.65 24.66
N GLU B 1087 -28.13 1.92 24.23
CA GLU B 1087 -27.99 0.87 23.22
C GLU B 1087 -28.49 1.34 21.84
N ILE B 1088 -27.73 1.08 20.76
CA ILE B 1088 -28.18 1.42 19.42
C ILE B 1088 -28.34 0.14 18.64
N TYR B 1089 -29.44 0.03 17.87
CA TYR B 1089 -29.78 -1.14 17.05
C TYR B 1089 -30.03 -0.77 15.61
N ASP B 1090 -29.92 -1.76 14.73
CA ASP B 1090 -30.21 -1.54 13.30
C ASP B 1090 -31.59 -2.14 12.97
N PHE B 1091 -32.12 -1.88 11.76
CA PHE B 1091 -33.44 -2.38 11.36
C PHE B 1091 -33.55 -3.90 11.46
N THR B 1092 -32.42 -4.66 11.39
CA THR B 1092 -32.48 -6.12 11.55
C THR B 1092 -32.53 -6.55 13.04
N GLY B 1093 -32.44 -5.59 13.94
CA GLY B 1093 -32.52 -5.84 15.37
C GLY B 1093 -31.19 -6.11 16.03
N ARG B 1094 -30.11 -6.19 15.23
CA ARG B 1094 -28.78 -6.47 15.73
C ARG B 1094 -28.25 -5.22 16.44
N LEU B 1095 -27.58 -5.43 17.57
CA LEU B 1095 -27.03 -4.33 18.35
C LEU B 1095 -25.83 -3.75 17.64
N VAL B 1096 -25.86 -2.44 17.37
CA VAL B 1096 -24.75 -1.73 16.74
C VAL B 1096 -23.69 -1.47 17.81
N ASN B 1097 -24.13 -0.97 18.94
CA ASN B 1097 -23.25 -0.67 20.06
C ASN B 1097 -24.02 -0.39 21.33
N SER B 1098 -23.32 -0.43 22.44
CA SER B 1098 -23.85 -0.15 23.77
C SER B 1098 -22.85 0.79 24.47
N LEU B 1099 -23.21 2.07 24.54
CA LEU B 1099 -22.38 3.11 25.14
C LEU B 1099 -22.70 3.16 26.63
N PRO B 1100 -21.79 2.72 27.53
CA PRO B 1100 -22.14 2.69 28.95
C PRO B 1100 -21.77 3.96 29.70
N VAL B 1101 -22.51 4.25 30.79
CA VAL B 1101 -22.25 5.44 31.60
C VAL B 1101 -22.59 5.19 33.08
N LYS B 1102 -21.87 5.88 33.98
CA LYS B 1102 -22.08 5.78 35.43
C LYS B 1102 -22.44 7.15 36.00
N THR B 1103 -23.51 7.19 36.84
CA THR B 1103 -24.04 8.40 37.49
C THR B 1103 -23.27 8.73 38.77
N TYR B 1104 -22.48 9.82 38.75
CA TYR B 1104 -21.65 10.22 39.88
C TYR B 1104 -22.44 11.06 40.90
N SER B 1105 -22.02 10.99 42.18
CA SER B 1105 -22.63 11.68 43.33
C SER B 1105 -22.70 13.21 43.19
N SER B 1106 -21.58 13.85 42.77
CA SER B 1106 -21.47 15.31 42.60
C SER B 1106 -22.59 15.89 41.71
N SER B 1107 -22.86 15.27 40.54
CA SER B 1107 -23.92 15.74 39.63
C SER B 1107 -25.32 15.44 40.22
N TYR B 1108 -25.72 16.20 41.26
CA TYR B 1108 -26.99 15.97 41.95
C TYR B 1108 -28.16 16.58 41.17
N GLY B 1109 -29.01 15.71 40.63
CA GLY B 1109 -30.19 16.12 39.89
C GLY B 1109 -29.94 16.80 38.56
N GLU B 1110 -28.86 16.42 37.83
CA GLU B 1110 -28.60 16.97 36.49
C GLU B 1110 -28.54 15.82 35.49
N PRO B 1111 -29.08 15.99 34.26
CA PRO B 1111 -28.96 14.90 33.28
C PRO B 1111 -27.51 14.72 32.82
N ILE B 1112 -27.21 13.50 32.34
CA ILE B 1112 -25.87 13.12 31.89
C ILE B 1112 -25.85 13.17 30.38
N GLU B 1113 -24.72 13.59 29.78
CA GLU B 1113 -24.57 13.61 28.32
C GLU B 1113 -23.46 12.64 27.90
N ILE B 1114 -23.65 11.98 26.74
CA ILE B 1114 -22.72 11.03 26.11
C ILE B 1114 -22.54 11.48 24.67
N LYS B 1115 -21.30 11.68 24.23
CA LYS B 1115 -21.01 11.99 22.82
C LYS B 1115 -20.72 10.63 22.14
N TRP B 1116 -21.13 10.44 20.86
CA TRP B 1116 -20.87 9.17 20.14
C TRP B 1116 -20.32 9.45 18.75
N ASP B 1117 -19.19 8.80 18.43
CA ASP B 1117 -18.51 8.96 17.14
C ASP B 1117 -19.08 8.07 16.04
N LEU B 1118 -20.25 7.43 16.27
CA LEU B 1118 -20.97 6.58 15.33
C LEU B 1118 -20.19 5.32 14.96
N THR B 1119 -19.26 4.86 15.83
CA THR B 1119 -18.51 3.65 15.53
C THR B 1119 -19.21 2.41 16.10
N SER B 1120 -19.28 1.34 15.32
CA SER B 1120 -19.93 0.10 15.75
C SER B 1120 -19.10 -0.63 16.79
N LYS B 1121 -19.71 -1.66 17.36
CA LYS B 1121 -19.06 -2.56 18.32
C LYS B 1121 -17.81 -3.19 17.71
N TYR B 1122 -17.74 -3.33 16.36
CA TYR B 1122 -16.55 -3.86 15.70
C TYR B 1122 -15.57 -2.73 15.30
N GLY B 1123 -15.78 -1.50 15.78
CA GLY B 1123 -14.89 -0.37 15.52
C GLY B 1123 -14.84 0.09 14.08
N VAL B 1124 -16.00 0.36 13.52
CA VAL B 1124 -16.21 0.77 12.15
C VAL B 1124 -17.29 1.82 12.17
N LYS B 1125 -17.14 2.93 11.42
CA LYS B 1125 -18.20 3.94 11.44
C LYS B 1125 -19.46 3.39 10.77
N ILE B 1126 -20.64 3.60 11.38
CA ILE B 1126 -21.91 3.09 10.86
C ILE B 1126 -22.29 3.84 9.58
N GLY B 1127 -23.08 3.20 8.72
CA GLY B 1127 -23.55 3.80 7.48
C GLY B 1127 -24.85 4.57 7.62
N ASN B 1128 -25.29 5.24 6.56
CA ASN B 1128 -26.57 5.96 6.65
C ASN B 1128 -27.72 5.01 6.86
N GLY B 1129 -28.71 5.42 7.63
CA GLY B 1129 -29.85 4.53 7.81
C GLY B 1129 -30.72 4.83 9.01
N PHE B 1130 -31.75 3.99 9.17
CA PHE B 1130 -32.71 4.05 10.27
C PHE B 1130 -32.19 3.17 11.38
N TYR B 1131 -31.96 3.75 12.57
CA TYR B 1131 -31.52 3.03 13.75
C TYR B 1131 -32.50 3.21 14.88
N LEU B 1132 -32.32 2.44 15.95
CA LEU B 1132 -33.17 2.54 17.12
C LEU B 1132 -32.33 2.65 18.37
N TYR B 1133 -32.46 3.79 19.10
CA TYR B 1133 -31.71 4.05 20.32
C TYR B 1133 -32.66 3.88 21.49
N ARG B 1134 -32.09 3.48 22.62
CA ARG B 1134 -32.79 3.26 23.89
C ARG B 1134 -31.74 3.22 24.97
N CYS B 1135 -32.14 3.26 26.23
CA CYS B 1135 -31.15 3.11 27.30
C CYS B 1135 -31.68 2.15 28.34
N VAL B 1136 -30.77 1.40 28.94
CA VAL B 1136 -31.07 0.38 29.91
C VAL B 1136 -30.34 0.68 31.21
N VAL B 1137 -31.00 0.43 32.35
CA VAL B 1137 -30.44 0.67 33.68
C VAL B 1137 -30.17 -0.69 34.30
N ASN B 1138 -28.90 -1.06 34.39
CA ASN B 1138 -28.50 -2.36 34.93
C ASN B 1138 -28.52 -2.26 36.46
N SER B 1139 -29.70 -2.51 37.05
CA SER B 1139 -29.87 -2.48 38.52
C SER B 1139 -29.44 -3.83 39.10
N PRO B 1140 -29.37 -4.00 40.44
CA PRO B 1140 -28.94 -5.31 40.99
C PRO B 1140 -29.96 -6.41 40.71
N GLY B 1141 -31.21 -6.17 41.06
CA GLY B 1141 -32.30 -7.10 40.86
C GLY B 1141 -33.07 -6.85 39.59
N GLY B 1142 -32.43 -7.11 38.44
CA GLY B 1142 -33.02 -6.96 37.12
C GLY B 1142 -32.45 -5.86 36.24
N GLN B 1143 -33.11 -5.66 35.09
CA GLN B 1143 -32.75 -4.67 34.06
C GLN B 1143 -34.03 -3.92 33.61
N THR B 1144 -34.01 -2.57 33.58
CA THR B 1144 -35.15 -1.79 33.10
C THR B 1144 -34.73 -1.01 31.86
N ALA B 1145 -35.40 -1.24 30.71
CA ALA B 1145 -35.10 -0.54 29.46
C ALA B 1145 -36.08 0.56 29.19
N SER B 1146 -35.68 1.52 28.31
CA SER B 1146 -36.51 2.66 27.88
C SER B 1146 -37.16 2.29 26.55
N MET B 1147 -38.15 3.06 26.09
CA MET B 1147 -38.79 2.78 24.80
C MET B 1147 -37.81 3.13 23.71
N ALA B 1148 -37.80 2.31 22.65
CA ALA B 1148 -36.90 2.54 21.53
C ALA B 1148 -37.31 3.77 20.79
N LYS B 1149 -36.33 4.53 20.32
CA LYS B 1149 -36.55 5.80 19.63
C LYS B 1149 -35.89 5.77 18.27
N LYS B 1150 -36.53 6.37 17.27
CA LYS B 1150 -36.00 6.41 15.91
C LYS B 1150 -34.78 7.39 15.82
N MET B 1151 -33.69 6.92 15.17
CA MET B 1151 -32.47 7.68 14.91
C MET B 1151 -32.13 7.54 13.45
N ILE B 1152 -32.03 8.65 12.69
CA ILE B 1152 -31.70 8.60 11.26
C ILE B 1152 -30.28 9.15 11.04
N VAL B 1153 -29.43 8.38 10.31
CA VAL B 1153 -28.05 8.78 9.97
C VAL B 1153 -28.03 9.15 8.48
N VAL B 1154 -27.38 10.29 8.12
CA VAL B 1154 -27.41 10.82 6.75
C VAL B 1154 -26.05 11.21 6.11
N ALA B 1155 -24.98 11.56 6.87
CA ALA B 1155 -23.71 11.97 6.22
C ALA B 1155 -22.54 10.99 6.43
N GLN B 1156 -22.68 9.73 6.02
CA GLN B 1156 -21.60 8.76 6.23
C GLN B 1156 -21.42 7.84 5.04
CA CA C . 8.60 15.31 25.86
CA CA D . -8.02 -6.72 -60.57
CA CA E . 20.12 -22.36 -5.76
CA CA F . -54.06 23.54 17.44
#